data_3ZVT
#
_entry.id   3ZVT
#
_cell.length_a   103.993
_cell.length_b   92.227
_cell.length_c   107.044
_cell.angle_alpha   90.00
_cell.angle_beta   94.43
_cell.angle_gamma   90.00
#
_symmetry.space_group_name_H-M   'P 1 21 1'
#
loop_
_entity.id
_entity.type
_entity.pdbx_description
1 polymer 'D-ALANYL-D-ALANINE CARBOXYPEPTIDASE'
2 non-polymer '2,6 DIMETHOXYBENZAMIDOBORONIC ACID'
3 non-polymer 'SULFATE ION'
4 non-polymer 'MAGNESIUM ION'
#
_entity_poly.entity_id   1
_entity_poly.type   'polypeptide(L)'
_entity_poly.pdbx_seq_one_letter_code
;RLTELREDIDAILEDPALEGAVSGVVVVDTATGEELYSRDGGEQLLPASNMKLFTAAAALEVLGADHSFGTEVAAESAPG
RRGEVQDLYLVGRGDPTLSAEDLDAMAAEVAASGVRTVRGDLYADDTWFDSERLVDDWWPEDEPYAYSAQISALTVAHGE
RFDTGVTEVSVTPAAEGEPADVDLGAAEGYAELDNRAVTGAAGSANTLVIDRPVGTNTIAVTGSLPADAAPVTALRTVDE
PAALAGHLFEEALESNGVTVKGDVGLGGVPADWQDAEVLADHTSAELSEILVPFMKFSNNGHAEMLVKSIGQETAGAGTW
DAGLVGVEEALSGLGVDTAGLVLNDGSGLSRGNLVTADTVVDLLGQAGSAPWAQTWSASLPVAGESDPFVGGTLANRMRG
TAAEGVVEAKTGTMSGVSALSGYVPGPEGELAFSIVNNGHSGPAPLAVQDAIAVRLAEYAGHQAPE
;
_entity_poly.pdbx_strand_id   A,B,C,D
#
# COMPACT_ATOMS: atom_id res chain seq x y z
N ARG A 1 -9.96 -92.59 16.65
CA ARG A 1 -10.83 -91.42 16.93
C ARG A 1 -10.47 -90.24 16.01
N LEU A 2 -11.00 -90.29 14.80
CA LEU A 2 -10.85 -89.23 13.80
C LEU A 2 -12.23 -88.95 13.21
N THR A 3 -12.98 -90.02 12.99
CA THR A 3 -14.40 -89.94 12.63
C THR A 3 -15.13 -89.28 13.79
N GLU A 4 -14.72 -89.65 15.01
CA GLU A 4 -15.35 -89.19 16.25
C GLU A 4 -15.10 -87.69 16.51
N LEU A 5 -13.97 -87.17 16.02
CA LEU A 5 -13.67 -85.74 16.12
C LEU A 5 -14.59 -84.90 15.23
N ARG A 6 -14.90 -85.44 14.05
CA ARG A 6 -15.82 -84.79 13.11
C ARG A 6 -17.22 -84.64 13.69
N GLU A 7 -17.69 -85.71 14.33
CA GLU A 7 -18.95 -85.67 15.07
C GLU A 7 -18.98 -84.44 15.96
N ASP A 8 -17.89 -84.24 16.70
CA ASP A 8 -17.76 -83.16 17.67
C ASP A 8 -17.83 -81.76 17.06
N ILE A 9 -17.02 -81.51 16.04
CA ILE A 9 -17.03 -80.19 15.39
C ILE A 9 -18.39 -79.92 14.72
N ASP A 10 -18.92 -80.92 14.03
CA ASP A 10 -20.27 -80.85 13.47
C ASP A 10 -21.29 -80.35 14.50
N ALA A 11 -21.20 -80.90 15.72
CA ALA A 11 -22.10 -80.51 16.82
C ALA A 11 -21.82 -79.11 17.34
N ILE A 12 -20.56 -78.79 17.62
CA ILE A 12 -20.18 -77.45 18.10
C ILE A 12 -20.64 -76.38 17.12
N LEU A 13 -20.83 -76.77 15.87
CA LEU A 13 -21.25 -75.82 14.85
C LEU A 13 -22.78 -75.68 14.71
N GLU A 14 -23.51 -76.58 15.37
CA GLU A 14 -24.98 -76.46 15.41
C GLU A 14 -25.43 -75.46 16.49
N ASP A 15 -24.46 -74.79 17.11
CA ASP A 15 -24.69 -73.77 18.15
C ASP A 15 -25.73 -72.70 17.75
N PRO A 16 -26.65 -72.36 18.66
CA PRO A 16 -27.73 -71.41 18.33
C PRO A 16 -27.28 -69.95 18.28
N ALA A 17 -25.98 -69.70 18.49
CA ALA A 17 -25.41 -68.36 18.38
C ALA A 17 -24.92 -68.08 16.95
N LEU A 18 -24.85 -69.13 16.12
CA LEU A 18 -24.48 -69.01 14.71
C LEU A 18 -25.73 -69.02 13.80
N GLU A 19 -26.77 -68.31 14.25
CA GLU A 19 -28.02 -68.16 13.51
C GLU A 19 -27.82 -67.23 12.31
N GLY A 20 -28.14 -67.74 11.13
CA GLY A 20 -28.00 -66.99 9.87
C GLY A 20 -26.57 -66.72 9.43
N ALA A 21 -25.62 -67.39 10.07
CA ALA A 21 -24.19 -67.10 9.93
C ALA A 21 -23.45 -68.11 9.07
N VAL A 22 -22.74 -67.60 8.06
CA VAL A 22 -21.86 -68.44 7.24
C VAL A 22 -20.55 -68.62 7.97
N SER A 23 -20.32 -69.78 8.58
CA SER A 23 -19.04 -70.06 9.22
C SER A 23 -18.18 -70.92 8.31
N GLY A 24 -16.88 -70.61 8.27
CA GLY A 24 -15.93 -71.34 7.42
C GLY A 24 -14.81 -71.90 8.28
N VAL A 25 -14.66 -73.22 8.25
CA VAL A 25 -13.74 -73.91 9.16
C VAL A 25 -12.86 -74.95 8.45
N VAL A 26 -11.54 -74.85 8.62
CA VAL A 26 -10.62 -75.83 8.09
C VAL A 26 -9.61 -76.23 9.17
N VAL A 27 -9.25 -77.50 9.22
CA VAL A 27 -8.22 -77.97 10.15
C VAL A 27 -7.29 -78.90 9.39
N VAL A 28 -6.00 -78.64 9.47
CA VAL A 28 -5.02 -79.42 8.71
C VAL A 28 -3.83 -79.88 9.56
N ASP A 29 -3.53 -81.17 9.50
CA ASP A 29 -2.30 -81.70 10.07
C ASP A 29 -1.17 -81.18 9.19
N THR A 30 -0.08 -80.73 9.81
CA THR A 30 1.06 -80.19 9.07
C THR A 30 1.96 -81.33 8.56
N ALA A 31 2.38 -82.19 9.49
CA ALA A 31 3.35 -83.27 9.20
C ALA A 31 2.92 -84.24 8.10
N THR A 32 1.63 -84.56 8.05
CA THR A 32 1.09 -85.49 7.03
C THR A 32 0.25 -84.80 5.98
N GLY A 33 0.07 -83.48 6.12
CA GLY A 33 -0.72 -82.69 5.18
C GLY A 33 -2.17 -83.12 5.02
N GLU A 34 -2.60 -84.08 5.85
CA GLU A 34 -3.96 -84.61 5.75
C GLU A 34 -4.97 -83.57 6.24
N GLU A 35 -6.06 -83.43 5.50
CA GLU A 35 -7.13 -82.50 5.88
C GLU A 35 -8.04 -83.14 6.92
N LEU A 36 -7.96 -82.62 8.15
CA LEU A 36 -8.73 -83.20 9.25
C LEU A 36 -10.23 -82.90 9.17
N TYR A 37 -10.58 -81.71 8.68
CA TYR A 37 -11.96 -81.25 8.61
C TYR A 37 -12.07 -80.05 7.67
N SER A 38 -13.19 -79.95 6.94
CA SER A 38 -13.42 -78.83 6.00
C SER A 38 -14.90 -78.51 5.82
N ARG A 39 -15.30 -77.30 6.20
CA ARG A 39 -16.67 -76.82 6.05
C ARG A 39 -16.64 -75.42 5.46
N ASP A 40 -17.25 -75.28 4.28
CA ASP A 40 -17.27 -73.99 3.57
C ASP A 40 -15.84 -73.37 3.53
N GLY A 41 -14.85 -74.22 3.21
CA GLY A 41 -13.44 -73.83 3.17
C GLY A 41 -13.06 -72.81 2.10
N GLY A 42 -13.81 -72.80 1.00
CA GLY A 42 -13.56 -71.90 -0.12
C GLY A 42 -14.58 -70.79 -0.23
N GLU A 43 -15.41 -70.63 0.79
CA GLU A 43 -16.33 -69.48 0.88
C GLU A 43 -15.56 -68.18 1.16
N GLN A 44 -16.04 -67.07 0.59
CA GLN A 44 -15.33 -65.79 0.67
C GLN A 44 -15.90 -64.91 1.79
N LEU A 45 -15.05 -64.58 2.77
CA LEU A 45 -15.51 -63.93 4.00
C LEU A 45 -14.64 -62.74 4.42
N LEU A 46 -15.19 -61.87 5.28
CA LEU A 46 -14.44 -60.76 5.89
C LEU A 46 -13.65 -61.29 7.07
N PRO A 47 -12.33 -61.00 7.10
CA PRO A 47 -11.45 -61.69 8.04
C PRO A 47 -11.09 -60.90 9.29
N ALA A 48 -11.69 -59.73 9.47
CA ALA A 48 -11.28 -58.81 10.53
C ALA A 48 -9.74 -58.80 10.74
N SER A 49 -9.31 -58.85 12.00
CA SER A 49 -7.90 -58.75 12.32
C SER A 49 -7.06 -59.93 11.82
N ASN A 50 -7.71 -61.00 11.35
CA ASN A 50 -6.99 -62.14 10.75
C ASN A 50 -6.20 -61.78 9.49
N MET A 51 -6.57 -60.69 8.82
CA MET A 51 -5.85 -60.18 7.66
C MET A 51 -4.35 -59.98 7.97
N LYS A 52 -4.08 -59.55 9.21
CA LYS A 52 -2.71 -59.35 9.72
C LYS A 52 -1.83 -60.60 9.59
N LEU A 53 -2.45 -61.78 9.58
CA LEU A 53 -1.74 -63.02 9.25
C LEU A 53 -1.02 -62.89 7.91
N PHE A 54 -1.73 -62.43 6.89
CA PHE A 54 -1.13 -62.21 5.57
C PHE A 54 -0.12 -61.05 5.62
N THR A 55 -0.51 -59.93 6.23
CA THR A 55 0.36 -58.76 6.28
C THR A 55 1.71 -59.13 6.91
N ALA A 56 1.67 -59.58 8.15
CA ALA A 56 2.86 -60.03 8.87
C ALA A 56 3.69 -61.05 8.09
N ALA A 57 3.02 -61.89 7.32
CA ALA A 57 3.71 -62.87 6.46
C ALA A 57 4.50 -62.17 5.36
N ALA A 58 3.88 -61.23 4.66
CA ALA A 58 4.55 -60.49 3.58
C ALA A 58 5.58 -59.50 4.10
N ALA A 59 5.38 -59.06 5.33
CA ALA A 59 6.29 -58.09 5.94
C ALA A 59 7.63 -58.75 6.22
N LEU A 60 7.60 -59.98 6.69
CA LEU A 60 8.83 -60.75 6.91
C LEU A 60 9.55 -61.11 5.61
N GLU A 61 8.78 -61.20 4.52
CA GLU A 61 9.28 -61.53 3.18
C GLU A 61 10.00 -60.37 2.52
N VAL A 62 9.23 -59.34 2.23
CA VAL A 62 9.69 -58.13 1.58
C VAL A 62 10.75 -57.36 2.41
N LEU A 63 10.55 -57.26 3.73
CA LEU A 63 11.45 -56.51 4.61
C LEU A 63 12.50 -57.34 5.36
N GLY A 64 12.17 -58.60 5.65
CA GLY A 64 13.09 -59.49 6.37
C GLY A 64 12.88 -59.44 7.88
N ALA A 65 13.43 -60.43 8.59
CA ALA A 65 13.37 -60.47 10.04
C ALA A 65 14.27 -59.39 10.66
N ASP A 66 15.29 -59.01 9.90
CA ASP A 66 16.37 -58.14 10.37
C ASP A 66 16.16 -56.66 10.08
N HIS A 67 14.98 -56.30 9.57
CA HIS A 67 14.74 -54.93 9.11
C HIS A 67 14.43 -53.97 10.25
N SER A 68 15.08 -52.82 10.21
CA SER A 68 14.81 -51.78 11.19
C SER A 68 14.32 -50.55 10.45
N PHE A 69 13.62 -49.68 11.17
CA PHE A 69 13.08 -48.43 10.62
C PHE A 69 13.83 -47.22 11.18
N GLY A 70 14.31 -46.35 10.28
CA GLY A 70 15.14 -45.23 10.68
C GLY A 70 14.36 -43.94 10.92
N THR A 71 14.92 -43.07 11.75
CA THR A 71 14.37 -41.72 11.97
C THR A 71 15.54 -40.74 12.14
N GLU A 72 15.53 -39.62 11.42
CA GLU A 72 16.66 -38.69 11.43
C GLU A 72 16.27 -37.22 11.47
N VAL A 73 17.23 -36.37 11.80
CA VAL A 73 17.02 -34.93 11.93
C VAL A 73 17.98 -34.20 10.98
N ALA A 74 17.48 -33.27 10.17
CA ALA A 74 18.29 -32.65 9.11
C ALA A 74 18.24 -31.11 9.02
N ALA A 75 19.41 -30.47 9.00
CA ALA A 75 19.52 -29.05 8.63
C ALA A 75 20.18 -28.94 7.25
N GLU A 76 20.33 -27.72 6.74
CA GLU A 76 20.95 -27.51 5.42
C GLU A 76 22.48 -27.72 5.44
N SER A 77 23.13 -27.09 6.42
CA SER A 77 24.55 -27.25 6.68
C SER A 77 24.78 -27.39 8.19
N ALA A 78 26.00 -27.72 8.58
CA ALA A 78 26.40 -27.88 9.99
C ALA A 78 26.06 -26.67 10.87
N PRO A 79 26.10 -26.85 12.20
CA PRO A 79 25.67 -25.75 13.04
C PRO A 79 26.73 -24.67 13.16
N GLY A 80 26.30 -23.40 13.11
CA GLY A 80 27.22 -22.27 13.21
C GLY A 80 28.09 -22.32 14.45
N ARG A 81 29.29 -21.75 14.36
CA ARG A 81 30.15 -21.63 15.53
C ARG A 81 29.44 -20.79 16.59
N ARG A 82 28.62 -19.83 16.13
CA ARG A 82 27.70 -19.06 16.98
C ARG A 82 26.71 -20.00 17.67
N GLY A 83 26.29 -21.04 16.93
CA GLY A 83 25.28 -21.98 17.40
C GLY A 83 24.17 -22.13 16.38
N GLU A 84 23.88 -21.03 15.66
CA GLU A 84 22.74 -20.89 14.75
C GLU A 84 22.61 -21.97 13.67
N VAL A 85 21.40 -22.49 13.51
CA VAL A 85 20.98 -23.19 12.26
C VAL A 85 19.65 -22.66 11.74
N GLN A 86 19.41 -22.90 10.47
CA GLN A 86 18.19 -22.42 9.81
C GLN A 86 16.98 -23.35 10.08
N ASP A 87 16.23 -23.67 9.02
CA ASP A 87 15.13 -24.59 9.11
C ASP A 87 15.70 -25.97 9.39
N LEU A 88 14.99 -26.73 10.21
CA LEU A 88 15.40 -28.06 10.60
C LEU A 88 14.27 -29.07 10.34
N TYR A 89 14.65 -30.31 10.04
CA TYR A 89 13.69 -31.31 9.64
C TYR A 89 13.79 -32.59 10.46
N LEU A 90 12.70 -32.89 11.18
CA LEU A 90 12.48 -34.22 11.79
C LEU A 90 11.88 -35.10 10.70
N VAL A 91 12.67 -36.06 10.21
CA VAL A 91 12.25 -36.89 9.08
C VAL A 91 12.12 -38.37 9.47
N GLY A 92 10.89 -38.87 9.42
CA GLY A 92 10.63 -40.27 9.72
C GLY A 92 10.57 -41.13 8.47
N ARG A 93 10.84 -42.43 8.66
CA ARG A 93 10.74 -43.42 7.60
C ARG A 93 10.01 -44.66 8.07
N GLY A 94 8.81 -44.45 8.64
CA GLY A 94 7.89 -45.54 8.92
C GLY A 94 8.24 -46.41 10.11
N ASP A 95 8.82 -45.81 11.14
CA ASP A 95 9.05 -46.47 12.43
C ASP A 95 7.72 -46.56 13.19
N PRO A 96 7.20 -47.79 13.40
CA PRO A 96 5.93 -47.95 14.10
C PRO A 96 6.09 -48.03 15.63
N THR A 97 7.31 -47.77 16.11
CA THR A 97 7.71 -48.01 17.51
C THR A 97 8.52 -46.85 18.06
N LEU A 98 8.43 -45.71 17.33
CA LEU A 98 9.03 -44.45 17.74
C LEU A 98 8.37 -43.90 19.02
N SER A 99 9.15 -43.66 20.06
CA SER A 99 8.62 -43.21 21.35
C SER A 99 8.91 -41.73 21.71
N ALA A 100 8.57 -41.34 22.94
CA ALA A 100 8.78 -39.99 23.43
C ALA A 100 10.21 -39.84 23.94
N GLU A 101 10.72 -40.90 24.56
CA GLU A 101 12.10 -40.87 25.02
C GLU A 101 13.01 -40.99 23.81
N ASP A 102 12.56 -41.72 22.78
CA ASP A 102 13.27 -41.80 21.49
C ASP A 102 13.42 -40.43 20.84
N LEU A 103 12.34 -39.64 20.84
CA LEU A 103 12.38 -38.27 20.36
C LEU A 103 13.34 -37.46 21.20
N ASP A 104 13.23 -37.57 22.51
CA ASP A 104 14.09 -36.82 23.43
C ASP A 104 15.58 -37.15 23.25
N ALA A 105 15.89 -38.43 23.10
CA ALA A 105 17.27 -38.85 22.88
C ALA A 105 17.78 -38.45 21.49
N MET A 106 16.89 -37.95 20.64
CA MET A 106 17.27 -37.37 19.35
C MET A 106 17.55 -35.89 19.54
N ALA A 107 16.72 -35.27 20.38
CA ALA A 107 16.86 -33.87 20.79
C ALA A 107 18.16 -33.62 21.56
N ALA A 108 18.64 -34.66 22.25
CA ALA A 108 19.93 -34.62 22.90
C ALA A 108 21.00 -34.40 21.84
N GLU A 109 20.96 -35.23 20.79
CA GLU A 109 22.01 -35.25 19.77
C GLU A 109 22.12 -33.95 18.98
N VAL A 110 20.98 -33.26 18.81
CA VAL A 110 20.97 -31.97 18.14
C VAL A 110 21.69 -30.92 19.01
N ALA A 111 21.38 -30.90 20.31
CA ALA A 111 22.09 -30.05 21.28
C ALA A 111 23.54 -30.48 21.33
N ALA A 112 23.77 -31.78 21.51
CA ALA A 112 25.12 -32.35 21.63
C ALA A 112 25.90 -32.37 20.31
N SER A 113 25.48 -31.56 19.34
CA SER A 113 26.25 -31.41 18.11
C SER A 113 26.45 -29.94 17.73
N GLY A 114 26.20 -29.04 18.66
CA GLY A 114 26.54 -27.62 18.46
C GLY A 114 25.37 -26.70 18.16
N VAL A 115 24.17 -27.26 18.07
CA VAL A 115 22.98 -26.44 17.90
C VAL A 115 22.52 -25.91 19.26
N ARG A 116 22.30 -24.61 19.29
CA ARG A 116 21.84 -23.92 20.48
C ARG A 116 20.60 -23.14 20.06
N THR A 117 20.44 -22.93 18.76
CA THR A 117 19.37 -22.10 18.20
C THR A 117 18.95 -22.55 16.81
N VAL A 118 17.65 -22.71 16.62
CA VAL A 118 17.05 -22.79 15.30
C VAL A 118 16.47 -21.38 15.09
N ARG A 119 16.98 -20.63 14.11
CA ARG A 119 16.41 -19.31 13.82
C ARG A 119 15.25 -19.46 12.83
N GLY A 120 15.19 -20.61 12.16
CA GLY A 120 14.13 -20.88 11.19
C GLY A 120 12.98 -21.70 11.72
N ASP A 121 12.24 -22.33 10.81
CA ASP A 121 11.06 -23.10 11.17
C ASP A 121 11.42 -24.56 11.30
N LEU A 122 10.69 -25.27 12.18
CA LEU A 122 10.84 -26.73 12.36
C LEU A 122 9.82 -27.55 11.55
N TYR A 123 10.32 -28.43 10.70
CA TYR A 123 9.46 -29.16 9.79
C TYR A 123 9.43 -30.65 10.11
N ALA A 124 8.26 -31.26 9.93
CA ALA A 124 8.08 -32.70 10.03
C ALA A 124 7.93 -33.34 8.65
N ASP A 125 8.84 -34.26 8.31
CA ASP A 125 8.89 -34.87 6.98
C ASP A 125 8.44 -36.33 6.93
N ASP A 126 7.13 -36.58 6.95
CA ASP A 126 6.56 -37.96 6.80
C ASP A 126 6.29 -38.36 5.34
N THR A 127 7.19 -37.93 4.45
CA THR A 127 6.95 -38.05 3.01
C THR A 127 7.42 -39.38 2.46
N TRP A 128 8.02 -40.18 3.33
CA TRP A 128 8.37 -41.56 3.01
C TRP A 128 7.09 -42.29 2.56
N PHE A 129 6.00 -42.06 3.29
CA PHE A 129 4.67 -42.50 2.88
C PHE A 129 3.91 -41.33 2.27
N ASP A 130 2.91 -41.65 1.44
CA ASP A 130 1.98 -40.64 0.95
C ASP A 130 1.15 -40.17 2.12
N SER A 131 0.33 -39.15 1.92
CA SER A 131 -0.39 -38.57 3.05
C SER A 131 -1.82 -39.05 3.15
N GLU A 132 -2.13 -40.19 2.51
CA GLU A 132 -3.46 -40.76 2.58
C GLU A 132 -3.53 -41.50 3.90
N ARG A 133 -4.27 -40.93 4.85
CA ARG A 133 -4.24 -41.34 6.27
C ARG A 133 -5.15 -42.52 6.64
N LEU A 134 -6.34 -42.57 6.04
CA LEU A 134 -7.34 -43.58 6.36
C LEU A 134 -7.73 -44.25 5.06
N VAL A 135 -8.06 -45.55 5.09
CA VAL A 135 -8.49 -46.32 3.92
C VAL A 135 -9.88 -45.87 3.48
N ASP A 136 -10.15 -45.98 2.17
CA ASP A 136 -11.43 -45.53 1.61
C ASP A 136 -12.66 -45.80 2.50
N ASP A 137 -12.83 -47.05 2.92
CA ASP A 137 -14.07 -47.51 3.58
C ASP A 137 -14.03 -47.72 5.12
N TRP A 138 -13.11 -47.03 5.81
CA TRP A 138 -13.08 -47.01 7.26
C TRP A 138 -14.20 -46.07 7.69
N TRP A 139 -14.85 -46.35 8.82
CA TRP A 139 -16.01 -45.55 9.19
C TRP A 139 -15.57 -44.28 9.92
N PRO A 140 -16.02 -43.11 9.43
CA PRO A 140 -15.69 -41.83 10.07
C PRO A 140 -15.97 -41.75 11.59
N GLU A 141 -16.97 -42.47 12.08
CA GLU A 141 -17.28 -42.45 13.51
C GLU A 141 -16.34 -43.30 14.39
N ASP A 142 -15.47 -44.08 13.73
CA ASP A 142 -14.46 -44.89 14.40
C ASP A 142 -13.18 -44.11 14.57
N GLU A 143 -13.00 -43.11 13.71
CA GLU A 143 -11.77 -42.34 13.68
C GLU A 143 -11.20 -41.94 15.05
N PRO A 144 -12.06 -41.55 16.02
CA PRO A 144 -11.50 -41.14 17.32
C PRO A 144 -10.72 -42.22 18.10
N TYR A 145 -10.82 -43.48 17.69
CA TYR A 145 -10.32 -44.57 18.53
C TYR A 145 -9.00 -45.19 18.02
N ALA A 146 -8.21 -45.74 18.93
CA ALA A 146 -6.83 -46.19 18.65
C ALA A 146 -6.68 -47.06 17.40
N TYR A 147 -7.58 -48.05 17.28
CA TYR A 147 -7.54 -49.02 16.18
C TYR A 147 -7.73 -48.35 14.82
N SER A 148 -8.06 -47.07 14.87
CA SER A 148 -8.36 -46.27 13.69
C SER A 148 -7.49 -45.01 13.59
N ALA A 149 -6.27 -45.08 14.15
CA ALA A 149 -5.35 -43.93 14.13
C ALA A 149 -4.77 -43.68 12.73
N GLN A 150 -4.59 -42.40 12.41
CA GLN A 150 -4.16 -41.95 11.09
C GLN A 150 -2.79 -42.51 10.74
N ILE A 151 -2.55 -42.69 9.44
CA ILE A 151 -1.31 -43.34 9.00
C ILE A 151 -0.27 -42.34 8.47
N SER A 152 0.86 -42.28 9.14
CA SER A 152 1.95 -41.41 8.72
C SER A 152 3.23 -42.24 8.68
N ALA A 153 4.24 -41.72 8.00
CA ALA A 153 5.56 -42.34 8.02
C ALA A 153 6.23 -42.05 9.34
N LEU A 154 5.94 -40.88 9.90
CA LEU A 154 6.53 -40.40 11.14
C LEU A 154 5.42 -40.24 12.18
N THR A 155 5.23 -41.29 12.99
CA THR A 155 4.17 -41.36 14.01
C THR A 155 4.73 -41.72 15.39
N VAL A 156 4.42 -40.92 16.40
CA VAL A 156 4.85 -41.22 17.77
C VAL A 156 3.96 -42.27 18.42
N ALA A 157 4.52 -43.48 18.55
CA ALA A 157 3.85 -44.57 19.28
C ALA A 157 3.79 -44.25 20.78
N HIS A 158 2.68 -44.64 21.42
CA HIS A 158 2.54 -44.51 22.89
C HIS A 158 2.65 -45.85 23.61
N GLY A 159 3.49 -45.88 24.63
CA GLY A 159 3.56 -47.00 25.56
C GLY A 159 4.35 -48.23 25.18
N GLU A 160 4.50 -49.11 26.17
CA GLU A 160 4.95 -50.50 26.05
C GLU A 160 4.32 -51.21 24.87
N ARG A 161 3.09 -50.81 24.55
CA ARG A 161 2.25 -51.43 23.53
C ARG A 161 2.38 -50.76 22.15
N PHE A 162 3.12 -49.66 22.09
CA PHE A 162 3.39 -48.93 20.85
C PHE A 162 2.14 -48.66 20.03
N ASP A 163 1.13 -48.08 20.67
CA ASP A 163 -0.08 -47.62 19.99
C ASP A 163 0.23 -46.30 19.31
N THR A 164 0.18 -46.30 17.97
CA THR A 164 0.59 -45.16 17.12
C THR A 164 -0.45 -44.05 16.95
N GLY A 165 0.01 -42.91 16.47
CA GLY A 165 -0.83 -41.74 16.18
C GLY A 165 -1.86 -41.31 17.22
N VAL A 166 -1.62 -41.63 18.50
CA VAL A 166 -2.60 -41.41 19.58
C VAL A 166 -2.14 -40.54 20.76
N THR A 167 -3.08 -40.23 21.62
CA THR A 167 -2.84 -39.46 22.84
C THR A 167 -3.63 -40.09 24.01
N GLU A 168 -2.99 -40.16 25.19
CA GLU A 168 -3.68 -40.59 26.40
C GLU A 168 -4.37 -39.39 27.04
N VAL A 169 -5.68 -39.52 27.26
CA VAL A 169 -6.46 -38.45 27.84
C VAL A 169 -6.94 -38.87 29.24
N SER A 170 -6.51 -38.13 30.25
CA SER A 170 -6.94 -38.38 31.63
C SER A 170 -8.02 -37.38 32.04
N VAL A 171 -9.14 -37.89 32.54
CA VAL A 171 -10.16 -37.06 33.14
C VAL A 171 -10.31 -37.45 34.63
N THR A 172 -10.02 -36.49 35.51
CA THR A 172 -10.07 -36.66 36.96
C THR A 172 -11.25 -35.85 37.50
N PRO A 173 -11.95 -36.36 38.53
CA PRO A 173 -13.00 -35.48 39.04
C PRO A 173 -12.42 -34.44 39.98
N ALA A 174 -13.16 -33.37 40.20
CA ALA A 174 -12.86 -32.38 41.23
C ALA A 174 -13.88 -32.57 42.37
N ALA A 175 -14.39 -31.48 42.94
CA ALA A 175 -15.56 -31.55 43.81
C ALA A 175 -16.82 -31.34 42.96
N GLU A 176 -17.98 -31.78 43.47
CA GLU A 176 -19.21 -31.73 42.69
C GLU A 176 -19.66 -30.31 42.42
N GLY A 177 -19.91 -30.02 41.14
CA GLY A 177 -20.23 -28.66 40.72
C GLY A 177 -19.11 -28.07 39.88
N GLU A 178 -17.87 -28.26 40.34
CA GLU A 178 -16.68 -27.86 39.58
C GLU A 178 -16.59 -28.72 38.33
N PRO A 179 -16.12 -28.14 37.20
CA PRO A 179 -15.78 -28.98 36.05
C PRO A 179 -14.58 -29.89 36.29
N ALA A 180 -14.61 -31.05 35.64
CA ALA A 180 -13.54 -32.02 35.74
C ALA A 180 -12.22 -31.48 35.19
N ASP A 181 -11.11 -32.01 35.69
CA ASP A 181 -9.78 -31.78 35.12
C ASP A 181 -9.62 -32.67 33.89
N VAL A 182 -8.97 -32.16 32.84
CA VAL A 182 -8.73 -32.94 31.62
C VAL A 182 -7.27 -32.81 31.13
N ASP A 183 -6.51 -33.90 31.25
CA ASP A 183 -5.14 -33.99 30.71
C ASP A 183 -5.19 -34.48 29.29
N LEU A 184 -4.56 -33.75 28.39
CA LEU A 184 -4.51 -34.16 26.99
C LEU A 184 -3.30 -35.03 26.63
N GLY A 185 -2.50 -35.42 27.62
CA GLY A 185 -1.29 -36.20 27.36
C GLY A 185 -0.32 -35.50 26.41
N ALA A 186 0.29 -36.28 25.53
CA ALA A 186 1.25 -35.77 24.54
C ALA A 186 0.71 -34.55 23.77
N ALA A 187 -0.54 -34.64 23.33
CA ALA A 187 -1.18 -33.63 22.49
C ALA A 187 -1.58 -32.33 23.23
N GLU A 188 -1.00 -32.12 24.40
CA GLU A 188 -1.20 -30.90 25.16
C GLU A 188 -0.67 -29.69 24.42
N GLY A 189 -1.56 -28.78 24.04
CA GLY A 189 -1.17 -27.59 23.29
C GLY A 189 -0.90 -27.88 21.82
N TYR A 190 -1.07 -29.14 21.42
CA TYR A 190 -1.22 -29.50 20.02
C TYR A 190 -2.70 -29.58 19.70
N ALA A 191 -3.40 -30.55 20.31
CA ALA A 191 -4.83 -30.73 20.07
C ALA A 191 -5.71 -29.71 20.80
N GLU A 192 -6.69 -29.15 20.09
CA GLU A 192 -7.70 -28.28 20.68
C GLU A 192 -8.47 -28.92 21.82
N LEU A 193 -9.07 -28.08 22.66
CA LEU A 193 -9.85 -28.60 23.78
C LEU A 193 -11.19 -27.93 23.95
N ASP A 194 -12.23 -28.76 24.04
CA ASP A 194 -13.53 -28.34 24.52
C ASP A 194 -13.95 -29.21 25.70
N ASN A 195 -13.93 -28.63 26.90
CA ASN A 195 -14.24 -29.36 28.12
C ASN A 195 -15.52 -28.89 28.78
N ARG A 196 -16.61 -29.56 28.44
CA ARG A 196 -17.93 -29.25 28.97
C ARG A 196 -18.33 -30.21 30.09
N ALA A 197 -17.40 -31.11 30.45
CA ALA A 197 -17.60 -32.10 31.51
C ALA A 197 -17.65 -31.48 32.90
N VAL A 198 -18.32 -32.18 33.82
CA VAL A 198 -18.61 -31.69 35.18
C VAL A 198 -18.48 -32.82 36.23
N THR A 199 -18.12 -32.46 37.46
CA THR A 199 -18.10 -33.42 38.55
C THR A 199 -19.50 -33.52 39.13
N GLY A 200 -20.06 -34.72 39.06
CA GLY A 200 -21.37 -34.98 39.65
C GLY A 200 -21.17 -35.31 41.10
N ALA A 201 -22.27 -35.48 41.83
CA ALA A 201 -22.21 -35.83 43.25
C ALA A 201 -21.54 -37.19 43.48
N ALA A 202 -21.16 -37.45 44.73
CA ALA A 202 -20.54 -38.71 45.13
C ALA A 202 -21.46 -39.91 44.93
N GLY A 203 -20.98 -40.90 44.19
CA GLY A 203 -21.74 -42.12 43.89
C GLY A 203 -22.94 -41.94 42.98
N SER A 204 -22.84 -41.00 42.04
CA SER A 204 -23.94 -40.69 41.16
C SER A 204 -23.63 -41.14 39.72
N ALA A 205 -24.48 -40.68 38.80
CA ALA A 205 -24.45 -41.05 37.37
C ALA A 205 -23.13 -40.79 36.64
N ASN A 206 -22.30 -41.83 36.47
CA ASN A 206 -21.11 -41.70 35.59
C ASN A 206 -21.49 -41.79 34.10
N THR A 207 -21.52 -40.63 33.45
CA THR A 207 -21.97 -40.54 32.07
C THR A 207 -20.96 -39.77 31.26
N LEU A 208 -19.69 -40.15 31.43
CA LEU A 208 -18.61 -39.43 30.79
C LEU A 208 -18.35 -39.96 29.38
N VAL A 209 -18.26 -39.02 28.45
CA VAL A 209 -17.97 -39.26 27.05
C VAL A 209 -16.71 -38.48 26.61
N ILE A 210 -15.83 -39.19 25.89
CA ILE A 210 -14.66 -38.58 25.25
C ILE A 210 -14.73 -38.90 23.77
N ASP A 211 -14.52 -37.87 22.94
CA ASP A 211 -14.72 -37.97 21.50
C ASP A 211 -13.97 -36.83 20.82
N ARG A 212 -13.47 -37.11 19.62
CA ARG A 212 -12.87 -36.09 18.76
C ARG A 212 -13.80 -35.91 17.58
N PRO A 213 -14.58 -34.83 17.59
CA PRO A 213 -15.57 -34.58 16.53
C PRO A 213 -14.94 -34.71 15.15
N VAL A 214 -15.54 -35.59 14.32
CA VAL A 214 -15.08 -35.89 12.95
C VAL A 214 -14.61 -34.64 12.19
N GLY A 215 -13.41 -34.69 11.61
CA GLY A 215 -12.91 -33.56 10.83
C GLY A 215 -12.52 -32.32 11.62
N THR A 216 -12.34 -32.47 12.93
CA THR A 216 -11.65 -31.45 13.72
C THR A 216 -10.51 -32.10 14.48
N ASN A 217 -9.65 -31.28 15.05
CA ASN A 217 -8.60 -31.77 15.96
C ASN A 217 -8.87 -31.35 17.42
N THR A 218 -10.15 -31.22 17.76
CA THR A 218 -10.59 -30.91 19.12
C THR A 218 -10.91 -32.18 19.90
N ILE A 219 -10.36 -32.33 21.10
CA ILE A 219 -10.81 -33.39 22.01
C ILE A 219 -11.99 -32.85 22.81
N ALA A 220 -13.16 -33.47 22.68
CA ALA A 220 -14.37 -32.89 23.26
C ALA A 220 -14.92 -33.78 24.37
N VAL A 221 -15.02 -33.21 25.57
CA VAL A 221 -15.43 -34.00 26.71
C VAL A 221 -16.75 -33.51 27.32
N THR A 222 -17.67 -34.46 27.46
CA THR A 222 -19.03 -34.19 27.93
C THR A 222 -19.52 -35.16 29.00
N GLY A 223 -20.49 -34.74 29.78
CA GLY A 223 -21.12 -35.59 30.79
C GLY A 223 -20.62 -35.34 32.19
N SER A 224 -21.06 -36.17 33.14
CA SER A 224 -20.68 -36.00 34.54
C SER A 224 -19.82 -37.15 35.02
N LEU A 225 -18.75 -36.79 35.74
CA LEU A 225 -17.90 -37.76 36.45
C LEU A 225 -18.01 -37.57 37.96
N PRO A 226 -18.50 -38.61 38.68
CA PRO A 226 -18.80 -38.47 40.10
C PRO A 226 -17.55 -38.15 40.91
N ALA A 227 -17.72 -37.44 42.02
CA ALA A 227 -16.58 -36.92 42.79
C ALA A 227 -15.71 -38.01 43.39
N ASP A 228 -16.29 -39.14 43.74
CA ASP A 228 -15.54 -40.26 44.31
C ASP A 228 -15.03 -41.22 43.25
N ALA A 229 -15.30 -40.91 41.99
CA ALA A 229 -14.92 -41.78 40.91
C ALA A 229 -13.41 -41.83 40.73
N ALA A 230 -12.91 -43.04 40.52
CA ALA A 230 -11.53 -43.25 40.15
C ALA A 230 -11.31 -42.62 38.76
N PRO A 231 -10.35 -41.67 38.68
CA PRO A 231 -9.87 -41.01 37.44
C PRO A 231 -9.93 -41.87 36.16
N VAL A 232 -10.38 -41.25 35.08
CA VAL A 232 -10.61 -41.94 33.81
C VAL A 232 -9.45 -41.68 32.83
N THR A 233 -8.88 -42.75 32.27
CA THR A 233 -7.88 -42.60 31.19
C THR A 233 -8.26 -43.29 29.89
N ALA A 234 -8.06 -42.56 28.79
CA ALA A 234 -8.55 -42.98 27.49
C ALA A 234 -7.57 -42.60 26.39
N LEU A 235 -7.29 -43.57 25.52
CA LEU A 235 -6.50 -43.36 24.29
C LEU A 235 -7.39 -42.80 23.20
N ARG A 236 -7.00 -41.65 22.66
CA ARG A 236 -7.70 -41.07 21.51
C ARG A 236 -6.73 -40.80 20.39
N THR A 237 -7.22 -40.80 19.15
CA THR A 237 -6.39 -40.51 18.00
C THR A 237 -6.41 -39.03 17.69
N VAL A 238 -5.27 -38.49 17.30
CA VAL A 238 -5.17 -37.09 16.89
C VAL A 238 -4.99 -36.95 15.36
N ASP A 239 -5.22 -35.72 14.89
CA ASP A 239 -5.15 -35.38 13.46
C ASP A 239 -3.71 -35.11 13.13
N GLU A 240 -3.28 -35.58 11.96
CA GLU A 240 -1.91 -35.43 11.49
C GLU A 240 -0.86 -35.84 12.55
N PRO A 241 -0.68 -37.16 12.74
CA PRO A 241 0.27 -37.69 13.69
C PRO A 241 1.61 -36.97 13.60
N ALA A 242 2.14 -36.86 12.38
CA ALA A 242 3.46 -36.28 12.13
C ALA A 242 3.61 -34.87 12.72
N ALA A 243 2.56 -34.05 12.63
CA ALA A 243 2.61 -32.70 13.20
C ALA A 243 2.68 -32.74 14.73
N LEU A 244 2.04 -33.74 15.35
CA LEU A 244 2.15 -33.95 16.79
C LEU A 244 3.56 -34.39 17.14
N ALA A 245 4.17 -35.17 16.24
CA ALA A 245 5.54 -35.59 16.43
C ALA A 245 6.46 -34.38 16.36
N GLY A 246 6.11 -33.43 15.47
CA GLY A 246 6.82 -32.16 15.38
C GLY A 246 6.70 -31.33 16.63
N HIS A 247 5.49 -31.30 17.20
CA HIS A 247 5.21 -30.54 18.41
C HIS A 247 5.96 -31.13 19.61
N LEU A 248 5.87 -32.45 19.75
CA LEU A 248 6.56 -33.18 20.81
C LEU A 248 8.06 -33.05 20.70
N PHE A 249 8.53 -32.74 19.49
CA PHE A 249 9.94 -32.50 19.24
C PHE A 249 10.37 -31.08 19.59
N GLU A 250 9.52 -30.09 19.26
CA GLU A 250 9.69 -28.70 19.71
C GLU A 250 9.81 -28.67 21.24
N GLU A 251 8.95 -29.45 21.89
CA GLU A 251 8.98 -29.61 23.34
C GLU A 251 10.24 -30.33 23.80
N ALA A 252 10.62 -31.40 23.09
CA ALA A 252 11.87 -32.11 23.40
C ALA A 252 13.11 -31.24 23.20
N LEU A 253 13.14 -30.48 22.10
CA LEU A 253 14.26 -29.60 21.79
C LEU A 253 14.46 -28.50 22.86
N GLU A 254 13.35 -27.94 23.34
CA GLU A 254 13.39 -26.88 24.36
C GLU A 254 13.94 -27.36 25.70
N SER A 255 13.45 -28.50 26.20
CA SER A 255 13.94 -29.06 27.46
C SER A 255 15.39 -29.56 27.31
N ASN A 256 15.77 -29.98 26.11
CA ASN A 256 17.16 -30.33 25.85
C ASN A 256 18.05 -29.12 25.50
N GLY A 257 17.57 -27.94 25.86
CA GLY A 257 18.34 -26.69 25.74
C GLY A 257 18.54 -26.16 24.35
N VAL A 258 17.57 -26.36 23.46
CA VAL A 258 17.64 -25.83 22.09
C VAL A 258 16.40 -24.99 21.79
N THR A 259 16.61 -23.69 21.54
CA THR A 259 15.53 -22.76 21.17
C THR A 259 15.10 -22.95 19.72
N VAL A 260 13.78 -22.90 19.48
CA VAL A 260 13.23 -22.84 18.12
C VAL A 260 12.55 -21.48 17.97
N LYS A 261 13.09 -20.62 17.11
CA LYS A 261 12.55 -19.27 16.94
C LYS A 261 11.34 -19.18 16.00
N GLY A 262 11.17 -20.18 15.12
CA GLY A 262 10.10 -20.21 14.13
C GLY A 262 8.90 -21.03 14.55
N ASP A 263 8.17 -21.58 13.58
CA ASP A 263 7.00 -22.43 13.86
C ASP A 263 7.27 -23.93 13.63
N VAL A 264 6.33 -24.77 14.09
CA VAL A 264 6.30 -26.19 13.72
C VAL A 264 5.25 -26.36 12.64
N GLY A 265 5.57 -27.17 11.63
CA GLY A 265 4.60 -27.57 10.60
C GLY A 265 4.97 -28.86 9.88
N LEU A 266 4.31 -29.10 8.75
CA LEU A 266 4.70 -30.18 7.86
C LEU A 266 5.48 -29.60 6.67
N GLY A 267 6.33 -30.43 6.06
CA GLY A 267 7.10 -30.03 4.89
C GLY A 267 8.26 -30.95 4.64
N GLY A 268 8.59 -31.14 3.36
CA GLY A 268 9.65 -32.08 2.99
C GLY A 268 11.03 -31.47 2.90
N VAL A 269 12.05 -32.33 2.96
CA VAL A 269 13.44 -31.93 2.72
C VAL A 269 13.49 -31.35 1.30
N PRO A 270 13.79 -30.04 1.17
CA PRO A 270 13.62 -29.29 -0.07
C PRO A 270 14.18 -29.89 -1.37
N ALA A 271 15.13 -30.83 -1.27
CA ALA A 271 15.73 -31.47 -2.47
C ALA A 271 16.55 -30.46 -3.30
N ASP A 272 16.50 -29.20 -2.85
CA ASP A 272 17.37 -28.14 -3.33
C ASP A 272 18.39 -27.87 -2.21
N TRP A 273 18.78 -28.95 -1.56
CA TRP A 273 19.82 -29.02 -0.55
C TRP A 273 20.73 -30.14 -1.07
N GLN A 274 22.04 -29.93 -1.05
CA GLN A 274 22.95 -30.91 -1.68
C GLN A 274 23.42 -32.00 -0.73
N ASP A 275 24.43 -31.68 0.08
CA ASP A 275 24.93 -32.58 1.10
C ASP A 275 24.31 -32.19 2.44
N ALA A 276 23.00 -32.42 2.56
CA ALA A 276 22.23 -32.08 3.76
C ALA A 276 22.86 -32.64 5.03
N GLU A 277 22.90 -31.83 6.09
CA GLU A 277 23.53 -32.22 7.34
C GLU A 277 22.57 -32.96 8.29
N VAL A 278 22.82 -34.26 8.44
CA VAL A 278 22.07 -35.12 9.35
C VAL A 278 22.68 -35.02 10.75
N LEU A 279 21.99 -34.35 11.67
CA LEU A 279 22.55 -34.13 13.02
C LEU A 279 21.91 -34.92 14.18
N ALA A 280 20.98 -35.81 13.86
CA ALA A 280 20.46 -36.81 14.82
C ALA A 280 19.80 -37.97 14.07
N ASP A 281 20.12 -39.19 14.48
CA ASP A 281 19.44 -40.37 13.94
C ASP A 281 18.94 -41.30 15.05
N HIS A 282 18.03 -42.20 14.68
CA HIS A 282 17.52 -43.26 15.57
C HIS A 282 17.04 -44.51 14.79
N THR A 283 17.55 -45.65 15.21
CA THR A 283 17.14 -46.94 14.65
C THR A 283 16.15 -47.60 15.62
N SER A 284 15.12 -48.22 15.05
CA SER A 284 14.18 -48.99 15.86
C SER A 284 14.63 -50.46 15.92
N ALA A 285 14.10 -51.20 16.90
CA ALA A 285 14.34 -52.63 17.00
C ALA A 285 14.03 -53.31 15.68
N GLU A 286 14.47 -54.56 15.54
CA GLU A 286 14.25 -55.31 14.30
C GLU A 286 12.80 -55.78 14.16
N LEU A 287 12.40 -56.12 12.94
CA LEU A 287 11.02 -56.48 12.66
C LEU A 287 10.54 -57.63 13.53
N SER A 288 11.37 -58.66 13.67
CA SER A 288 11.06 -59.83 14.50
C SER A 288 10.58 -59.46 15.90
N GLU A 289 11.23 -58.45 16.50
CA GLU A 289 10.86 -57.97 17.83
C GLU A 289 9.66 -57.02 17.81
N ILE A 290 9.44 -56.38 16.67
CA ILE A 290 8.27 -55.52 16.51
C ILE A 290 7.04 -56.38 16.22
N LEU A 291 7.25 -57.59 15.69
CA LEU A 291 6.13 -58.48 15.44
C LEU A 291 5.37 -58.81 16.72
N VAL A 292 6.10 -58.82 17.83
CA VAL A 292 5.54 -59.18 19.13
C VAL A 292 4.37 -58.25 19.54
N PRO A 293 4.63 -56.96 19.83
CA PRO A 293 3.55 -56.08 20.25
C PRO A 293 2.50 -55.85 19.18
N PHE A 294 2.86 -56.15 17.94
CA PHE A 294 1.96 -56.00 16.81
C PHE A 294 0.94 -57.14 16.78
N MET A 295 1.41 -58.37 16.56
CA MET A 295 0.54 -59.54 16.48
C MET A 295 -0.14 -59.88 17.80
N LYS A 296 0.65 -59.96 18.87
CA LYS A 296 0.13 -60.32 20.20
C LYS A 296 -1.08 -59.46 20.53
N PHE A 297 -0.94 -58.15 20.38
CA PHE A 297 -2.00 -57.20 20.74
C PHE A 297 -2.91 -56.81 19.57
N SER A 298 -2.52 -57.20 18.35
CA SER A 298 -3.28 -56.88 17.14
C SER A 298 -3.26 -55.37 16.94
N ASN A 299 -2.12 -54.86 16.49
CA ASN A 299 -1.96 -53.44 16.22
C ASN A 299 -2.30 -53.08 14.78
N ASN A 300 -3.39 -52.33 14.62
CA ASN A 300 -3.85 -51.85 13.31
C ASN A 300 -2.88 -50.86 12.65
N GLY A 301 -2.67 -49.72 13.30
CA GLY A 301 -1.65 -48.75 12.88
C GLY A 301 -0.38 -49.40 12.33
N HIS A 302 0.11 -50.42 13.02
CA HIS A 302 1.33 -51.12 12.62
C HIS A 302 1.18 -51.75 11.26
N ALA A 303 0.10 -52.50 11.07
CA ALA A 303 -0.08 -53.27 9.84
C ALA A 303 -0.03 -52.36 8.63
N GLU A 304 -0.84 -51.31 8.64
CA GLU A 304 -0.85 -50.36 7.53
C GLU A 304 0.57 -49.82 7.22
N MET A 305 1.19 -49.21 8.23
CA MET A 305 2.57 -48.83 8.10
C MET A 305 3.47 -49.88 7.43
N LEU A 306 3.29 -51.16 7.78
CA LEU A 306 4.11 -52.25 7.19
C LEU A 306 3.78 -52.42 5.72
N VAL A 307 2.49 -52.52 5.42
CA VAL A 307 1.98 -52.44 4.04
C VAL A 307 2.68 -51.31 3.29
N LYS A 308 2.62 -50.09 3.83
CA LYS A 308 3.23 -48.93 3.17
C LYS A 308 4.76 -49.03 3.02
N SER A 309 5.46 -49.49 4.06
CA SER A 309 6.89 -49.82 3.90
C SER A 309 7.20 -51.05 3.00
N ILE A 310 6.19 -51.91 2.74
CA ILE A 310 6.34 -53.00 1.75
C ILE A 310 6.36 -52.38 0.35
N GLY A 311 5.42 -51.45 0.12
CA GLY A 311 5.31 -50.76 -1.17
C GLY A 311 6.55 -49.94 -1.47
N GLN A 312 7.14 -49.42 -0.41
CA GLN A 312 8.42 -48.77 -0.50
C GLN A 312 9.47 -49.69 -1.08
N GLU A 313 9.71 -50.83 -0.43
CA GLU A 313 10.79 -51.73 -0.81
C GLU A 313 10.62 -52.19 -2.26
N THR A 314 9.46 -52.78 -2.55
CA THR A 314 9.19 -53.39 -3.83
C THR A 314 9.05 -52.39 -4.95
N ALA A 315 8.45 -51.24 -4.64
CA ALA A 315 8.08 -50.27 -5.67
C ALA A 315 8.67 -48.89 -5.42
N GLY A 316 9.02 -48.60 -4.17
CA GLY A 316 9.51 -47.26 -3.84
C GLY A 316 8.36 -46.26 -3.81
N ALA A 317 7.35 -46.58 -3.00
CA ALA A 317 6.14 -45.78 -2.83
C ALA A 317 5.34 -46.35 -1.67
N GLY A 318 5.27 -45.57 -0.59
CA GLY A 318 4.43 -45.89 0.56
C GLY A 318 3.01 -45.53 0.18
N THR A 319 2.39 -46.40 -0.61
CA THR A 319 1.02 -46.21 -1.03
C THR A 319 0.33 -47.46 -0.54
N TRP A 320 -0.98 -47.35 -0.29
CA TRP A 320 -1.76 -48.54 -0.03
C TRP A 320 -1.85 -49.43 -1.29
N ASP A 321 -2.05 -48.82 -2.47
CA ASP A 321 -2.09 -49.56 -3.74
C ASP A 321 -0.81 -50.34 -3.91
N ALA A 322 0.31 -49.64 -3.84
CA ALA A 322 1.62 -50.24 -4.04
C ALA A 322 1.85 -51.44 -3.11
N GLY A 323 1.63 -51.22 -1.82
CA GLY A 323 1.94 -52.21 -0.79
C GLY A 323 1.15 -53.50 -0.92
N LEU A 324 -0.17 -53.34 -1.06
CA LEU A 324 -1.11 -54.45 -1.18
C LEU A 324 -0.80 -55.36 -2.36
N VAL A 325 -0.28 -54.77 -3.44
CA VAL A 325 0.18 -55.58 -4.56
C VAL A 325 1.43 -56.31 -4.12
N GLY A 326 2.23 -55.63 -3.29
CA GLY A 326 3.42 -56.23 -2.68
C GLY A 326 3.08 -57.36 -1.73
N VAL A 327 2.03 -57.17 -0.93
CA VAL A 327 1.56 -58.20 -0.01
C VAL A 327 1.04 -59.41 -0.81
N GLU A 328 0.29 -59.12 -1.88
CA GLU A 328 -0.23 -60.12 -2.80
C GLU A 328 0.91 -60.94 -3.39
N GLU A 329 1.94 -60.24 -3.87
CA GLU A 329 3.07 -60.87 -4.56
C GLU A 329 3.86 -61.80 -3.63
N ALA A 330 4.34 -61.24 -2.51
CA ALA A 330 5.10 -61.99 -1.52
C ALA A 330 4.43 -63.32 -1.20
N LEU A 331 3.14 -63.23 -0.90
CA LEU A 331 2.31 -64.40 -0.63
C LEU A 331 2.40 -65.40 -1.79
N SER A 332 2.14 -64.95 -3.00
CA SER A 332 2.22 -65.81 -4.17
C SER A 332 3.56 -66.51 -4.19
N GLY A 333 4.61 -65.73 -4.00
CA GLY A 333 5.99 -66.22 -4.06
C GLY A 333 6.35 -67.21 -2.98
N LEU A 334 5.50 -67.30 -1.96
CA LEU A 334 5.70 -68.15 -0.81
C LEU A 334 5.02 -69.51 -1.02
N GLY A 335 4.32 -69.63 -2.15
CA GLY A 335 3.60 -70.86 -2.52
C GLY A 335 2.11 -70.85 -2.23
N VAL A 336 1.60 -69.72 -1.73
CA VAL A 336 0.17 -69.61 -1.36
C VAL A 336 -0.70 -69.08 -2.50
N ASP A 337 -1.77 -69.82 -2.78
CA ASP A 337 -2.73 -69.47 -3.83
C ASP A 337 -3.60 -68.29 -3.39
N THR A 338 -3.43 -67.16 -4.06
CA THR A 338 -4.13 -65.94 -3.66
C THR A 338 -5.42 -65.70 -4.43
N ALA A 339 -6.03 -66.77 -4.92
CA ALA A 339 -7.23 -66.65 -5.77
C ALA A 339 -8.38 -65.98 -5.02
N GLY A 340 -8.81 -66.60 -3.93
CA GLY A 340 -9.94 -66.10 -3.16
C GLY A 340 -9.68 -64.86 -2.33
N LEU A 341 -8.43 -64.40 -2.31
CA LEU A 341 -8.06 -63.26 -1.49
C LEU A 341 -8.35 -61.95 -2.21
N VAL A 342 -9.06 -61.04 -1.53
CA VAL A 342 -9.17 -59.65 -1.95
C VAL A 342 -8.51 -58.76 -0.89
N LEU A 343 -7.47 -58.02 -1.30
CA LEU A 343 -6.68 -57.18 -0.37
C LEU A 343 -7.17 -55.72 -0.32
N ASN A 344 -7.48 -55.21 0.86
CA ASN A 344 -7.83 -53.80 0.99
C ASN A 344 -7.09 -52.99 2.07
N ASP A 345 -6.65 -53.64 3.15
CA ASP A 345 -5.66 -53.06 4.06
C ASP A 345 -4.78 -54.16 4.65
N GLY A 346 -3.95 -53.84 5.63
CA GLY A 346 -3.10 -54.85 6.29
C GLY A 346 -3.65 -55.32 7.62
N SER A 347 -4.55 -54.52 8.19
CA SER A 347 -5.07 -54.75 9.54
C SER A 347 -6.38 -55.52 9.50
N GLY A 348 -7.04 -55.50 8.35
CA GLY A 348 -8.33 -56.14 8.20
C GLY A 348 -9.45 -55.34 8.84
N LEU A 349 -9.17 -54.09 9.17
CA LEU A 349 -10.18 -53.18 9.70
C LEU A 349 -11.26 -53.01 8.65
N SER A 350 -10.84 -52.69 7.41
CA SER A 350 -11.78 -52.45 6.32
C SER A 350 -12.68 -53.66 5.98
N ARG A 351 -13.95 -53.36 5.77
CA ARG A 351 -14.92 -54.40 5.44
C ARG A 351 -14.85 -54.83 3.96
N GLY A 352 -13.83 -54.35 3.26
CA GLY A 352 -13.65 -54.66 1.85
C GLY A 352 -12.48 -55.59 1.59
N ASN A 353 -12.08 -56.34 2.62
CA ASN A 353 -11.14 -57.46 2.47
C ASN A 353 -11.93 -58.74 2.32
N LEU A 354 -11.30 -59.79 1.80
CA LEU A 354 -11.94 -61.12 1.73
C LEU A 354 -10.87 -62.19 1.81
N VAL A 355 -11.10 -63.20 2.65
CA VAL A 355 -10.26 -64.39 2.64
C VAL A 355 -11.11 -65.64 2.59
N THR A 356 -10.63 -66.71 1.98
CA THR A 356 -11.27 -68.00 2.16
C THR A 356 -10.54 -68.64 3.33
N ALA A 357 -11.19 -69.58 4.02
CA ALA A 357 -10.51 -70.28 5.10
C ALA A 357 -9.42 -71.22 4.56
N ASP A 358 -9.66 -71.86 3.42
CA ASP A 358 -8.66 -72.70 2.74
C ASP A 358 -7.37 -71.92 2.51
N THR A 359 -7.52 -70.63 2.26
CA THR A 359 -6.41 -69.75 2.00
C THR A 359 -5.62 -69.50 3.26
N VAL A 360 -6.33 -69.30 4.38
CA VAL A 360 -5.70 -69.04 5.68
C VAL A 360 -4.76 -70.20 6.00
N VAL A 361 -5.35 -71.39 6.09
CA VAL A 361 -4.66 -72.64 6.38
C VAL A 361 -3.53 -72.89 5.40
N ASP A 362 -3.77 -72.56 4.13
CA ASP A 362 -2.74 -72.56 3.10
C ASP A 362 -1.52 -71.75 3.57
N LEU A 363 -1.78 -70.48 3.97
CA LEU A 363 -0.74 -69.54 4.44
C LEU A 363 -0.11 -70.00 5.75
N LEU A 364 -0.93 -70.53 6.64
CA LEU A 364 -0.41 -71.11 7.87
C LEU A 364 0.54 -72.26 7.53
N GLY A 365 0.12 -73.11 6.60
CA GLY A 365 0.95 -74.21 6.15
C GLY A 365 2.29 -73.71 5.65
N GLN A 366 2.23 -72.75 4.74
CA GLN A 366 3.42 -72.22 4.07
C GLN A 366 4.35 -71.53 5.04
N ALA A 367 3.86 -70.49 5.70
CA ALA A 367 4.67 -69.76 6.68
C ALA A 367 5.31 -70.68 7.73
N GLY A 368 4.80 -71.92 7.84
CA GLY A 368 5.31 -72.88 8.81
C GLY A 368 6.63 -73.51 8.44
N SER A 369 7.18 -73.14 7.30
CA SER A 369 8.44 -73.71 6.83
C SER A 369 9.32 -72.68 6.13
N ALA A 370 8.99 -71.41 6.32
CA ALA A 370 9.85 -70.33 5.88
C ALA A 370 10.91 -70.12 6.97
N PRO A 371 12.07 -69.53 6.60
CA PRO A 371 13.12 -69.25 7.59
C PRO A 371 12.60 -68.48 8.81
N TRP A 372 11.73 -67.50 8.58
CA TRP A 372 11.15 -66.74 9.66
C TRP A 372 9.97 -67.45 10.35
N ALA A 373 9.85 -68.76 10.15
CA ALA A 373 8.78 -69.55 10.81
C ALA A 373 8.79 -69.35 12.33
N GLN A 374 9.99 -69.37 12.92
CA GLN A 374 10.13 -69.29 14.38
C GLN A 374 9.81 -67.93 15.00
N THR A 375 10.14 -66.84 14.29
CA THR A 375 9.77 -65.47 14.72
C THR A 375 8.29 -65.15 14.49
N TRP A 376 7.74 -65.71 13.41
CA TRP A 376 6.33 -65.56 13.03
C TRP A 376 5.39 -66.16 14.07
N SER A 377 5.71 -67.37 14.54
CA SER A 377 4.88 -68.08 15.51
C SER A 377 5.04 -67.56 16.94
N ALA A 378 6.21 -66.95 17.20
CA ALA A 378 6.53 -66.39 18.52
C ALA A 378 5.60 -65.22 18.86
N SER A 379 5.04 -64.62 17.81
CA SER A 379 4.27 -63.39 17.90
C SER A 379 2.78 -63.66 18.04
N LEU A 380 2.35 -64.84 17.60
CA LEU A 380 0.95 -65.22 17.70
C LEU A 380 0.55 -65.39 19.16
N PRO A 381 -0.52 -64.69 19.59
CA PRO A 381 -1.10 -64.83 20.92
C PRO A 381 -1.16 -66.30 21.36
N VAL A 382 -0.71 -66.57 22.58
CA VAL A 382 -0.75 -67.93 23.12
C VAL A 382 -1.92 -68.09 24.10
N ALA A 383 -2.75 -69.09 23.85
CA ALA A 383 -4.05 -69.27 24.50
C ALA A 383 -4.00 -69.43 26.01
N GLY A 384 -4.59 -68.45 26.72
CA GLY A 384 -4.84 -68.57 28.15
C GLY A 384 -3.72 -68.06 29.03
N GLU A 385 -2.65 -67.54 28.42
CA GLU A 385 -1.50 -67.02 29.17
C GLU A 385 -1.78 -65.68 29.84
N SER A 386 -1.56 -65.61 31.14
CA SER A 386 -1.79 -64.38 31.93
C SER A 386 -0.93 -63.19 31.46
N ASP A 387 0.33 -63.45 31.12
CA ASP A 387 1.27 -62.39 30.72
C ASP A 387 0.80 -61.70 29.44
N PRO A 388 0.43 -60.40 29.55
CA PRO A 388 -0.13 -59.71 28.39
C PRO A 388 0.72 -59.95 27.13
N PHE A 389 2.01 -59.64 27.22
CA PHE A 389 2.95 -59.79 26.10
C PHE A 389 3.15 -61.22 25.58
N VAL A 390 2.44 -62.20 26.17
CA VAL A 390 2.42 -63.59 25.67
C VAL A 390 0.99 -64.01 25.32
N GLY A 391 0.08 -63.80 26.25
CA GLY A 391 -1.31 -64.14 26.04
C GLY A 391 -1.90 -63.38 24.87
N GLY A 392 -1.54 -62.10 24.77
CA GLY A 392 -2.08 -61.22 23.74
C GLY A 392 -3.58 -61.04 23.92
N THR A 393 -4.32 -61.19 22.83
CA THR A 393 -5.78 -61.09 22.89
C THR A 393 -6.38 -62.48 23.15
N LEU A 394 -5.53 -63.38 23.61
CA LEU A 394 -5.96 -64.68 24.08
C LEU A 394 -5.53 -64.89 25.53
N ALA A 395 -5.43 -63.78 26.26
CA ALA A 395 -5.02 -63.81 27.66
C ALA A 395 -6.13 -64.38 28.52
N ASN A 396 -7.36 -63.92 28.30
CA ASN A 396 -8.49 -64.35 29.12
C ASN A 396 -9.48 -65.19 28.34
N ARG A 397 -8.94 -66.14 27.58
CA ARG A 397 -9.74 -67.11 26.84
C ARG A 397 -9.05 -68.45 26.97
N MET A 398 -9.85 -69.49 27.23
CA MET A 398 -9.39 -70.90 27.24
C MET A 398 -8.46 -71.30 28.40
N ARG A 399 -8.48 -70.52 29.50
CA ARG A 399 -7.67 -70.81 30.69
C ARG A 399 -8.14 -72.09 31.37
N GLY A 400 -7.18 -72.91 31.79
CA GLY A 400 -7.47 -74.20 32.39
C GLY A 400 -8.26 -75.12 31.48
N THR A 401 -7.84 -75.20 30.21
CA THR A 401 -8.38 -76.16 29.26
C THR A 401 -7.19 -76.76 28.50
N ALA A 402 -7.42 -77.85 27.77
CA ALA A 402 -6.37 -78.44 26.94
C ALA A 402 -5.66 -77.40 26.07
N ALA A 403 -6.32 -76.27 25.82
CA ALA A 403 -5.80 -75.24 24.93
C ALA A 403 -4.69 -74.40 25.55
N GLU A 404 -4.76 -74.18 26.85
CA GLU A 404 -3.85 -73.23 27.53
C GLU A 404 -2.40 -73.51 27.23
N GLY A 405 -1.67 -72.45 26.89
CA GLY A 405 -0.24 -72.51 26.64
C GLY A 405 0.17 -73.35 25.43
N VAL A 406 -0.84 -73.86 24.72
CA VAL A 406 -0.62 -74.71 23.54
C VAL A 406 -0.93 -73.98 22.24
N VAL A 407 -2.11 -73.36 22.18
CA VAL A 407 -2.64 -72.79 20.95
C VAL A 407 -2.14 -71.36 20.67
N GLU A 408 -1.33 -71.22 19.61
CA GLU A 408 -0.94 -69.91 19.06
C GLU A 408 -1.91 -69.59 17.93
N ALA A 409 -2.57 -68.44 18.01
CA ALA A 409 -3.61 -68.09 17.03
C ALA A 409 -3.92 -66.61 17.09
N LYS A 410 -4.35 -66.04 15.96
CA LYS A 410 -4.70 -64.63 15.89
C LYS A 410 -6.22 -64.45 15.92
N THR A 411 -6.69 -63.55 16.79
CA THR A 411 -8.11 -63.24 16.90
C THR A 411 -8.51 -62.19 15.88
N GLY A 412 -9.77 -61.80 15.92
CA GLY A 412 -10.26 -60.69 15.12
C GLY A 412 -11.75 -60.63 15.26
N THR A 413 -12.28 -59.44 15.45
CA THR A 413 -13.72 -59.30 15.72
C THR A 413 -14.25 -57.89 15.40
N MET A 414 -15.33 -57.85 14.62
CA MET A 414 -16.05 -56.62 14.39
C MET A 414 -17.54 -56.89 14.45
N SER A 415 -18.34 -55.84 14.39
CA SER A 415 -19.78 -56.01 14.22
C SER A 415 -20.03 -56.92 13.03
N GLY A 416 -20.41 -58.15 13.33
CA GLY A 416 -20.87 -59.10 12.32
C GLY A 416 -19.78 -59.99 11.79
N VAL A 417 -18.58 -59.87 12.36
CA VAL A 417 -17.41 -60.63 11.90
C VAL A 417 -16.62 -61.17 13.09
N SER A 418 -15.97 -62.31 12.88
CA SER A 418 -15.04 -62.83 13.87
C SER A 418 -14.28 -63.97 13.25
N ALA A 419 -13.03 -64.09 13.67
CA ALA A 419 -12.16 -65.13 13.19
C ALA A 419 -11.19 -65.53 14.29
N LEU A 420 -10.71 -66.76 14.21
CA LEU A 420 -9.68 -67.24 15.11
C LEU A 420 -8.95 -68.32 14.38
N SER A 421 -7.70 -68.07 14.04
CA SER A 421 -6.96 -69.03 13.24
C SER A 421 -5.51 -69.06 13.64
N GLY A 422 -4.87 -70.22 13.50
CA GLY A 422 -3.49 -70.41 13.93
C GLY A 422 -3.09 -71.86 14.03
N TYR A 423 -2.24 -72.15 15.01
CA TYR A 423 -1.72 -73.51 15.13
C TYR A 423 -2.17 -74.18 16.43
N VAL A 424 -2.22 -75.51 16.42
CA VAL A 424 -2.38 -76.32 17.63
C VAL A 424 -1.27 -77.39 17.65
N PRO A 425 -0.07 -77.00 18.13
CA PRO A 425 1.04 -77.94 18.12
C PRO A 425 0.90 -79.01 19.20
N GLY A 426 1.00 -80.27 18.80
CA GLY A 426 0.90 -81.38 19.72
C GLY A 426 1.77 -82.56 19.36
N PRO A 427 1.81 -83.57 20.25
CA PRO A 427 2.39 -84.90 19.99
C PRO A 427 1.82 -85.61 18.76
N GLU A 428 0.54 -85.39 18.46
CA GLU A 428 -0.09 -85.97 17.25
C GLU A 428 -0.02 -85.05 16.02
N GLY A 429 1.21 -84.65 15.66
CA GLY A 429 1.47 -83.78 14.50
C GLY A 429 1.06 -82.33 14.67
N GLU A 430 1.88 -81.41 14.15
CA GLU A 430 1.57 -79.99 14.14
C GLU A 430 0.20 -79.78 13.48
N LEU A 431 -0.62 -78.93 14.07
CA LEU A 431 -1.97 -78.65 13.56
C LEU A 431 -2.16 -77.18 13.19
N ALA A 432 -2.73 -76.94 12.02
CA ALA A 432 -3.10 -75.58 11.61
C ALA A 432 -4.60 -75.54 11.40
N PHE A 433 -5.23 -74.47 11.87
CA PHE A 433 -6.69 -74.36 11.83
C PHE A 433 -7.16 -72.98 11.43
N SER A 434 -8.38 -72.90 10.90
CA SER A 434 -8.99 -71.63 10.54
C SER A 434 -10.47 -71.62 10.86
N ILE A 435 -10.91 -70.61 11.60
CA ILE A 435 -12.32 -70.46 11.93
C ILE A 435 -12.69 -69.00 11.63
N VAL A 436 -13.50 -68.80 10.59
CA VAL A 436 -13.92 -67.47 10.16
C VAL A 436 -15.42 -67.50 9.99
N ASN A 437 -16.11 -66.54 10.59
CA ASN A 437 -17.57 -66.47 10.47
C ASN A 437 -18.13 -65.07 10.38
N ASN A 438 -19.12 -64.93 9.49
CA ASN A 438 -19.88 -63.70 9.31
C ASN A 438 -21.33 -64.08 9.34
N GLY A 439 -22.20 -63.09 9.50
CA GLY A 439 -23.64 -63.31 9.43
C GLY A 439 -24.30 -63.39 10.80
N HIS A 440 -23.51 -63.75 11.82
CA HIS A 440 -24.02 -63.88 13.18
C HIS A 440 -24.55 -62.55 13.70
N SER A 441 -25.63 -62.60 14.48
CA SER A 441 -26.33 -61.39 14.91
C SER A 441 -25.95 -60.93 16.32
N GLY A 442 -25.49 -61.86 17.15
CA GLY A 442 -25.20 -61.56 18.56
C GLY A 442 -23.80 -61.03 18.79
N PRO A 443 -23.15 -61.47 19.90
CA PRO A 443 -21.73 -61.22 20.05
C PRO A 443 -20.91 -62.18 19.20
N ALA A 444 -19.67 -61.79 18.89
CA ALA A 444 -18.72 -62.68 18.23
C ALA A 444 -18.72 -64.03 18.95
N PRO A 445 -18.87 -65.14 18.19
CA PRO A 445 -19.06 -66.47 18.75
C PRO A 445 -17.76 -67.04 19.34
N LEU A 446 -17.18 -66.34 20.30
CA LEU A 446 -15.90 -66.72 20.89
C LEU A 446 -15.98 -68.04 21.65
N ALA A 447 -17.13 -68.30 22.29
CA ALA A 447 -17.38 -69.57 22.96
C ALA A 447 -17.26 -70.73 21.98
N VAL A 448 -17.92 -70.56 20.83
CA VAL A 448 -17.90 -71.51 19.72
C VAL A 448 -16.48 -71.72 19.16
N GLN A 449 -15.77 -70.61 18.93
CA GLN A 449 -14.37 -70.64 18.49
C GLN A 449 -13.51 -71.39 19.49
N ASP A 450 -13.48 -70.89 20.72
CA ASP A 450 -12.74 -71.54 21.81
C ASP A 450 -12.96 -73.04 21.90
N ALA A 451 -14.23 -73.44 21.79
CA ALA A 451 -14.63 -74.85 21.87
C ALA A 451 -13.96 -75.69 20.80
N ILE A 452 -13.95 -75.19 19.56
CA ILE A 452 -13.28 -75.86 18.46
C ILE A 452 -11.76 -75.94 18.73
N ALA A 453 -11.17 -74.82 19.12
CA ALA A 453 -9.73 -74.75 19.41
C ALA A 453 -9.28 -75.72 20.50
N VAL A 454 -10.10 -75.86 21.54
CA VAL A 454 -9.75 -76.71 22.68
C VAL A 454 -9.81 -78.17 22.27
N ARG A 455 -10.89 -78.55 21.58
CA ARG A 455 -11.12 -79.94 21.17
C ARG A 455 -10.00 -80.43 20.27
N LEU A 456 -9.47 -79.53 19.46
CA LEU A 456 -8.31 -79.82 18.63
C LEU A 456 -7.05 -80.04 19.46
N ALA A 457 -6.90 -79.24 20.52
CA ALA A 457 -5.74 -79.35 21.41
C ALA A 457 -5.77 -80.67 22.17
N GLU A 458 -6.99 -81.15 22.47
CA GLU A 458 -7.19 -82.49 23.03
C GLU A 458 -6.78 -83.58 22.02
N TYR A 459 -7.34 -83.48 20.81
CA TYR A 459 -7.07 -84.43 19.73
C TYR A 459 -5.56 -84.54 19.45
N ALA A 460 -4.88 -83.40 19.50
CA ALA A 460 -3.43 -83.33 19.27
C ALA A 460 -2.60 -84.03 20.36
N GLY A 461 -3.24 -84.32 21.50
CA GLY A 461 -2.58 -84.95 22.64
C GLY A 461 -2.33 -83.98 23.78
N HIS A 462 -3.38 -83.28 24.21
CA HIS A 462 -3.26 -82.33 25.30
C HIS A 462 -4.39 -82.47 26.32
N GLN A 463 -4.11 -82.06 27.55
CA GLN A 463 -5.05 -82.16 28.66
C GLN A 463 -5.04 -80.86 29.48
N ALA A 464 -6.20 -80.50 30.01
CA ALA A 464 -6.36 -79.31 30.84
C ALA A 464 -5.45 -79.32 32.08
N PRO A 465 -4.71 -78.23 32.31
CA PRO A 465 -3.99 -78.10 33.57
C PRO A 465 -4.89 -77.64 34.72
N GLU A 466 -5.51 -78.60 35.40
CA GLU A 466 -6.30 -78.32 36.61
C GLU A 466 -5.56 -78.75 37.88
N ARG B 1 15.25 16.69 -12.60
CA ARG B 1 13.94 16.11 -13.02
C ARG B 1 14.07 14.61 -13.29
N LEU B 2 13.02 13.88 -12.92
CA LEU B 2 13.01 12.42 -13.03
C LEU B 2 12.93 11.93 -14.46
N THR B 3 11.86 12.31 -15.15
CA THR B 3 11.62 11.88 -16.53
C THR B 3 12.64 12.48 -17.50
N GLU B 4 13.45 13.42 -17.00
CA GLU B 4 14.57 13.99 -17.75
C GLU B 4 15.66 12.94 -17.99
N LEU B 5 15.71 11.93 -17.13
CA LEU B 5 16.74 10.90 -17.20
C LEU B 5 16.26 9.67 -17.96
N ARG B 6 15.06 9.20 -17.63
CA ARG B 6 14.51 7.94 -18.17
C ARG B 6 14.55 7.84 -19.69
N GLU B 7 14.41 8.97 -20.38
CA GLU B 7 14.34 9.00 -21.84
C GLU B 7 15.70 8.84 -22.50
N ASP B 8 16.73 9.41 -21.88
CA ASP B 8 18.11 9.29 -22.36
C ASP B 8 18.54 7.83 -22.30
N ILE B 9 18.37 7.22 -21.12
CA ILE B 9 18.63 5.80 -20.93
C ILE B 9 17.90 4.97 -21.98
N ASP B 10 16.60 5.23 -22.14
CA ASP B 10 15.78 4.53 -23.15
C ASP B 10 16.51 4.47 -24.49
N ALA B 11 17.02 5.62 -24.92
CA ALA B 11 17.68 5.78 -26.22
C ALA B 11 19.08 5.18 -26.25
N ILE B 12 19.79 5.27 -25.13
CA ILE B 12 21.10 4.64 -24.99
C ILE B 12 20.94 3.14 -25.15
N LEU B 13 19.88 2.60 -24.55
CA LEU B 13 19.59 1.17 -24.60
C LEU B 13 19.15 0.68 -25.99
N GLU B 14 18.66 1.60 -26.82
CA GLU B 14 18.36 1.33 -28.23
C GLU B 14 19.62 1.17 -29.06
N ASP B 15 20.74 0.91 -28.39
CA ASP B 15 22.01 0.63 -29.03
C ASP B 15 21.94 -0.74 -29.74
N PRO B 16 22.48 -0.82 -30.96
CA PRO B 16 22.41 -2.08 -31.70
C PRO B 16 23.33 -3.18 -31.16
N ALA B 17 23.99 -2.94 -30.03
CA ALA B 17 24.77 -3.98 -29.37
C ALA B 17 23.86 -4.84 -28.51
N LEU B 18 22.71 -4.28 -28.14
CA LEU B 18 21.69 -4.99 -27.37
C LEU B 18 20.54 -5.46 -28.26
N GLU B 19 20.78 -5.55 -29.57
CA GLU B 19 19.76 -6.09 -30.49
C GLU B 19 19.37 -7.50 -30.07
N GLY B 20 18.17 -7.62 -29.51
CA GLY B 20 17.61 -8.91 -29.10
C GLY B 20 18.07 -9.41 -27.74
N ALA B 21 18.47 -8.47 -26.88
CA ALA B 21 19.08 -8.80 -25.59
C ALA B 21 18.34 -8.26 -24.36
N VAL B 22 18.10 -9.16 -23.41
CA VAL B 22 17.46 -8.87 -22.12
C VAL B 22 18.42 -8.09 -21.23
N SER B 23 18.10 -6.84 -20.93
CA SER B 23 19.02 -6.00 -20.18
C SER B 23 18.38 -5.32 -18.97
N GLY B 24 18.75 -5.75 -17.76
CA GLY B 24 18.17 -5.22 -16.52
C GLY B 24 18.88 -4.03 -15.86
N VAL B 25 18.21 -2.87 -15.84
CA VAL B 25 18.84 -1.62 -15.39
C VAL B 25 18.06 -0.91 -14.28
N VAL B 26 18.76 -0.58 -13.18
CA VAL B 26 18.15 0.14 -12.04
C VAL B 26 19.07 1.24 -11.45
N VAL B 27 18.48 2.42 -11.19
CA VAL B 27 19.16 3.59 -10.61
C VAL B 27 18.41 4.11 -9.38
N VAL B 28 19.15 4.30 -8.30
CA VAL B 28 18.62 4.68 -7.00
C VAL B 28 19.53 5.75 -6.39
N ASP B 29 18.95 6.61 -5.56
CA ASP B 29 19.70 7.55 -4.73
C ASP B 29 19.86 6.92 -3.34
N THR B 30 21.11 6.82 -2.87
CA THR B 30 21.41 6.22 -1.54
C THR B 30 20.65 6.95 -0.45
N ALA B 31 20.65 8.28 -0.54
CA ALA B 31 19.99 9.15 0.45
C ALA B 31 18.46 9.13 0.39
N THR B 32 17.89 9.75 -0.65
CA THR B 32 16.43 9.89 -0.78
C THR B 32 15.72 8.54 -0.75
N GLY B 33 16.28 7.57 -1.49
CA GLY B 33 15.67 6.26 -1.63
C GLY B 33 14.85 6.18 -2.90
N GLU B 34 14.86 7.27 -3.67
CA GLU B 34 14.06 7.36 -4.88
C GLU B 34 14.63 6.51 -6.00
N GLU B 35 13.74 5.74 -6.63
CA GLU B 35 14.06 4.88 -7.76
C GLU B 35 13.90 5.69 -9.06
N LEU B 36 14.97 5.80 -9.85
CA LEU B 36 14.95 6.68 -11.04
C LEU B 36 14.60 5.95 -12.34
N TYR B 37 15.56 5.24 -12.92
CA TYR B 37 15.25 4.32 -14.01
C TYR B 37 15.16 2.94 -13.41
N SER B 38 14.21 2.13 -13.87
CA SER B 38 14.01 0.79 -13.34
C SER B 38 13.31 -0.15 -14.32
N ARG B 39 14.00 -0.47 -15.41
CA ARG B 39 13.48 -1.43 -16.38
C ARG B 39 14.01 -2.85 -16.11
N ASP B 40 13.08 -3.81 -16.09
CA ASP B 40 13.39 -5.25 -15.94
C ASP B 40 14.13 -5.62 -14.64
N GLY B 41 14.07 -4.72 -13.66
CA GLY B 41 14.72 -4.90 -12.36
C GLY B 41 14.37 -6.21 -11.66
N GLY B 42 13.25 -6.80 -12.07
CA GLY B 42 12.81 -8.08 -11.53
C GLY B 42 13.45 -9.29 -12.20
N GLU B 43 14.10 -9.07 -13.33
CA GLU B 43 14.58 -10.19 -14.13
C GLU B 43 15.79 -10.87 -13.53
N GLN B 44 15.79 -12.21 -13.60
CA GLN B 44 16.93 -13.03 -13.18
C GLN B 44 17.94 -13.21 -14.32
N LEU B 45 19.17 -12.79 -14.08
CA LEU B 45 20.18 -12.73 -15.12
C LEU B 45 21.55 -13.12 -14.57
N LEU B 46 22.37 -13.73 -15.43
CA LEU B 46 23.74 -14.08 -15.07
C LEU B 46 24.55 -12.79 -14.87
N PRO B 47 25.22 -12.64 -13.70
CA PRO B 47 25.99 -11.45 -13.38
C PRO B 47 27.44 -11.47 -13.88
N ALA B 48 27.95 -12.67 -14.21
CA ALA B 48 29.39 -12.92 -14.32
C ALA B 48 30.06 -12.25 -13.13
N SER B 49 31.19 -11.59 -13.38
CA SER B 49 32.06 -11.09 -12.30
C SER B 49 31.34 -10.33 -11.19
N ASN B 50 30.17 -9.76 -11.51
CA ASN B 50 29.39 -8.95 -10.56
C ASN B 50 29.04 -9.63 -9.25
N MET B 51 28.87 -10.95 -9.33
CA MET B 51 28.69 -11.84 -8.18
C MET B 51 29.67 -11.54 -7.02
N LYS B 52 30.87 -11.08 -7.38
CA LYS B 52 31.92 -10.69 -6.42
C LYS B 52 31.52 -9.57 -5.47
N LEU B 53 30.50 -8.80 -5.85
CA LEU B 53 29.92 -7.77 -4.99
C LEU B 53 29.18 -8.41 -3.81
N PHE B 54 28.67 -9.61 -4.04
CA PHE B 54 27.93 -10.34 -3.02
C PHE B 54 28.88 -11.20 -2.17
N THR B 55 29.88 -11.80 -2.83
CA THR B 55 30.90 -12.58 -2.13
C THR B 55 31.64 -11.69 -1.13
N ALA B 56 32.09 -10.53 -1.61
CA ALA B 56 32.81 -9.56 -0.78
C ALA B 56 32.01 -9.01 0.42
N ALA B 57 30.72 -8.75 0.21
CA ALA B 57 29.85 -8.31 1.31
C ALA B 57 29.78 -9.38 2.40
N ALA B 58 29.36 -10.58 2.02
CA ALA B 58 29.27 -11.72 2.95
C ALA B 58 30.60 -11.90 3.68
N ALA B 59 31.68 -11.60 2.97
CA ALA B 59 33.04 -11.73 3.49
C ALA B 59 33.35 -10.76 4.63
N LEU B 60 32.96 -9.49 4.48
CA LEU B 60 33.22 -8.51 5.52
C LEU B 60 32.26 -8.75 6.70
N GLU B 61 31.05 -9.21 6.37
CA GLU B 61 29.98 -9.45 7.33
C GLU B 61 30.29 -10.63 8.24
N VAL B 62 30.74 -11.74 7.64
CA VAL B 62 31.10 -12.94 8.39
C VAL B 62 32.48 -12.83 9.05
N LEU B 63 33.51 -12.53 8.25
CA LEU B 63 34.90 -12.60 8.71
C LEU B 63 35.35 -11.29 9.35
N GLY B 64 35.11 -10.19 8.65
CA GLY B 64 35.44 -8.89 9.18
C GLY B 64 36.59 -8.21 8.46
N ALA B 65 36.53 -6.88 8.43
CA ALA B 65 37.58 -6.02 7.88
C ALA B 65 38.94 -6.32 8.49
N ASP B 66 38.91 -6.96 9.66
CA ASP B 66 40.08 -7.21 10.48
C ASP B 66 40.64 -8.64 10.38
N HIS B 67 40.05 -9.49 9.53
CA HIS B 67 40.44 -10.90 9.48
C HIS B 67 41.79 -11.07 8.84
N SER B 68 42.58 -12.00 9.38
CA SER B 68 43.89 -12.34 8.86
C SER B 68 43.88 -13.76 8.30
N PHE B 69 44.89 -14.12 7.51
CA PHE B 69 44.98 -15.50 7.01
C PHE B 69 46.31 -16.19 7.34
N GLY B 70 46.27 -17.06 8.34
CA GLY B 70 47.46 -17.71 8.85
C GLY B 70 47.87 -18.88 7.98
N THR B 71 49.19 -19.06 7.86
CA THR B 71 49.78 -20.24 7.25
C THR B 71 50.91 -20.61 8.19
N GLU B 72 51.05 -21.88 8.51
CA GLU B 72 52.10 -22.30 9.46
C GLU B 72 52.86 -23.54 9.02
N VAL B 73 53.95 -23.81 9.72
CA VAL B 73 54.77 -25.00 9.49
C VAL B 73 54.87 -25.74 10.82
N ALA B 74 54.62 -27.05 10.78
CA ALA B 74 54.52 -27.87 12.00
C ALA B 74 55.04 -29.29 11.88
N ALA B 75 55.78 -29.70 12.90
CA ALA B 75 56.20 -31.08 13.11
C ALA B 75 55.74 -31.48 14.50
N GLU B 76 55.89 -32.76 14.84
CA GLU B 76 55.39 -33.25 16.12
C GLU B 76 56.16 -32.67 17.32
N SER B 77 57.47 -32.79 17.28
CA SER B 77 58.28 -32.37 18.40
C SER B 77 59.35 -31.40 17.93
N ALA B 78 59.57 -30.34 18.70
CA ALA B 78 60.71 -29.45 18.49
C ALA B 78 61.95 -30.27 18.08
N PRO B 79 62.77 -29.73 17.15
CA PRO B 79 63.88 -30.50 16.56
C PRO B 79 64.67 -31.33 17.58
N GLY B 80 64.90 -32.60 17.25
CA GLY B 80 65.68 -33.50 18.07
C GLY B 80 67.14 -33.12 18.18
N ARG B 81 67.92 -33.99 18.82
CA ARG B 81 69.29 -33.68 19.21
C ARG B 81 70.22 -33.31 18.05
N ARG B 82 69.94 -33.85 16.86
CA ARG B 82 70.82 -33.67 15.71
C ARG B 82 70.27 -32.63 14.71
N GLY B 83 69.33 -31.80 15.17
CA GLY B 83 68.69 -30.83 14.30
C GLY B 83 67.60 -31.45 13.44
N GLU B 84 67.37 -32.76 13.62
CA GLU B 84 66.35 -33.45 12.85
C GLU B 84 64.92 -33.23 13.38
N VAL B 85 63.94 -33.34 12.47
CA VAL B 85 62.53 -33.56 12.82
C VAL B 85 62.08 -34.73 11.97
N GLN B 86 60.87 -35.22 12.22
CA GLN B 86 60.35 -36.35 11.44
C GLN B 86 59.69 -35.89 10.12
N ASP B 87 58.39 -36.11 9.97
CA ASP B 87 57.65 -35.55 8.84
C ASP B 87 57.45 -34.08 9.17
N LEU B 88 57.44 -33.24 8.14
CA LEU B 88 57.15 -31.81 8.31
C LEU B 88 55.91 -31.48 7.51
N TYR B 89 55.11 -30.57 8.05
CA TYR B 89 53.79 -30.26 7.49
C TYR B 89 53.63 -28.77 7.25
N LEU B 90 53.40 -28.39 6.00
CA LEU B 90 53.06 -27.00 5.69
C LEU B 90 51.55 -26.85 5.52
N VAL B 91 50.95 -26.10 6.44
CA VAL B 91 49.49 -25.97 6.50
C VAL B 91 49.00 -24.59 6.08
N GLY B 92 48.25 -24.53 4.98
CA GLY B 92 47.59 -23.28 4.57
C GLY B 92 46.19 -23.21 5.14
N ARG B 93 45.77 -22.04 5.58
CA ARG B 93 44.39 -21.90 6.07
C ARG B 93 43.64 -20.79 5.37
N GLY B 94 43.76 -20.76 4.04
CA GLY B 94 43.00 -19.87 3.18
C GLY B 94 43.63 -18.52 2.85
N ASP B 95 44.96 -18.45 2.83
CA ASP B 95 45.59 -17.19 2.46
C ASP B 95 45.60 -17.03 0.94
N PRO B 96 44.75 -16.12 0.43
CA PRO B 96 44.68 -15.85 -0.99
C PRO B 96 45.94 -15.14 -1.51
N THR B 97 46.75 -14.62 -0.59
CA THR B 97 47.90 -13.76 -0.91
C THR B 97 49.24 -14.30 -0.40
N LEU B 98 49.37 -15.63 -0.33
CA LEU B 98 50.59 -16.26 0.16
C LEU B 98 51.61 -16.28 -0.96
N SER B 99 52.69 -15.53 -0.82
CA SER B 99 53.70 -15.45 -1.87
C SER B 99 54.90 -16.35 -1.60
N ALA B 100 55.70 -16.60 -2.64
CA ALA B 100 56.89 -17.42 -2.51
C ALA B 100 57.88 -16.74 -1.56
N GLU B 101 57.85 -15.42 -1.52
CA GLU B 101 58.70 -14.67 -0.59
C GLU B 101 58.34 -15.00 0.86
N ASP B 102 57.06 -15.19 1.13
CA ASP B 102 56.61 -15.62 2.44
C ASP B 102 57.07 -17.07 2.70
N LEU B 103 56.90 -17.94 1.71
CA LEU B 103 57.40 -19.32 1.78
C LEU B 103 58.90 -19.39 2.02
N ASP B 104 59.60 -18.26 1.86
CA ASP B 104 61.02 -18.25 2.14
C ASP B 104 61.27 -17.62 3.51
N ALA B 105 60.46 -16.61 3.80
CA ALA B 105 60.42 -15.95 5.12
C ALA B 105 59.97 -16.92 6.23
N MET B 106 59.39 -18.05 5.84
CA MET B 106 59.00 -19.12 6.77
C MET B 106 60.01 -20.26 6.78
N ALA B 107 60.69 -20.43 5.65
CA ALA B 107 61.72 -21.45 5.52
C ALA B 107 62.90 -21.07 6.40
N ALA B 108 63.16 -19.76 6.50
CA ALA B 108 64.18 -19.23 7.40
C ALA B 108 63.81 -19.46 8.87
N GLU B 109 62.52 -19.32 9.17
CA GLU B 109 62.00 -19.58 10.51
C GLU B 109 62.09 -21.06 10.92
N VAL B 110 62.43 -21.92 9.95
CA VAL B 110 62.57 -23.36 10.21
C VAL B 110 64.02 -23.72 10.59
N ALA B 111 64.97 -23.25 9.77
CA ALA B 111 66.41 -23.44 10.00
C ALA B 111 66.85 -22.75 11.27
N ALA B 112 66.20 -21.63 11.57
CA ALA B 112 66.45 -20.83 12.77
C ALA B 112 65.87 -21.49 14.01
N SER B 113 64.79 -22.25 13.84
CA SER B 113 64.17 -22.97 14.95
C SER B 113 64.83 -24.31 15.26
N GLY B 114 66.01 -24.54 14.69
CA GLY B 114 66.82 -25.69 15.07
C GLY B 114 66.77 -26.87 14.13
N VAL B 115 66.04 -26.74 13.02
CA VAL B 115 65.96 -27.82 12.04
C VAL B 115 67.12 -27.74 11.04
N ARG B 116 67.79 -28.88 10.87
CA ARG B 116 68.85 -29.04 9.88
C ARG B 116 68.41 -30.03 8.82
N THR B 117 67.62 -31.01 9.25
CA THR B 117 67.20 -32.11 8.41
C THR B 117 65.75 -32.48 8.66
N VAL B 118 65.01 -32.67 7.58
CA VAL B 118 63.74 -33.38 7.64
C VAL B 118 64.06 -34.81 7.24
N ARG B 119 63.90 -35.74 8.19
CA ARG B 119 64.22 -37.14 7.96
C ARG B 119 63.15 -37.85 7.14
N GLY B 120 61.90 -37.40 7.28
CA GLY B 120 60.77 -37.97 6.52
C GLY B 120 60.29 -37.12 5.34
N ASP B 121 59.02 -37.31 4.97
CA ASP B 121 58.45 -36.62 3.81
C ASP B 121 57.88 -35.23 4.15
N LEU B 122 57.74 -34.38 3.13
CA LEU B 122 57.16 -33.03 3.28
C LEU B 122 55.71 -32.99 2.81
N TYR B 123 54.81 -32.62 3.73
CA TYR B 123 53.38 -32.71 3.44
C TYR B 123 52.71 -31.36 3.21
N ALA B 124 51.87 -31.32 2.18
CA ALA B 124 51.09 -30.13 1.86
C ALA B 124 49.67 -30.25 2.43
N ASP B 125 49.38 -29.44 3.44
CA ASP B 125 48.11 -29.53 4.14
C ASP B 125 47.15 -28.40 3.76
N ASP B 126 46.25 -28.70 2.84
CA ASP B 126 45.19 -27.76 2.50
C ASP B 126 43.84 -28.29 2.98
N THR B 127 43.88 -29.11 4.02
CA THR B 127 42.67 -29.75 4.56
C THR B 127 41.76 -28.75 5.28
N TRP B 128 42.19 -27.49 5.40
CA TRP B 128 41.35 -26.43 5.94
C TRP B 128 40.17 -26.22 5.02
N PHE B 129 40.35 -26.52 3.74
CA PHE B 129 39.25 -26.61 2.77
C PHE B 129 39.02 -28.07 2.35
N ASP B 130 37.93 -28.33 1.62
CA ASP B 130 37.75 -29.64 0.98
C ASP B 130 38.55 -29.74 -0.31
N SER B 131 38.83 -30.95 -0.77
CA SER B 131 39.66 -31.11 -1.95
C SER B 131 38.79 -31.16 -3.20
N GLU B 132 37.81 -30.27 -3.24
CA GLU B 132 37.02 -30.06 -4.44
C GLU B 132 37.57 -28.79 -5.09
N ARG B 133 38.31 -28.96 -6.18
CA ARG B 133 39.03 -27.86 -6.81
C ARG B 133 38.16 -26.95 -7.67
N LEU B 134 37.13 -27.51 -8.27
CA LEU B 134 36.35 -26.75 -9.24
C LEU B 134 34.85 -26.91 -9.05
N VAL B 135 34.13 -25.81 -9.24
CA VAL B 135 32.67 -25.83 -9.32
C VAL B 135 32.30 -26.60 -10.58
N ASP B 136 31.33 -27.53 -10.47
CA ASP B 136 31.03 -28.47 -11.55
C ASP B 136 30.67 -27.83 -12.87
N ASP B 137 29.70 -26.92 -12.87
CA ASP B 137 29.27 -26.30 -14.13
C ASP B 137 30.30 -25.36 -14.77
N TRP B 138 31.52 -25.32 -14.23
CA TRP B 138 32.62 -24.57 -14.84
C TRP B 138 33.15 -25.30 -16.07
N TRP B 139 33.86 -24.60 -16.94
CA TRP B 139 34.30 -25.25 -18.17
C TRP B 139 35.70 -25.82 -18.10
N PRO B 140 35.81 -27.13 -18.45
CA PRO B 140 37.09 -27.83 -18.57
C PRO B 140 38.00 -27.13 -19.57
N GLU B 141 37.39 -26.41 -20.50
CA GLU B 141 38.09 -25.53 -21.43
C GLU B 141 38.67 -24.26 -20.74
N ASP B 142 38.02 -23.77 -19.70
CA ASP B 142 38.60 -22.64 -18.98
C ASP B 142 39.80 -23.09 -18.15
N GLU B 143 39.79 -24.34 -17.70
CA GLU B 143 40.77 -24.82 -16.71
C GLU B 143 42.20 -24.27 -16.81
N PRO B 144 42.83 -24.27 -18.02
CA PRO B 144 44.23 -23.81 -18.07
C PRO B 144 44.50 -22.34 -17.75
N TYR B 145 43.49 -21.49 -17.86
CA TYR B 145 43.69 -20.04 -17.75
C TYR B 145 43.52 -19.53 -16.33
N ALA B 146 44.43 -18.63 -15.92
CA ALA B 146 44.42 -18.03 -14.59
C ALA B 146 43.04 -17.90 -13.94
N TYR B 147 42.09 -17.28 -14.63
CA TYR B 147 40.78 -16.99 -14.06
C TYR B 147 40.00 -18.26 -13.68
N SER B 148 40.65 -19.42 -13.81
CA SER B 148 40.00 -20.70 -13.56
C SER B 148 40.90 -21.59 -12.68
N ALA B 149 41.81 -20.97 -11.95
CA ALA B 149 42.73 -21.70 -11.09
C ALA B 149 41.95 -22.53 -10.09
N GLN B 150 42.47 -23.74 -9.87
CA GLN B 150 41.95 -24.64 -8.86
C GLN B 150 41.96 -23.98 -7.48
N ILE B 151 40.96 -24.29 -6.66
CA ILE B 151 40.88 -23.71 -5.32
C ILE B 151 41.37 -24.69 -4.25
N SER B 152 42.25 -24.18 -3.39
CA SER B 152 42.93 -24.94 -2.35
C SER B 152 43.04 -23.99 -1.18
N ALA B 153 43.10 -24.53 0.03
CA ALA B 153 43.36 -23.73 1.23
C ALA B 153 44.83 -23.31 1.30
N LEU B 154 45.68 -23.98 0.52
CA LEU B 154 47.13 -23.75 0.54
C LEU B 154 47.62 -23.43 -0.89
N THR B 155 47.70 -22.16 -1.24
CA THR B 155 48.08 -21.86 -2.61
C THR B 155 49.01 -20.65 -2.74
N VAL B 156 50.04 -20.81 -3.58
CA VAL B 156 51.01 -19.73 -3.83
C VAL B 156 50.44 -18.68 -4.77
N ALA B 157 50.24 -17.49 -4.23
CA ALA B 157 49.78 -16.34 -5.00
C ALA B 157 50.94 -15.72 -5.74
N HIS B 158 50.70 -15.33 -6.98
CA HIS B 158 51.77 -14.78 -7.82
C HIS B 158 51.59 -13.31 -8.13
N GLY B 159 52.70 -12.58 -8.06
CA GLY B 159 52.75 -11.17 -8.45
C GLY B 159 52.03 -10.22 -7.51
N GLU B 160 52.21 -8.92 -7.76
CA GLU B 160 51.67 -7.91 -6.87
C GLU B 160 50.14 -7.71 -6.97
N ARG B 161 49.48 -8.55 -7.77
CA ARG B 161 48.00 -8.63 -7.77
C ARG B 161 47.52 -10.04 -7.39
N PHE B 162 48.48 -10.85 -6.93
CA PHE B 162 48.25 -12.16 -6.29
C PHE B 162 47.29 -13.08 -7.02
N ASP B 163 47.73 -13.62 -8.15
CA ASP B 163 46.96 -14.67 -8.86
C ASP B 163 47.34 -16.05 -8.34
N THR B 164 46.35 -16.77 -7.83
CA THR B 164 46.55 -18.06 -7.12
C THR B 164 46.72 -19.29 -8.02
N GLY B 165 47.41 -20.30 -7.48
CA GLY B 165 47.57 -21.60 -8.11
C GLY B 165 48.00 -21.58 -9.57
N VAL B 166 48.83 -20.59 -9.91
CA VAL B 166 49.33 -20.44 -11.28
C VAL B 166 50.85 -20.43 -11.33
N THR B 167 51.41 -20.87 -12.45
CA THR B 167 52.82 -20.71 -12.73
C THR B 167 53.01 -19.70 -13.85
N GLU B 168 54.18 -19.07 -13.92
CA GLU B 168 54.45 -18.09 -14.98
C GLU B 168 55.32 -18.67 -16.09
N VAL B 169 54.65 -19.09 -17.16
CA VAL B 169 55.31 -19.69 -18.31
C VAL B 169 55.87 -18.60 -19.18
N SER B 170 57.17 -18.66 -19.46
CA SER B 170 57.78 -17.80 -20.46
C SER B 170 58.38 -18.60 -21.61
N VAL B 171 58.03 -18.21 -22.84
CA VAL B 171 58.53 -18.82 -24.06
C VAL B 171 59.35 -17.83 -24.86
N THR B 172 60.56 -18.25 -25.25
CA THR B 172 61.54 -17.39 -25.96
C THR B 172 62.13 -18.13 -27.16
N PRO B 173 62.23 -17.45 -28.32
CA PRO B 173 62.60 -18.13 -29.56
C PRO B 173 64.10 -18.31 -29.74
N ALA B 174 64.50 -19.42 -30.35
CA ALA B 174 65.91 -19.64 -30.71
C ALA B 174 66.18 -19.00 -32.07
N ALA B 175 67.01 -19.65 -32.88
CA ALA B 175 67.10 -19.32 -34.29
C ALA B 175 66.08 -20.15 -35.08
N GLU B 176 65.70 -19.63 -36.24
CA GLU B 176 64.62 -20.17 -37.06
C GLU B 176 64.69 -21.68 -37.34
N GLY B 177 63.56 -22.34 -37.16
CA GLY B 177 63.42 -23.77 -37.48
C GLY B 177 63.58 -24.68 -36.27
N GLU B 178 64.39 -24.21 -35.32
CA GLU B 178 64.67 -24.92 -34.07
C GLU B 178 63.50 -24.74 -33.07
N PRO B 179 63.21 -25.80 -32.27
CA PRO B 179 62.30 -25.67 -31.14
C PRO B 179 62.54 -24.41 -30.30
N ALA B 180 61.44 -23.81 -29.85
CA ALA B 180 61.48 -22.65 -28.99
C ALA B 180 61.78 -23.07 -27.55
N ASP B 181 62.32 -22.14 -26.78
CA ASP B 181 62.76 -22.41 -25.42
C ASP B 181 61.71 -21.97 -24.43
N VAL B 182 61.31 -22.91 -23.57
CA VAL B 182 60.20 -22.70 -22.66
C VAL B 182 60.60 -22.90 -21.19
N ASP B 183 60.46 -21.83 -20.41
CA ASP B 183 60.70 -21.90 -18.99
C ASP B 183 59.35 -21.98 -18.29
N LEU B 184 59.19 -23.00 -17.46
CA LEU B 184 57.89 -23.25 -16.81
C LEU B 184 57.59 -22.32 -15.62
N GLY B 185 58.54 -21.48 -15.25
CA GLY B 185 58.37 -20.58 -14.11
C GLY B 185 58.50 -21.33 -12.80
N ALA B 186 57.66 -20.97 -11.82
CA ALA B 186 57.69 -21.62 -10.51
C ALA B 186 57.50 -23.13 -10.59
N ALA B 187 56.63 -23.56 -11.50
CA ALA B 187 56.30 -24.98 -11.63
C ALA B 187 57.45 -25.81 -12.19
N GLU B 188 58.66 -25.26 -12.19
CA GLU B 188 59.82 -25.91 -12.78
C GLU B 188 60.18 -27.18 -12.01
N GLY B 189 60.04 -28.33 -12.65
CA GLY B 189 60.24 -29.59 -11.97
C GLY B 189 59.08 -29.96 -11.07
N TYR B 190 57.92 -29.37 -11.35
CA TYR B 190 56.64 -29.86 -10.85
C TYR B 190 55.84 -30.29 -12.07
N ALA B 191 55.23 -29.33 -12.75
CA ALA B 191 54.50 -29.62 -13.98
C ALA B 191 55.45 -30.11 -15.07
N GLU B 192 54.94 -30.99 -15.94
CA GLU B 192 55.72 -31.52 -17.06
C GLU B 192 55.55 -30.68 -18.33
N LEU B 193 56.58 -30.64 -19.16
CA LEU B 193 56.58 -29.84 -20.40
C LEU B 193 56.45 -30.72 -21.63
N ASP B 194 55.50 -30.36 -22.49
CA ASP B 194 55.29 -31.02 -23.78
C ASP B 194 55.50 -29.97 -24.87
N ASN B 195 56.75 -29.82 -25.30
CA ASN B 195 57.13 -28.73 -26.19
C ASN B 195 57.26 -29.16 -27.64
N ARG B 196 56.21 -28.88 -28.42
CA ARG B 196 56.22 -29.25 -29.82
C ARG B 196 56.13 -27.98 -30.68
N ALA B 197 56.72 -26.90 -30.17
CA ALA B 197 56.64 -25.57 -30.80
C ALA B 197 57.96 -25.11 -31.43
N VAL B 198 57.85 -24.45 -32.60
CA VAL B 198 58.99 -24.01 -33.44
C VAL B 198 59.30 -22.52 -33.29
N THR B 199 60.57 -22.14 -33.45
CA THR B 199 60.87 -20.74 -33.75
C THR B 199 60.56 -20.53 -35.23
N GLY B 200 59.90 -19.42 -35.55
CA GLY B 200 59.54 -19.11 -36.92
C GLY B 200 60.57 -18.22 -37.60
N ALA B 201 60.37 -18.04 -38.90
CA ALA B 201 61.11 -17.06 -39.66
C ALA B 201 60.82 -15.71 -39.07
N ALA B 202 61.83 -14.84 -39.08
CA ALA B 202 61.64 -13.47 -38.66
C ALA B 202 60.60 -12.83 -39.56
N GLY B 203 59.75 -12.00 -38.97
CA GLY B 203 58.74 -11.29 -39.73
C GLY B 203 57.44 -12.04 -39.85
N SER B 204 57.49 -13.36 -39.59
CA SER B 204 56.31 -14.24 -39.66
C SER B 204 55.22 -13.95 -38.60
N ALA B 205 54.13 -14.69 -38.69
CA ALA B 205 53.01 -14.59 -37.74
C ALA B 205 53.28 -15.37 -36.45
N ASN B 206 52.67 -14.92 -35.36
CA ASN B 206 52.77 -15.61 -34.10
C ASN B 206 51.61 -16.57 -34.01
N THR B 207 51.89 -17.84 -33.75
CA THR B 207 50.81 -18.81 -33.57
C THR B 207 51.02 -19.62 -32.29
N LEU B 208 51.87 -19.11 -31.42
CA LEU B 208 52.19 -19.78 -30.17
C LEU B 208 50.94 -20.11 -29.37
N VAL B 209 50.80 -21.39 -28.98
CA VAL B 209 49.73 -21.77 -28.06
C VAL B 209 50.33 -22.37 -26.80
N ILE B 210 49.82 -21.96 -25.64
CA ILE B 210 50.26 -22.51 -24.35
C ILE B 210 49.04 -23.08 -23.64
N ASP B 211 49.06 -24.38 -23.38
CA ASP B 211 47.86 -25.10 -22.98
C ASP B 211 48.20 -25.96 -21.75
N ARG B 212 47.19 -26.34 -20.98
CA ARG B 212 47.33 -27.45 -20.03
C ARG B 212 46.27 -28.53 -20.29
N PRO B 213 46.55 -29.46 -21.22
CA PRO B 213 45.53 -30.43 -21.56
C PRO B 213 44.77 -30.88 -20.31
N VAL B 214 43.51 -30.48 -20.25
CA VAL B 214 42.51 -31.05 -19.34
C VAL B 214 43.00 -32.23 -18.48
N GLY B 215 43.03 -32.01 -17.17
CA GLY B 215 43.32 -33.09 -16.23
C GLY B 215 44.68 -33.71 -16.45
N THR B 216 45.67 -32.88 -16.75
CA THR B 216 47.08 -33.25 -16.70
C THR B 216 47.85 -32.13 -16.01
N ASN B 217 49.01 -32.47 -15.44
CA ASN B 217 49.92 -31.49 -14.89
C ASN B 217 50.99 -31.24 -15.95
N THR B 218 50.52 -30.98 -17.17
CA THR B 218 51.36 -30.97 -18.35
C THR B 218 51.14 -29.67 -19.13
N ILE B 219 52.14 -28.80 -19.10
CA ILE B 219 52.13 -27.58 -19.91
C ILE B 219 52.58 -27.95 -21.32
N ALA B 220 51.70 -27.76 -22.30
CA ALA B 220 51.98 -28.08 -23.70
C ALA B 220 52.03 -26.82 -24.58
N VAL B 221 53.22 -26.56 -25.14
CA VAL B 221 53.49 -25.35 -25.94
C VAL B 221 53.52 -25.72 -27.42
N THR B 222 52.62 -25.14 -28.21
CA THR B 222 52.52 -25.43 -29.65
C THR B 222 52.52 -24.14 -30.46
N GLY B 223 52.65 -24.27 -31.78
CA GLY B 223 52.64 -23.12 -32.70
C GLY B 223 54.02 -22.68 -33.14
N SER B 224 54.07 -21.71 -34.05
CA SER B 224 55.32 -21.08 -34.46
C SER B 224 55.51 -19.77 -33.69
N LEU B 225 56.75 -19.43 -33.40
CA LEU B 225 57.06 -18.16 -32.75
C LEU B 225 58.21 -17.50 -33.49
N PRO B 226 57.96 -16.31 -34.07
CA PRO B 226 58.98 -15.61 -34.88
C PRO B 226 60.19 -15.11 -34.06
N ALA B 227 61.39 -15.21 -34.65
CA ALA B 227 62.65 -14.83 -33.99
C ALA B 227 62.69 -13.37 -33.52
N ASP B 228 62.19 -12.47 -34.36
CA ASP B 228 62.13 -11.04 -34.04
C ASP B 228 61.07 -10.68 -33.00
N ALA B 229 60.41 -11.71 -32.45
CA ALA B 229 59.40 -11.53 -31.41
C ALA B 229 60.03 -11.47 -30.02
N ALA B 230 59.45 -10.64 -29.14
CA ALA B 230 59.85 -10.55 -27.75
C ALA B 230 59.31 -11.77 -27.00
N PRO B 231 60.00 -12.19 -25.93
CA PRO B 231 59.53 -13.28 -25.10
C PRO B 231 58.05 -13.18 -24.73
N VAL B 232 57.32 -14.26 -25.04
CA VAL B 232 55.96 -14.44 -24.58
C VAL B 232 55.95 -14.79 -23.09
N THR B 233 55.12 -14.09 -22.33
CA THR B 233 55.07 -14.28 -20.90
C THR B 233 53.60 -14.41 -20.49
N ALA B 234 53.23 -15.60 -20.06
CA ALA B 234 51.84 -15.86 -19.73
C ALA B 234 51.66 -16.76 -18.54
N LEU B 235 50.66 -16.40 -17.73
CA LEU B 235 50.26 -17.16 -16.55
C LEU B 235 49.41 -18.36 -16.95
N ARG B 236 49.66 -19.49 -16.28
CA ARG B 236 48.91 -20.72 -16.52
C ARG B 236 48.66 -21.52 -15.25
N THR B 237 47.44 -22.02 -15.09
CA THR B 237 47.08 -22.87 -13.95
C THR B 237 47.83 -24.23 -13.95
N VAL B 238 47.90 -24.82 -12.75
CA VAL B 238 48.58 -26.11 -12.51
C VAL B 238 47.72 -26.98 -11.63
N ASP B 239 47.77 -28.29 -11.86
CA ASP B 239 47.04 -29.26 -11.05
C ASP B 239 47.61 -29.25 -9.66
N GLU B 240 46.73 -29.38 -8.67
CA GLU B 240 47.09 -29.44 -7.25
C GLU B 240 47.98 -28.27 -6.81
N PRO B 241 47.35 -27.11 -6.59
CA PRO B 241 48.07 -25.89 -6.31
C PRO B 241 48.93 -26.01 -5.05
N ALA B 242 48.46 -26.82 -4.10
CA ALA B 242 49.14 -26.97 -2.83
C ALA B 242 50.38 -27.85 -2.92
N ALA B 243 50.36 -28.88 -3.76
CA ALA B 243 51.54 -29.72 -3.97
C ALA B 243 52.62 -28.92 -4.67
N LEU B 244 52.21 -27.86 -5.38
CA LEU B 244 53.14 -26.89 -5.95
C LEU B 244 53.64 -26.01 -4.82
N ALA B 245 52.74 -25.57 -3.95
CA ALA B 245 53.17 -24.82 -2.77
C ALA B 245 54.14 -25.64 -1.95
N GLY B 246 53.93 -26.95 -1.91
CA GLY B 246 54.87 -27.86 -1.28
C GLY B 246 56.20 -27.90 -2.02
N HIS B 247 56.12 -28.09 -3.34
CA HIS B 247 57.30 -28.15 -4.19
C HIS B 247 58.21 -26.93 -4.03
N LEU B 248 57.60 -25.75 -3.98
CA LEU B 248 58.32 -24.49 -3.74
C LEU B 248 58.99 -24.44 -2.37
N PHE B 249 58.35 -25.06 -1.38
CA PHE B 249 58.85 -25.03 -0.01
C PHE B 249 60.03 -25.97 0.19
N GLU B 250 59.96 -27.16 -0.41
CA GLU B 250 61.05 -28.12 -0.39
C GLU B 250 62.32 -27.47 -0.90
N GLU B 251 62.18 -26.70 -1.97
CA GLU B 251 63.24 -25.86 -2.51
C GLU B 251 63.65 -24.81 -1.48
N ALA B 252 62.68 -24.07 -0.96
CA ALA B 252 62.97 -22.93 -0.07
C ALA B 252 63.70 -23.35 1.21
N LEU B 253 63.42 -24.55 1.67
CA LEU B 253 64.08 -25.08 2.85
C LEU B 253 65.50 -25.46 2.45
N GLU B 254 65.61 -26.16 1.33
CA GLU B 254 66.90 -26.58 0.79
C GLU B 254 67.81 -25.38 0.53
N SER B 255 67.19 -24.29 0.12
CA SER B 255 67.86 -23.01 -0.11
C SER B 255 68.24 -22.31 1.19
N ASN B 256 67.59 -22.70 2.30
CA ASN B 256 67.86 -22.16 3.62
C ASN B 256 68.54 -23.13 4.59
N GLY B 257 69.29 -24.07 4.02
CA GLY B 257 70.15 -24.97 4.81
C GLY B 257 69.40 -26.07 5.56
N VAL B 258 68.24 -26.45 5.04
CA VAL B 258 67.47 -27.57 5.58
C VAL B 258 67.30 -28.63 4.51
N THR B 259 67.87 -29.82 4.73
CA THR B 259 67.66 -30.91 3.80
C THR B 259 66.26 -31.47 3.99
N VAL B 260 65.75 -32.12 2.95
CA VAL B 260 64.52 -32.90 3.05
C VAL B 260 64.75 -34.27 2.43
N LYS B 261 65.02 -35.26 3.28
CA LYS B 261 65.26 -36.63 2.84
C LYS B 261 64.10 -37.18 2.01
N GLY B 262 62.87 -36.92 2.47
CA GLY B 262 61.66 -37.51 1.90
C GLY B 262 61.10 -36.79 0.69
N ASP B 263 59.83 -37.11 0.37
CA ASP B 263 59.14 -36.58 -0.81
C ASP B 263 58.09 -35.57 -0.42
N VAL B 264 57.65 -34.82 -1.42
CA VAL B 264 56.59 -33.84 -1.26
C VAL B 264 55.28 -34.43 -1.77
N GLY B 265 54.33 -34.58 -0.85
CA GLY B 265 52.95 -34.91 -1.18
C GLY B 265 52.00 -33.98 -0.44
N LEU B 266 50.71 -34.14 -0.70
CA LEU B 266 49.68 -33.51 0.13
C LEU B 266 49.41 -34.40 1.36
N GLY B 267 48.88 -33.80 2.43
CA GLY B 267 48.60 -34.57 3.64
C GLY B 267 48.28 -33.74 4.85
N GLY B 268 47.25 -34.16 5.57
CA GLY B 268 46.81 -33.46 6.77
C GLY B 268 47.60 -33.85 8.00
N VAL B 269 47.78 -32.90 8.90
CA VAL B 269 48.37 -33.19 10.19
C VAL B 269 47.57 -34.35 10.82
N PRO B 270 48.26 -35.46 11.17
CA PRO B 270 47.71 -36.72 11.72
C PRO B 270 46.51 -36.63 12.67
N ALA B 271 46.40 -35.54 13.43
CA ALA B 271 45.29 -35.31 14.39
C ALA B 271 45.26 -36.26 15.61
N ASP B 272 46.17 -37.24 15.60
CA ASP B 272 46.55 -37.96 16.80
C ASP B 272 47.76 -37.22 17.40
N TRP B 273 48.34 -36.32 16.60
CA TRP B 273 49.38 -35.39 17.03
C TRP B 273 48.89 -34.48 18.15
N GLN B 274 49.63 -34.52 19.27
CA GLN B 274 49.13 -34.03 20.56
C GLN B 274 49.57 -32.59 20.87
N ASP B 275 50.86 -32.31 20.67
CA ASP B 275 51.40 -30.97 20.97
C ASP B 275 52.17 -30.36 19.79
N ALA B 276 52.21 -31.08 18.66
CA ALA B 276 52.86 -30.62 17.43
C ALA B 276 53.40 -29.18 17.47
N GLU B 277 54.74 -29.05 17.57
CA GLU B 277 55.41 -27.76 17.66
C GLU B 277 55.19 -26.93 16.39
N VAL B 278 54.90 -25.64 16.56
CA VAL B 278 54.74 -24.72 15.42
C VAL B 278 56.09 -24.06 15.12
N LEU B 279 56.83 -24.67 14.20
CA LEU B 279 58.20 -24.26 13.89
C LEU B 279 58.32 -22.90 13.20
N ALA B 280 57.37 -22.60 12.32
CA ALA B 280 57.39 -21.33 11.61
C ALA B 280 55.97 -20.96 11.23
N ASP B 281 55.68 -19.67 11.20
CA ASP B 281 54.38 -19.19 10.72
C ASP B 281 54.47 -17.90 9.91
N HIS B 282 53.31 -17.48 9.39
CA HIS B 282 53.16 -16.25 8.62
C HIS B 282 51.68 -15.83 8.59
N THR B 283 51.47 -14.53 8.42
CA THR B 283 50.16 -13.94 8.42
C THR B 283 49.99 -13.04 7.17
N SER B 284 48.74 -12.80 6.80
CA SER B 284 48.40 -11.92 5.71
C SER B 284 47.89 -10.60 6.24
N ALA B 285 47.71 -9.65 5.33
CA ALA B 285 47.09 -8.38 5.66
C ALA B 285 45.63 -8.65 5.96
N GLU B 286 45.02 -7.76 6.74
CA GLU B 286 43.61 -7.87 7.08
C GLU B 286 42.73 -7.69 5.82
N LEU B 287 41.46 -8.06 5.94
CA LEU B 287 40.57 -8.11 4.78
C LEU B 287 40.45 -6.80 4.01
N SER B 288 40.39 -5.68 4.71
CA SER B 288 40.28 -4.38 4.04
C SER B 288 41.32 -4.22 2.94
N GLU B 289 42.53 -4.71 3.23
CA GLU B 289 43.70 -4.60 2.36
C GLU B 289 43.65 -5.55 1.17
N ILE B 290 43.16 -6.76 1.40
CA ILE B 290 43.09 -7.80 0.37
C ILE B 290 41.97 -7.52 -0.63
N LEU B 291 40.94 -6.79 -0.19
CA LEU B 291 39.86 -6.36 -1.08
C LEU B 291 40.35 -5.53 -2.28
N VAL B 292 41.45 -4.80 -2.10
CA VAL B 292 41.94 -3.91 -3.16
C VAL B 292 42.31 -4.73 -4.40
N PRO B 293 43.26 -5.67 -4.30
CA PRO B 293 43.56 -6.44 -5.52
C PRO B 293 42.39 -7.31 -6.02
N PHE B 294 41.69 -7.94 -5.08
CA PHE B 294 40.60 -8.87 -5.34
C PHE B 294 39.44 -8.28 -6.15
N MET B 295 39.06 -7.04 -5.83
CA MET B 295 37.98 -6.41 -6.55
C MET B 295 38.53 -5.63 -7.74
N LYS B 296 39.57 -4.81 -7.48
CA LYS B 296 40.24 -4.04 -8.53
C LYS B 296 40.39 -4.84 -9.84
N PHE B 297 41.07 -5.99 -9.75
CA PHE B 297 41.34 -6.79 -10.93
C PHE B 297 40.48 -8.04 -10.98
N SER B 298 39.53 -8.13 -10.04
CA SER B 298 38.50 -9.17 -10.03
C SER B 298 39.14 -10.57 -10.03
N ASN B 299 39.68 -11.00 -8.88
CA ASN B 299 40.30 -12.31 -8.77
C ASN B 299 39.25 -13.41 -8.51
N ASN B 300 39.16 -14.38 -9.42
CA ASN B 300 38.24 -15.51 -9.20
C ASN B 300 38.69 -16.45 -8.08
N GLY B 301 39.92 -16.95 -8.19
CA GLY B 301 40.56 -17.65 -7.07
C GLY B 301 40.18 -17.09 -5.70
N HIS B 302 40.39 -15.78 -5.47
CA HIS B 302 40.16 -15.14 -4.17
C HIS B 302 38.72 -15.37 -3.74
N ALA B 303 37.79 -15.08 -4.65
CA ALA B 303 36.37 -15.09 -4.33
C ALA B 303 35.97 -16.45 -3.78
N GLU B 304 36.20 -17.51 -4.57
CA GLU B 304 35.98 -18.89 -4.14
C GLU B 304 36.55 -19.18 -2.75
N MET B 305 37.80 -18.77 -2.55
CA MET B 305 38.46 -18.91 -1.26
C MET B 305 37.69 -18.22 -0.15
N LEU B 306 37.26 -16.99 -0.40
CA LEU B 306 36.48 -16.27 0.61
C LEU B 306 35.16 -16.96 0.88
N VAL B 307 34.67 -17.74 -0.08
CA VAL B 307 33.44 -18.49 0.12
C VAL B 307 33.70 -19.58 1.15
N LYS B 308 34.77 -20.35 0.93
CA LYS B 308 35.06 -21.49 1.77
C LYS B 308 35.56 -21.12 3.17
N SER B 309 36.07 -19.89 3.31
CA SER B 309 36.42 -19.31 4.62
C SER B 309 35.17 -18.90 5.38
N ILE B 310 34.18 -18.38 4.64
CA ILE B 310 32.87 -18.10 5.18
C ILE B 310 32.26 -19.41 5.66
N GLY B 311 32.15 -20.39 4.75
CA GLY B 311 31.71 -21.74 5.08
C GLY B 311 32.41 -22.36 6.29
N GLN B 312 33.71 -22.13 6.40
CA GLN B 312 34.44 -22.59 7.56
C GLN B 312 33.99 -21.90 8.85
N GLU B 313 34.01 -20.57 8.84
CA GLU B 313 33.62 -19.79 10.01
C GLU B 313 32.19 -20.10 10.45
N THR B 314 31.25 -20.05 9.51
CA THR B 314 29.82 -20.18 9.81
C THR B 314 29.34 -21.61 10.04
N ALA B 315 30.14 -22.61 9.65
CA ALA B 315 29.73 -24.00 9.80
C ALA B 315 30.87 -25.01 10.02
N GLY B 316 32.09 -24.51 10.26
CA GLY B 316 33.27 -25.38 10.43
C GLY B 316 33.49 -26.29 9.24
N ALA B 317 33.22 -25.75 8.05
CA ALA B 317 33.31 -26.51 6.80
C ALA B 317 33.77 -25.65 5.62
N GLY B 318 35.00 -25.88 5.18
CA GLY B 318 35.53 -25.18 4.01
C GLY B 318 35.01 -25.82 2.74
N THR B 319 33.69 -25.81 2.58
CA THR B 319 33.05 -26.37 1.39
C THR B 319 32.21 -25.30 0.66
N TRP B 320 31.88 -25.55 -0.61
CA TRP B 320 31.04 -24.61 -1.35
C TRP B 320 29.59 -24.63 -0.82
N ASP B 321 29.03 -25.83 -0.65
CA ASP B 321 27.66 -26.01 -0.15
C ASP B 321 27.45 -25.22 1.13
N ALA B 322 28.37 -25.36 2.08
CA ALA B 322 28.29 -24.64 3.35
C ALA B 322 28.64 -23.15 3.19
N GLY B 323 29.68 -22.89 2.40
CA GLY B 323 30.13 -21.53 2.15
C GLY B 323 29.02 -20.64 1.63
N LEU B 324 28.25 -21.16 0.68
CA LEU B 324 27.21 -20.39 0.01
C LEU B 324 25.96 -20.13 0.88
N VAL B 325 25.56 -21.15 1.65
CA VAL B 325 24.47 -21.03 2.63
C VAL B 325 24.81 -19.90 3.60
N GLY B 326 26.04 -19.93 4.11
CA GLY B 326 26.55 -18.88 4.97
C GLY B 326 26.64 -17.52 4.29
N VAL B 327 27.03 -17.50 3.03
CA VAL B 327 27.06 -16.25 2.27
C VAL B 327 25.63 -15.76 2.11
N GLU B 328 24.75 -16.65 1.65
CA GLU B 328 23.34 -16.32 1.44
C GLU B 328 22.68 -15.80 2.74
N GLU B 329 22.89 -16.51 3.85
CA GLU B 329 22.46 -16.04 5.17
C GLU B 329 23.04 -14.67 5.46
N ALA B 330 24.36 -14.55 5.35
CA ALA B 330 25.07 -13.31 5.64
C ALA B 330 24.45 -12.09 4.95
N LEU B 331 24.05 -12.26 3.69
CA LEU B 331 23.46 -11.19 2.91
C LEU B 331 22.16 -10.70 3.55
N SER B 332 21.26 -11.65 3.83
CA SER B 332 19.98 -11.32 4.42
C SER B 332 20.18 -10.67 5.78
N GLY B 333 21.10 -11.22 6.56
CA GLY B 333 21.51 -10.63 7.84
C GLY B 333 21.89 -9.17 7.69
N LEU B 334 22.44 -8.82 6.54
CA LEU B 334 22.89 -7.44 6.27
C LEU B 334 21.71 -6.49 5.99
N GLY B 335 20.62 -7.04 5.46
CA GLY B 335 19.42 -6.27 5.18
C GLY B 335 18.84 -6.52 3.80
N VAL B 336 19.60 -7.24 2.98
CA VAL B 336 19.22 -7.53 1.60
C VAL B 336 18.07 -8.54 1.49
N ASP B 337 17.36 -8.51 0.36
CA ASP B 337 16.32 -9.51 0.04
C ASP B 337 16.89 -10.56 -0.93
N THR B 338 17.14 -11.76 -0.42
CA THR B 338 17.82 -12.82 -1.18
C THR B 338 16.85 -13.84 -1.81
N ALA B 339 15.76 -13.33 -2.38
CA ALA B 339 14.75 -14.18 -2.99
C ALA B 339 14.95 -14.25 -4.50
N GLY B 340 15.75 -13.33 -5.02
CA GLY B 340 16.15 -13.36 -6.42
C GLY B 340 17.33 -14.30 -6.60
N LEU B 341 18.46 -13.94 -5.98
CA LEU B 341 19.74 -14.68 -6.04
C LEU B 341 19.64 -16.19 -6.09
N VAL B 342 20.35 -16.78 -7.05
CA VAL B 342 20.68 -18.19 -7.00
C VAL B 342 22.20 -18.22 -6.99
N LEU B 343 22.76 -18.76 -5.90
CA LEU B 343 24.18 -18.74 -5.65
C LEU B 343 24.82 -20.05 -6.10
N ASN B 344 25.85 -19.98 -6.92
CA ASN B 344 26.57 -21.18 -7.30
C ASN B 344 28.08 -21.09 -7.13
N ASP B 345 28.63 -19.88 -7.13
CA ASP B 345 30.03 -19.67 -6.72
C ASP B 345 30.36 -18.29 -6.15
N GLY B 346 31.64 -18.06 -5.87
CA GLY B 346 32.08 -16.78 -5.37
C GLY B 346 32.27 -15.82 -6.51
N SER B 347 33.01 -16.29 -7.52
CA SER B 347 33.60 -15.45 -8.56
C SER B 347 32.58 -14.82 -9.48
N GLY B 348 31.60 -15.62 -9.89
CA GLY B 348 30.64 -15.24 -10.89
C GLY B 348 30.98 -15.87 -12.21
N LEU B 349 32.03 -16.67 -12.24
CA LEU B 349 32.38 -17.48 -13.41
C LEU B 349 31.24 -18.47 -13.71
N SER B 350 30.68 -19.05 -12.66
CA SER B 350 29.68 -20.10 -12.79
C SER B 350 28.43 -19.63 -13.53
N ARG B 351 28.10 -20.37 -14.59
CA ARG B 351 26.96 -20.03 -15.42
C ARG B 351 25.61 -20.44 -14.81
N GLY B 352 25.67 -21.09 -13.64
CA GLY B 352 24.48 -21.48 -12.86
C GLY B 352 24.07 -20.49 -11.80
N ASN B 353 24.62 -19.28 -11.89
CA ASN B 353 24.22 -18.15 -11.06
C ASN B 353 23.11 -17.38 -11.73
N LEU B 354 22.36 -16.60 -10.92
CA LEU B 354 21.39 -15.61 -11.41
C LEU B 354 21.26 -14.54 -10.36
N VAL B 355 21.29 -13.28 -10.80
CA VAL B 355 20.92 -12.15 -9.93
C VAL B 355 19.81 -11.34 -10.64
N THR B 356 19.01 -10.59 -9.89
CA THR B 356 18.16 -9.57 -10.51
C THR B 356 18.93 -8.27 -10.46
N ALA B 357 18.51 -7.32 -11.30
CA ALA B 357 19.12 -6.00 -11.31
C ALA B 357 18.87 -5.32 -9.97
N ASP B 358 17.64 -5.43 -9.47
CA ASP B 358 17.23 -4.88 -8.18
C ASP B 358 18.04 -5.41 -7.00
N THR B 359 18.11 -6.74 -6.88
CA THR B 359 18.84 -7.38 -5.79
C THR B 359 20.25 -6.82 -5.70
N VAL B 360 20.80 -6.47 -6.84
CA VAL B 360 22.15 -5.93 -6.88
C VAL B 360 22.12 -4.55 -6.23
N VAL B 361 21.27 -3.66 -6.72
CA VAL B 361 21.18 -2.32 -6.16
C VAL B 361 20.89 -2.40 -4.65
N ASP B 362 19.84 -3.13 -4.29
CA ASP B 362 19.51 -3.41 -2.89
C ASP B 362 20.78 -3.52 -2.02
N LEU B 363 21.67 -4.44 -2.40
CA LEU B 363 22.93 -4.68 -1.70
C LEU B 363 23.82 -3.45 -1.63
N LEU B 364 24.00 -2.78 -2.75
CA LEU B 364 24.81 -1.57 -2.81
C LEU B 364 24.23 -0.48 -1.88
N GLY B 365 22.92 -0.55 -1.66
CA GLY B 365 22.24 0.34 -0.73
C GLY B 365 22.64 0.02 0.70
N GLN B 366 22.38 -1.22 1.10
CA GLN B 366 22.70 -1.67 2.45
C GLN B 366 24.19 -1.45 2.75
N ALA B 367 25.04 -1.99 1.87
CA ALA B 367 26.49 -1.77 1.94
C ALA B 367 26.82 -0.30 2.11
N GLY B 368 26.08 0.56 1.39
CA GLY B 368 26.31 2.01 1.37
C GLY B 368 26.46 2.68 2.73
N SER B 369 25.91 2.05 3.77
CA SER B 369 25.89 2.63 5.10
C SER B 369 26.79 1.90 6.11
N ALA B 370 26.76 0.56 6.05
CA ALA B 370 27.54 -0.37 6.91
C ALA B 370 28.84 0.14 7.56
N PRO B 371 29.28 -0.51 8.67
CA PRO B 371 30.53 -0.13 9.34
C PRO B 371 31.74 -0.17 8.40
N TRP B 372 31.73 -1.09 7.45
CA TRP B 372 32.88 -1.28 6.57
C TRP B 372 32.83 -0.53 5.22
N ALA B 373 31.71 0.13 4.94
CA ALA B 373 31.50 0.88 3.69
C ALA B 373 32.76 1.65 3.26
N GLN B 374 33.52 2.11 4.26
CA GLN B 374 34.80 2.78 4.08
C GLN B 374 35.63 2.10 2.97
N THR B 375 35.92 0.82 3.16
CA THR B 375 36.74 0.08 2.23
C THR B 375 35.93 -0.54 1.12
N TRP B 376 34.62 -0.61 1.31
CA TRP B 376 33.72 -1.16 0.30
C TRP B 376 33.87 -0.34 -0.97
N SER B 377 33.51 0.94 -0.88
CA SER B 377 33.56 1.84 -2.03
C SER B 377 34.98 2.31 -2.37
N ALA B 378 35.97 1.54 -1.92
CA ALA B 378 37.39 1.86 -2.11
C ALA B 378 38.11 0.81 -2.93
N SER B 379 37.66 -0.43 -2.76
CA SER B 379 38.19 -1.57 -3.53
C SER B 379 37.61 -1.54 -4.93
N LEU B 380 36.55 -0.77 -5.09
CA LEU B 380 35.81 -0.75 -6.32
C LEU B 380 36.60 -0.09 -7.45
N PRO B 381 36.64 -0.75 -8.61
CA PRO B 381 37.24 -0.19 -9.82
C PRO B 381 36.67 1.19 -10.14
N VAL B 382 37.57 2.15 -10.39
CA VAL B 382 37.19 3.54 -10.64
C VAL B 382 37.32 3.89 -12.12
N ALA B 383 36.30 4.56 -12.65
CA ALA B 383 36.22 4.93 -14.07
C ALA B 383 37.43 5.70 -14.60
N GLY B 384 38.03 5.17 -15.67
CA GLY B 384 39.11 5.84 -16.40
C GLY B 384 40.22 6.41 -15.53
N GLU B 385 40.91 5.53 -14.82
CA GLU B 385 42.06 5.93 -14.01
C GLU B 385 43.30 5.20 -14.49
N SER B 386 44.22 5.96 -15.07
CA SER B 386 45.47 5.44 -15.62
C SER B 386 46.17 4.39 -14.75
N ASP B 387 46.21 4.64 -13.43
CA ASP B 387 46.86 3.74 -12.46
C ASP B 387 46.06 2.46 -12.22
N PRO B 388 46.63 1.29 -12.60
CA PRO B 388 45.95 0.01 -12.45
C PRO B 388 45.25 -0.17 -11.12
N PHE B 389 45.96 0.10 -10.02
CA PHE B 389 45.42 -0.16 -8.68
C PHE B 389 44.31 0.79 -8.25
N VAL B 390 44.00 1.77 -9.11
CA VAL B 390 42.87 2.68 -8.92
C VAL B 390 41.81 2.34 -9.97
N GLY B 391 42.26 2.18 -11.21
CA GLY B 391 41.37 1.95 -12.34
C GLY B 391 40.89 0.53 -12.49
N GLY B 392 41.78 -0.42 -12.25
CA GLY B 392 41.46 -1.84 -12.40
C GLY B 392 40.84 -2.12 -13.75
N THR B 393 39.84 -3.00 -13.77
CA THR B 393 39.10 -3.32 -14.99
C THR B 393 38.40 -2.12 -15.65
N LEU B 394 38.48 -0.94 -15.00
CA LEU B 394 37.89 0.28 -15.57
C LEU B 394 38.95 1.31 -15.91
N ALA B 395 40.19 0.86 -15.97
CA ALA B 395 41.32 1.73 -16.27
C ALA B 395 41.18 2.37 -17.64
N ASN B 396 40.69 1.61 -18.62
CA ASN B 396 40.60 2.13 -19.99
C ASN B 396 39.20 2.55 -20.44
N ARG B 397 38.23 2.46 -19.52
CA ARG B 397 36.85 2.82 -19.83
C ARG B 397 36.48 4.17 -19.24
N MET B 398 36.01 5.07 -20.10
CA MET B 398 35.46 6.38 -19.72
C MET B 398 36.47 7.49 -19.38
N ARG B 399 37.55 7.60 -20.15
CA ARG B 399 38.44 8.75 -20.00
C ARG B 399 37.89 9.91 -20.82
N GLY B 400 38.04 11.12 -20.29
CA GLY B 400 37.54 12.33 -20.95
C GLY B 400 36.03 12.43 -20.95
N THR B 401 35.42 11.73 -20.00
CA THR B 401 33.98 11.82 -19.78
C THR B 401 33.76 12.23 -18.34
N ALA B 402 32.63 12.88 -18.10
CA ALA B 402 32.13 13.18 -16.76
C ALA B 402 32.47 12.11 -15.72
N ALA B 403 32.30 10.85 -16.08
CA ALA B 403 32.47 9.70 -15.18
C ALA B 403 33.89 9.52 -14.63
N GLU B 404 34.89 9.90 -15.41
CA GLU B 404 36.29 9.74 -15.02
C GLU B 404 36.55 10.20 -13.58
N GLY B 405 37.02 9.26 -12.76
CA GLY B 405 37.43 9.53 -11.38
C GLY B 405 36.26 9.65 -10.42
N VAL B 406 35.12 9.10 -10.81
CA VAL B 406 33.93 9.16 -9.98
C VAL B 406 33.33 7.78 -9.82
N VAL B 407 32.78 7.28 -10.93
CA VAL B 407 32.07 6.01 -10.94
C VAL B 407 32.96 4.89 -10.42
N GLU B 408 32.55 4.31 -9.29
CA GLU B 408 33.15 3.11 -8.75
C GLU B 408 32.20 1.95 -9.06
N ALA B 409 32.63 1.04 -9.91
CA ALA B 409 31.75 -0.03 -10.37
C ALA B 409 32.50 -1.30 -10.62
N LYS B 410 31.93 -2.42 -10.20
CA LYS B 410 32.46 -3.72 -10.53
C LYS B 410 32.01 -4.03 -11.95
N THR B 411 32.97 -4.40 -12.80
CA THR B 411 32.66 -4.86 -14.14
C THR B 411 32.49 -6.38 -14.15
N GLY B 412 32.24 -6.93 -15.34
CA GLY B 412 32.13 -8.37 -15.49
C GLY B 412 31.66 -8.72 -16.88
N THR B 413 32.41 -9.59 -17.56
CA THR B 413 32.05 -10.02 -18.91
C THR B 413 32.38 -11.48 -19.18
N MET B 414 31.43 -12.17 -19.80
CA MET B 414 31.63 -13.50 -20.36
C MET B 414 30.85 -13.59 -21.68
N SER B 415 30.80 -14.77 -22.30
CA SER B 415 30.08 -14.99 -23.55
C SER B 415 28.61 -14.61 -23.42
N GLY B 416 28.23 -13.51 -24.06
CA GLY B 416 26.86 -13.00 -23.99
C GLY B 416 26.36 -12.76 -22.58
N VAL B 417 27.19 -12.09 -21.77
CA VAL B 417 26.87 -11.71 -20.39
C VAL B 417 27.77 -10.54 -19.98
N SER B 418 27.18 -9.41 -19.61
CA SER B 418 27.97 -8.32 -19.04
C SER B 418 27.24 -7.52 -17.96
N ALA B 419 28.00 -7.01 -17.00
CA ALA B 419 27.44 -6.23 -15.91
C ALA B 419 28.40 -5.18 -15.30
N LEU B 420 27.85 -4.00 -15.05
CA LEU B 420 28.58 -2.91 -14.43
C LEU B 420 27.70 -2.39 -13.30
N SER B 421 28.25 -2.36 -12.08
CA SER B 421 27.47 -1.91 -10.92
C SER B 421 28.33 -1.14 -9.90
N GLY B 422 27.88 0.03 -9.49
CA GLY B 422 28.61 0.79 -8.49
C GLY B 422 27.94 2.02 -7.91
N TYR B 423 28.71 3.10 -7.78
CA TYR B 423 28.21 4.34 -7.23
C TYR B 423 28.53 5.56 -8.10
N VAL B 424 27.71 6.61 -7.94
CA VAL B 424 28.03 7.92 -8.49
C VAL B 424 28.06 8.92 -7.32
N PRO B 425 29.23 9.02 -6.65
CA PRO B 425 29.39 9.93 -5.50
C PRO B 425 29.35 11.41 -5.88
N GLY B 426 28.24 12.07 -5.54
CA GLY B 426 28.04 13.46 -5.89
C GLY B 426 27.53 14.25 -4.71
N PRO B 427 27.77 15.58 -4.70
CA PRO B 427 27.40 16.52 -3.61
C PRO B 427 25.89 16.66 -3.39
N GLU B 428 25.12 16.25 -4.38
CA GLU B 428 23.67 16.18 -4.28
C GLU B 428 23.28 14.85 -3.63
N GLY B 429 23.77 13.75 -4.20
CA GLY B 429 23.56 12.41 -3.63
C GLY B 429 24.48 11.32 -4.13
N GLU B 430 24.72 10.31 -3.29
CA GLU B 430 25.40 9.08 -3.69
C GLU B 430 24.40 8.25 -4.46
N LEU B 431 24.67 8.03 -5.74
CA LEU B 431 23.80 7.18 -6.57
C LEU B 431 24.27 5.72 -6.58
N ALA B 432 23.33 4.80 -6.75
CA ALA B 432 23.65 3.38 -6.90
C ALA B 432 22.98 2.83 -8.15
N PHE B 433 23.73 2.06 -8.94
CA PHE B 433 23.22 1.53 -10.21
C PHE B 433 23.65 0.10 -10.47
N SER B 434 22.82 -0.63 -11.21
CA SER B 434 23.18 -1.94 -11.70
C SER B 434 22.68 -2.12 -13.11
N ILE B 435 23.60 -2.42 -14.02
CA ILE B 435 23.25 -2.74 -15.41
C ILE B 435 23.73 -4.15 -15.70
N VAL B 436 22.80 -5.03 -16.05
CA VAL B 436 23.11 -6.42 -16.41
C VAL B 436 22.58 -6.69 -17.82
N ASN B 437 23.42 -7.25 -18.68
CA ASN B 437 23.01 -7.60 -20.04
C ASN B 437 23.17 -9.07 -20.31
N ASN B 438 22.10 -9.71 -20.78
CA ASN B 438 22.15 -11.10 -21.19
C ASN B 438 21.59 -11.24 -22.60
N GLY B 439 22.07 -12.26 -23.30
CA GLY B 439 21.51 -12.64 -24.59
C GLY B 439 21.95 -11.86 -25.82
N HIS B 440 22.74 -10.80 -25.65
CA HIS B 440 23.27 -10.03 -26.78
C HIS B 440 24.05 -10.91 -27.78
N SER B 441 23.90 -10.60 -29.06
CA SER B 441 24.35 -11.47 -30.17
C SER B 441 25.86 -11.69 -30.28
N GLY B 442 26.63 -10.61 -30.08
CA GLY B 442 28.07 -10.61 -30.34
C GLY B 442 28.85 -9.97 -29.22
N PRO B 443 29.57 -8.87 -29.51
CA PRO B 443 30.52 -8.33 -28.54
C PRO B 443 29.81 -7.79 -27.31
N ALA B 444 30.55 -7.63 -26.22
CA ALA B 444 29.99 -7.11 -24.99
C ALA B 444 29.64 -5.64 -25.16
N PRO B 445 28.46 -5.23 -24.65
CA PRO B 445 27.90 -3.88 -24.83
C PRO B 445 28.58 -2.83 -23.95
N LEU B 446 29.89 -2.91 -23.82
CA LEU B 446 30.62 -2.13 -22.83
C LEU B 446 30.50 -0.62 -23.05
N ALA B 447 30.39 -0.21 -24.31
CA ALA B 447 30.22 1.21 -24.68
C ALA B 447 28.88 1.80 -24.21
N VAL B 448 27.87 0.94 -24.14
CA VAL B 448 26.54 1.27 -23.68
C VAL B 448 26.54 1.46 -22.17
N GLN B 449 27.17 0.52 -21.46
CA GLN B 449 27.34 0.57 -20.01
C GLN B 449 28.04 1.86 -19.61
N ASP B 450 29.21 2.07 -20.20
CA ASP B 450 29.92 3.31 -20.05
C ASP B 450 28.92 4.44 -20.26
N ALA B 451 28.25 4.42 -21.41
CA ALA B 451 27.30 5.49 -21.79
C ALA B 451 26.21 5.80 -20.74
N ILE B 452 25.74 4.76 -20.06
CA ILE B 452 24.74 4.93 -19.01
C ILE B 452 25.38 5.56 -17.77
N ALA B 453 26.56 5.07 -17.40
CA ALA B 453 27.28 5.63 -16.26
C ALA B 453 27.55 7.12 -16.49
N VAL B 454 28.01 7.47 -17.69
CA VAL B 454 28.41 8.85 -17.97
C VAL B 454 27.22 9.81 -17.87
N ARG B 455 26.04 9.36 -18.26
CA ARG B 455 24.83 10.16 -18.11
C ARG B 455 24.49 10.28 -16.63
N LEU B 456 24.67 9.19 -15.88
CA LEU B 456 24.46 9.20 -14.43
C LEU B 456 25.48 10.06 -13.70
N ALA B 457 26.64 10.24 -14.34
CA ALA B 457 27.66 11.13 -13.83
C ALA B 457 27.21 12.57 -13.97
N GLU B 458 26.59 12.89 -15.11
CA GLU B 458 26.11 14.24 -15.40
C GLU B 458 25.03 14.69 -14.41
N TYR B 459 23.98 13.88 -14.28
CA TYR B 459 22.83 14.22 -13.44
C TYR B 459 23.25 14.56 -12.02
N ALA B 460 24.20 13.79 -11.49
CA ALA B 460 24.72 13.95 -10.13
C ALA B 460 25.73 15.10 -9.97
N GLY B 461 25.82 15.97 -10.98
CA GLY B 461 26.67 17.14 -10.92
C GLY B 461 28.15 16.85 -11.12
N HIS B 462 28.48 16.20 -12.23
CA HIS B 462 29.87 15.98 -12.64
C HIS B 462 30.09 16.37 -14.11
N GLN B 463 31.19 17.10 -14.35
CA GLN B 463 31.52 17.63 -15.68
C GLN B 463 32.73 16.88 -16.24
N ALA B 464 32.91 16.95 -17.56
CA ALA B 464 34.04 16.30 -18.22
C ALA B 464 35.38 16.95 -17.82
N PRO B 465 36.33 16.13 -17.30
CA PRO B 465 37.66 16.63 -16.92
C PRO B 465 38.47 17.11 -18.12
N GLU B 466 38.97 18.24 -18.14
N ARG C 1 -55.65 56.00 -10.51
CA ARG C 1 -54.56 55.43 -9.66
C ARG C 1 -54.26 53.96 -9.98
N LEU C 2 -55.31 53.15 -10.12
CA LEU C 2 -55.16 51.71 -10.40
C LEU C 2 -56.10 51.10 -11.45
N THR C 3 -57.28 51.69 -11.66
CA THR C 3 -58.06 51.36 -12.86
C THR C 3 -57.34 51.97 -14.06
N GLU C 4 -56.02 52.02 -13.92
CA GLU C 4 -55.10 52.39 -14.97
C GLU C 4 -54.09 51.26 -15.14
N LEU C 5 -53.53 50.79 -14.02
CA LEU C 5 -52.56 49.69 -14.02
C LEU C 5 -53.16 48.41 -14.59
N ARG C 6 -54.30 48.01 -14.05
CA ARG C 6 -54.98 46.79 -14.49
C ARG C 6 -55.54 46.96 -15.90
N GLU C 7 -55.84 48.20 -16.27
CA GLU C 7 -56.27 48.54 -17.62
C GLU C 7 -55.14 48.31 -18.62
N ASP C 8 -53.91 48.17 -18.10
CA ASP C 8 -52.73 47.97 -18.92
C ASP C 8 -52.20 46.54 -18.84
N ILE C 9 -52.55 45.83 -17.77
CA ILE C 9 -52.30 44.40 -17.72
C ILE C 9 -53.26 43.71 -18.67
N ASP C 10 -54.54 44.10 -18.63
CA ASP C 10 -55.54 43.60 -19.57
C ASP C 10 -55.06 43.73 -21.03
N ALA C 11 -54.38 44.85 -21.29
CA ALA C 11 -53.76 45.08 -22.58
C ALA C 11 -52.70 44.03 -22.84
N ILE C 12 -51.56 44.16 -22.16
CA ILE C 12 -50.43 43.22 -22.27
C ILE C 12 -50.86 41.80 -22.60
N LEU C 13 -51.86 41.31 -21.87
CA LEU C 13 -52.37 39.95 -22.05
C LEU C 13 -53.20 39.79 -23.32
N GLU C 14 -52.99 40.65 -24.31
CA GLU C 14 -53.60 40.50 -25.63
C GLU C 14 -52.50 40.24 -26.63
N ASP C 15 -51.33 39.87 -26.12
CA ASP C 15 -50.23 39.46 -26.96
C ASP C 15 -50.66 38.24 -27.77
N PRO C 16 -50.40 38.28 -29.09
CA PRO C 16 -50.46 37.17 -30.04
C PRO C 16 -50.10 35.80 -29.45
N ALA C 17 -48.99 35.71 -28.72
CA ALA C 17 -48.47 34.42 -28.23
C ALA C 17 -49.33 33.76 -27.18
N LEU C 18 -50.31 34.51 -26.66
CA LEU C 18 -51.27 33.97 -25.69
C LEU C 18 -52.61 33.65 -26.33
N GLU C 19 -52.68 33.88 -27.65
CA GLU C 19 -53.87 33.58 -28.42
C GLU C 19 -54.37 32.18 -28.09
N GLY C 20 -55.64 32.12 -27.70
CA GLY C 20 -56.28 30.85 -27.38
C GLY C 20 -55.78 30.15 -26.13
N ALA C 21 -55.17 30.90 -25.21
CA ALA C 21 -54.64 30.33 -23.97
C ALA C 21 -55.44 30.75 -22.74
N VAL C 22 -55.03 30.24 -21.57
CA VAL C 22 -55.62 30.59 -20.28
C VAL C 22 -54.52 31.15 -19.39
N SER C 23 -54.70 32.36 -18.88
CA SER C 23 -53.66 33.00 -18.09
C SER C 23 -54.13 33.44 -16.71
N GLY C 24 -53.70 32.70 -15.68
CA GLY C 24 -54.04 33.01 -14.30
C GLY C 24 -53.07 34.00 -13.69
N VAL C 25 -53.55 35.20 -13.43
CA VAL C 25 -52.71 36.31 -12.95
C VAL C 25 -53.28 36.93 -11.68
N VAL C 26 -52.49 36.95 -10.63
CA VAL C 26 -52.88 37.62 -9.38
C VAL C 26 -51.72 38.51 -8.90
N VAL C 27 -52.03 39.77 -8.58
CA VAL C 27 -51.06 40.71 -7.99
C VAL C 27 -51.62 41.39 -6.73
N VAL C 28 -50.91 41.29 -5.61
CA VAL C 28 -51.34 41.94 -4.38
C VAL C 28 -50.27 42.88 -3.81
N ASP C 29 -50.72 43.90 -3.08
CA ASP C 29 -49.83 44.66 -2.21
C ASP C 29 -49.78 43.94 -0.87
N THR C 30 -48.59 43.47 -0.48
CA THR C 30 -48.45 42.67 0.75
C THR C 30 -48.16 43.50 2.00
N ALA C 31 -48.80 44.67 2.06
CA ALA C 31 -48.80 45.51 3.24
C ALA C 31 -50.22 46.01 3.43
N THR C 32 -50.95 46.14 2.32
CA THR C 32 -52.38 46.51 2.35
C THR C 32 -53.31 45.36 1.96
N GLY C 33 -52.71 44.20 1.70
CA GLY C 33 -53.46 42.99 1.28
C GLY C 33 -54.39 43.26 0.11
N GLU C 34 -54.21 44.41 -0.51
CA GLU C 34 -55.08 44.92 -1.57
C GLU C 34 -54.81 44.18 -2.87
N GLU C 35 -55.81 43.43 -3.32
CA GLU C 35 -55.72 42.61 -4.51
C GLU C 35 -55.61 43.49 -5.75
N LEU C 36 -54.38 43.80 -6.15
CA LEU C 36 -54.11 44.80 -7.19
C LEU C 36 -54.46 44.35 -8.60
N TYR C 37 -54.89 43.11 -8.75
CA TYR C 37 -55.31 42.53 -10.03
C TYR C 37 -55.55 41.04 -9.86
N SER C 38 -56.69 40.56 -10.35
CA SER C 38 -57.01 39.14 -10.31
C SER C 38 -57.95 38.75 -11.45
N ARG C 39 -57.38 38.15 -12.47
CA ARG C 39 -58.14 37.49 -13.54
C ARG C 39 -57.78 36.01 -13.51
N ASP C 40 -58.80 35.16 -13.48
CA ASP C 40 -58.60 33.69 -13.47
C ASP C 40 -57.74 33.14 -12.33
N GLY C 41 -57.60 33.94 -11.26
CA GLY C 41 -56.84 33.53 -10.09
C GLY C 41 -57.36 32.28 -9.40
N GLY C 42 -58.55 31.83 -9.81
CA GLY C 42 -59.21 30.68 -9.19
C GLY C 42 -59.03 29.37 -9.94
N GLU C 43 -58.57 29.46 -11.19
CA GLU C 43 -58.46 28.28 -12.06
C GLU C 43 -57.23 27.45 -11.78
N GLN C 44 -57.43 26.14 -11.75
CA GLN C 44 -56.36 25.16 -11.64
C GLN C 44 -55.57 25.05 -12.94
N LEU C 45 -54.28 25.38 -12.88
CA LEU C 45 -53.39 25.29 -14.03
C LEU C 45 -52.18 24.43 -13.69
N LEU C 46 -51.39 24.08 -14.71
CA LEU C 46 -50.10 23.41 -14.51
C LEU C 46 -49.06 24.45 -14.08
N PRO C 47 -48.28 24.15 -13.03
CA PRO C 47 -47.38 25.17 -12.49
C PRO C 47 -45.97 25.12 -13.09
N ALA C 48 -45.65 23.98 -13.73
CA ALA C 48 -44.27 23.62 -14.12
C ALA C 48 -43.34 23.77 -12.93
N SER C 49 -42.24 24.48 -13.14
CA SER C 49 -41.21 24.66 -12.12
C SER C 49 -41.62 25.56 -10.94
N ASN C 50 -42.74 26.27 -11.09
CA ASN C 50 -43.27 27.11 -10.01
C ASN C 50 -43.69 26.33 -8.77
N MET C 51 -43.96 25.03 -8.96
CA MET C 51 -44.19 24.09 -7.86
C MET C 51 -43.13 24.27 -6.78
N LYS C 52 -41.87 24.36 -7.22
CA LYS C 52 -40.70 24.50 -6.34
C LYS C 52 -40.85 25.60 -5.27
N LEU C 53 -41.77 26.53 -5.49
CA LEU C 53 -42.08 27.53 -4.46
C LEU C 53 -42.70 26.84 -3.24
N PHE C 54 -43.71 26.03 -3.48
CA PHE C 54 -44.37 25.28 -2.42
C PHE C 54 -43.39 24.27 -1.78
N THR C 55 -42.64 23.54 -2.61
CA THR C 55 -41.74 22.50 -2.10
C THR C 55 -40.69 23.10 -1.17
N ALA C 56 -40.18 24.27 -1.54
CA ALA C 56 -39.15 24.94 -0.78
C ALA C 56 -39.73 25.44 0.52
N ALA C 57 -40.85 26.16 0.41
CA ALA C 57 -41.54 26.72 1.57
C ALA C 57 -41.94 25.65 2.59
N ALA C 58 -42.30 24.46 2.09
CA ALA C 58 -42.57 23.30 2.94
C ALA C 58 -41.29 22.82 3.61
N ALA C 59 -40.18 22.82 2.87
CA ALA C 59 -38.94 22.30 3.39
C ALA C 59 -38.46 23.16 4.54
N LEU C 60 -38.54 24.48 4.36
CA LEU C 60 -38.09 25.41 5.39
C LEU C 60 -38.87 25.26 6.71
N GLU C 61 -40.18 25.06 6.61
CA GLU C 61 -41.04 24.88 7.77
C GLU C 61 -40.77 23.55 8.47
N VAL C 62 -40.74 22.47 7.68
CA VAL C 62 -40.62 21.11 8.21
C VAL C 62 -39.18 20.75 8.58
N LEU C 63 -38.23 21.20 7.77
CA LEU C 63 -36.82 20.85 8.02
C LEU C 63 -36.03 21.95 8.73
N GLY C 64 -36.36 23.21 8.43
CA GLY C 64 -35.70 24.34 9.05
C GLY C 64 -34.53 24.84 8.23
N ALA C 65 -34.35 26.16 8.25
CA ALA C 65 -33.24 26.83 7.58
C ALA C 65 -31.88 26.20 7.97
N ASP C 66 -31.82 25.70 9.20
CA ASP C 66 -30.60 25.16 9.79
C ASP C 66 -30.36 23.70 9.46
N HIS C 67 -31.33 23.01 8.86
CA HIS C 67 -31.23 21.56 8.69
C HIS C 67 -30.08 21.20 7.75
N SER C 68 -29.39 20.11 8.08
CA SER C 68 -28.26 19.61 7.30
C SER C 68 -28.33 18.09 7.06
N PHE C 69 -27.49 17.59 6.16
CA PHE C 69 -27.64 16.23 5.62
C PHE C 69 -26.41 15.34 5.77
N GLY C 70 -26.51 14.37 6.67
CA GLY C 70 -25.43 13.42 6.95
C GLY C 70 -25.16 12.49 5.78
N THR C 71 -23.92 12.07 5.64
CA THR C 71 -23.53 11.04 4.70
C THR C 71 -22.52 10.30 5.50
N GLU C 72 -22.35 8.99 5.27
CA GLU C 72 -21.72 8.14 6.28
C GLU C 72 -21.12 6.86 5.75
N VAL C 73 -19.99 6.45 6.31
CA VAL C 73 -19.35 5.17 5.97
C VAL C 73 -19.23 4.27 7.21
N ALA C 74 -19.80 3.07 7.14
CA ALA C 74 -19.84 2.16 8.28
C ALA C 74 -19.18 0.80 8.03
N ALA C 75 -18.88 0.10 9.11
CA ALA C 75 -18.30 -1.24 9.07
C ALA C 75 -18.70 -2.02 10.34
N GLU C 76 -18.54 -3.35 10.31
CA GLU C 76 -18.88 -4.23 11.44
C GLU C 76 -18.33 -3.66 12.76
N SER C 77 -17.02 -3.43 12.78
CA SER C 77 -16.31 -2.76 13.86
C SER C 77 -15.02 -2.25 13.26
N ALA C 78 -14.28 -1.42 13.99
CA ALA C 78 -13.01 -0.85 13.51
C ALA C 78 -12.07 -1.93 12.94
N PRO C 79 -11.23 -1.58 11.94
CA PRO C 79 -10.41 -2.55 11.20
C PRO C 79 -9.69 -3.60 12.07
N GLY C 80 -9.97 -4.88 11.77
CA GLY C 80 -9.40 -6.05 12.46
C GLY C 80 -7.89 -6.00 12.41
N ARG C 81 -7.34 -5.34 13.43
CA ARG C 81 -6.06 -4.61 13.40
C ARG C 81 -4.85 -5.14 12.59
N ARG C 82 -5.14 -5.95 11.58
CA ARG C 82 -4.21 -6.17 10.48
C ARG C 82 -4.59 -5.14 9.40
N GLY C 83 -5.63 -4.36 9.67
CA GLY C 83 -6.05 -3.28 8.79
C GLY C 83 -7.22 -3.62 7.88
N GLU C 84 -7.87 -4.76 8.12
CA GLU C 84 -8.94 -5.24 7.24
C GLU C 84 -10.32 -5.22 7.90
N VAL C 85 -11.33 -4.84 7.12
CA VAL C 85 -12.74 -5.09 7.48
C VAL C 85 -13.41 -5.96 6.41
N GLN C 86 -14.58 -6.51 6.73
CA GLN C 86 -15.31 -7.36 5.79
C GLN C 86 -16.06 -6.53 4.75
N ASP C 87 -17.35 -6.27 5.00
CA ASP C 87 -18.15 -5.46 4.12
C ASP C 87 -18.10 -4.01 4.58
N LEU C 88 -18.18 -3.10 3.62
CA LEU C 88 -18.18 -1.66 3.87
C LEU C 88 -19.40 -0.98 3.22
N TYR C 89 -19.99 -0.01 3.92
CA TYR C 89 -21.24 0.59 3.49
C TYR C 89 -21.16 2.11 3.42
N LEU C 90 -21.44 2.66 2.24
CA LEU C 90 -21.62 4.10 2.06
C LEU C 90 -23.12 4.43 2.25
N VAL C 91 -23.44 5.25 3.23
CA VAL C 91 -24.83 5.48 3.60
C VAL C 91 -25.30 6.93 3.34
N GLY C 92 -26.17 7.08 2.34
CA GLY C 92 -26.74 8.39 2.02
C GLY C 92 -27.90 8.74 2.93
N ARG C 93 -28.23 10.02 3.01
CA ARG C 93 -29.34 10.42 3.86
C ARG C 93 -30.06 11.58 3.21
N GLY C 94 -29.85 11.74 1.92
CA GLY C 94 -30.52 12.78 1.17
C GLY C 94 -29.76 14.09 1.21
N ASP C 95 -28.46 14.00 0.94
CA ASP C 95 -27.59 15.14 0.76
C ASP C 95 -27.54 15.51 -0.72
N PRO C 96 -28.31 16.54 -1.14
CA PRO C 96 -28.25 16.93 -2.56
C PRO C 96 -26.90 17.49 -3.04
N THR C 97 -25.97 17.78 -2.11
CA THR C 97 -24.75 18.54 -2.40
C THR C 97 -23.46 17.72 -2.24
N LEU C 98 -23.53 16.43 -2.51
CA LEU C 98 -22.42 15.50 -2.27
C LEU C 98 -21.47 15.43 -3.47
N SER C 99 -20.35 16.16 -3.43
CA SER C 99 -19.42 16.19 -4.55
C SER C 99 -18.49 14.96 -4.58
N ALA C 100 -17.86 14.71 -5.72
CA ALA C 100 -16.90 13.62 -5.83
C ALA C 100 -15.73 13.86 -4.90
N GLU C 101 -15.41 15.14 -4.66
CA GLU C 101 -14.43 15.57 -3.65
C GLU C 101 -14.88 15.13 -2.26
N ASP C 102 -16.15 15.34 -1.95
CA ASP C 102 -16.70 14.89 -0.69
C ASP C 102 -16.46 13.40 -0.51
N LEU C 103 -16.64 12.62 -1.58
CA LEU C 103 -16.34 11.19 -1.53
C LEU C 103 -14.87 10.95 -1.19
N ASP C 104 -14.00 11.66 -1.91
CA ASP C 104 -12.55 11.56 -1.74
C ASP C 104 -12.15 11.90 -0.32
N ALA C 105 -12.95 12.77 0.30
CA ALA C 105 -12.74 13.21 1.69
C ALA C 105 -12.87 12.03 2.61
N MET C 106 -14.01 11.35 2.52
CA MET C 106 -14.34 10.22 3.37
C MET C 106 -13.48 9.03 3.04
N ALA C 107 -13.18 8.83 1.76
CA ALA C 107 -12.23 7.79 1.35
C ALA C 107 -10.89 7.94 2.07
N ALA C 108 -10.56 9.18 2.45
CA ALA C 108 -9.33 9.46 3.23
C ALA C 108 -9.53 9.26 4.73
N GLU C 109 -10.69 9.68 5.25
CA GLU C 109 -11.01 9.53 6.67
C GLU C 109 -11.01 8.06 7.05
N VAL C 110 -11.38 7.23 6.07
CA VAL C 110 -11.38 5.78 6.21
C VAL C 110 -9.94 5.24 6.27
N ALA C 111 -9.09 5.69 5.36
CA ALA C 111 -7.67 5.38 5.43
C ALA C 111 -7.13 5.90 6.76
N ALA C 112 -7.45 7.15 7.08
CA ALA C 112 -6.93 7.84 8.28
C ALA C 112 -7.41 7.24 9.59
N SER C 113 -8.35 6.30 9.50
CA SER C 113 -8.77 5.52 10.66
C SER C 113 -8.28 4.07 10.55
N GLY C 114 -7.20 3.89 9.81
CA GLY C 114 -6.45 2.63 9.82
C GLY C 114 -6.89 1.51 8.91
N VAL C 115 -7.97 1.73 8.16
CA VAL C 115 -8.43 0.76 7.15
C VAL C 115 -7.39 0.63 6.04
N ARG C 116 -6.94 -0.60 5.79
CA ARG C 116 -5.98 -0.87 4.73
C ARG C 116 -6.62 -1.69 3.62
N THR C 117 -7.60 -2.52 3.98
CA THR C 117 -8.27 -3.40 3.03
C THR C 117 -9.73 -3.67 3.38
N VAL C 118 -10.59 -3.67 2.36
CA VAL C 118 -11.97 -4.09 2.50
C VAL C 118 -12.08 -5.46 1.84
N ARG C 119 -12.16 -6.49 2.68
CA ARG C 119 -12.06 -7.88 2.26
C ARG C 119 -13.32 -8.34 1.51
N GLY C 120 -14.48 -7.95 2.03
CA GLY C 120 -15.77 -8.25 1.42
C GLY C 120 -16.30 -7.13 0.54
N ASP C 121 -17.56 -7.26 0.13
CA ASP C 121 -18.15 -6.38 -0.88
C ASP C 121 -18.35 -4.94 -0.38
N LEU C 122 -18.18 -3.97 -1.28
CA LEU C 122 -18.52 -2.60 -0.98
C LEU C 122 -19.99 -2.38 -1.34
N TYR C 123 -20.74 -1.71 -0.47
CA TYR C 123 -22.20 -1.57 -0.65
C TYR C 123 -22.70 -0.12 -0.60
N ALA C 124 -23.64 0.21 -1.48
CA ALA C 124 -24.28 1.53 -1.49
C ALA C 124 -25.64 1.44 -0.82
N ASP C 125 -25.80 2.20 0.26
CA ASP C 125 -27.00 2.18 1.09
C ASP C 125 -27.81 3.47 0.95
N ASP C 126 -28.81 3.42 0.10
CA ASP C 126 -29.71 4.56 -0.06
C ASP C 126 -31.07 4.18 0.47
N THR C 127 -31.08 3.54 1.64
CA THR C 127 -32.34 3.08 2.25
C THR C 127 -33.03 4.17 3.07
N TRP C 128 -32.33 5.26 3.39
CA TRP C 128 -32.98 6.41 4.01
C TRP C 128 -34.06 6.90 3.05
N PHE C 129 -33.94 6.50 1.79
CA PHE C 129 -34.97 6.82 0.81
C PHE C 129 -35.60 5.60 0.15
N ASP C 130 -36.90 5.73 -0.08
CA ASP C 130 -37.67 4.84 -0.94
C ASP C 130 -36.97 4.75 -2.31
N SER C 131 -37.07 3.59 -2.96
CA SER C 131 -36.39 3.39 -4.23
C SER C 131 -37.30 3.52 -5.47
N GLU C 132 -38.37 4.31 -5.36
CA GLU C 132 -39.15 4.69 -6.53
C GLU C 132 -38.34 5.84 -7.13
N ARG C 133 -37.65 5.56 -8.23
CA ARG C 133 -36.69 6.50 -8.82
C ARG C 133 -37.32 7.70 -9.53
N LEU C 134 -38.43 7.48 -10.22
CA LEU C 134 -39.10 8.51 -11.01
C LEU C 134 -40.57 8.58 -10.67
N VAL C 135 -41.14 9.78 -10.77
CA VAL C 135 -42.57 9.95 -10.58
C VAL C 135 -43.26 9.18 -11.69
N ASP C 136 -44.30 8.44 -11.31
CA ASP C 136 -45.13 7.69 -12.24
C ASP C 136 -45.27 8.41 -13.61
N ASP C 137 -45.98 9.54 -13.64
CA ASP C 137 -46.41 10.19 -14.90
C ASP C 137 -45.34 11.04 -15.62
N TRP C 138 -44.09 10.93 -15.18
CA TRP C 138 -42.96 11.61 -15.85
C TRP C 138 -42.69 10.96 -17.20
N TRP C 139 -42.12 11.71 -18.14
CA TRP C 139 -41.87 11.18 -19.48
C TRP C 139 -40.58 10.37 -19.61
N PRO C 140 -40.67 9.16 -20.15
CA PRO C 140 -39.49 8.33 -20.41
C PRO C 140 -38.48 9.05 -21.33
N GLU C 141 -38.99 9.88 -22.23
CA GLU C 141 -38.15 10.59 -23.17
C GLU C 141 -37.34 11.68 -22.46
N ASP C 142 -37.87 12.17 -21.34
CA ASP C 142 -37.19 13.17 -20.51
C ASP C 142 -36.14 12.56 -19.60
N GLU C 143 -36.03 11.22 -19.61
CA GLU C 143 -35.18 10.47 -18.67
C GLU C 143 -33.67 10.63 -18.85
N PRO C 144 -33.18 10.81 -20.10
CA PRO C 144 -31.73 10.93 -20.24
C PRO C 144 -31.15 12.26 -19.75
N TYR C 145 -31.98 13.16 -19.24
CA TYR C 145 -31.50 14.53 -19.01
C TYR C 145 -31.30 14.98 -17.55
N ALA C 146 -30.46 16.00 -17.39
CA ALA C 146 -30.18 16.59 -16.07
C ALA C 146 -31.42 16.70 -15.18
N TYR C 147 -32.48 17.31 -15.72
CA TYR C 147 -33.70 17.62 -14.96
C TYR C 147 -34.62 16.41 -14.68
N SER C 148 -34.36 15.27 -15.32
CA SER C 148 -35.12 14.05 -15.02
C SER C 148 -34.28 12.97 -14.33
N ALA C 149 -33.29 13.44 -13.57
CA ALA C 149 -32.39 12.58 -12.84
C ALA C 149 -33.18 11.68 -11.91
N GLN C 150 -32.83 10.40 -11.93
CA GLN C 150 -33.32 9.44 -10.97
C GLN C 150 -33.14 9.97 -9.51
N ILE C 151 -34.17 9.78 -8.69
CA ILE C 151 -34.16 10.21 -7.30
C ILE C 151 -33.58 9.13 -6.36
N SER C 152 -32.84 9.58 -5.34
CA SER C 152 -32.18 8.67 -4.40
C SER C 152 -31.51 9.45 -3.27
N ALA C 153 -31.53 8.89 -2.06
CA ALA C 153 -30.87 9.50 -0.92
C ALA C 153 -29.38 9.59 -1.16
N LEU C 154 -28.81 8.52 -1.72
CA LEU C 154 -27.39 8.50 -1.98
C LEU C 154 -27.09 8.84 -3.45
N THR C 155 -26.61 10.08 -3.67
CA THR C 155 -26.31 10.56 -5.03
C THR C 155 -25.24 11.68 -5.15
N VAL C 156 -24.35 11.51 -6.14
CA VAL C 156 -23.23 12.41 -6.34
C VAL C 156 -23.69 13.65 -7.11
N ALA C 157 -23.60 14.81 -6.46
CA ALA C 157 -23.91 16.10 -7.06
C ALA C 157 -22.78 16.58 -7.96
N HIS C 158 -23.13 17.07 -9.15
CA HIS C 158 -22.11 17.52 -10.09
C HIS C 158 -21.89 19.04 -10.10
N GLY C 159 -20.72 19.44 -9.60
CA GLY C 159 -20.28 20.84 -9.70
C GLY C 159 -21.02 21.85 -8.86
N GLU C 160 -20.63 23.12 -8.97
CA GLU C 160 -21.19 24.19 -8.16
C GLU C 160 -22.71 24.37 -8.37
N ARG C 161 -23.25 23.73 -9.40
CA ARG C 161 -24.69 23.71 -9.65
C ARG C 161 -25.41 22.68 -8.78
N PHE C 162 -24.64 21.74 -8.25
CA PHE C 162 -25.13 20.58 -7.52
C PHE C 162 -26.17 19.77 -8.29
N ASP C 163 -25.88 19.54 -9.56
CA ASP C 163 -26.72 18.73 -10.44
C ASP C 163 -26.60 17.28 -10.08
N THR C 164 -27.71 16.73 -9.59
CA THR C 164 -27.75 15.37 -9.04
C THR C 164 -27.86 14.23 -10.06
N GLY C 165 -27.12 13.15 -9.76
CA GLY C 165 -27.35 11.84 -10.37
C GLY C 165 -27.06 11.77 -11.85
N VAL C 166 -26.11 12.59 -12.29
CA VAL C 166 -25.70 12.66 -13.69
C VAL C 166 -24.21 12.46 -13.84
N THR C 167 -23.77 12.27 -15.09
CA THR C 167 -22.37 12.08 -15.43
C THR C 167 -22.00 13.01 -16.58
N GLU C 168 -20.77 13.53 -16.55
CA GLU C 168 -20.35 14.50 -17.57
C GLU C 168 -19.76 13.76 -18.78
N VAL C 169 -20.61 13.51 -19.77
CA VAL C 169 -20.14 13.00 -21.06
C VAL C 169 -19.55 14.12 -21.88
N SER C 170 -18.29 13.94 -22.28
CA SER C 170 -17.69 14.89 -23.20
C SER C 170 -17.20 14.19 -24.46
N VAL C 171 -17.54 14.78 -25.61
CA VAL C 171 -17.20 14.20 -26.88
C VAL C 171 -16.30 15.14 -27.66
N THR C 172 -15.08 14.66 -27.86
CA THR C 172 -14.03 15.39 -28.54
C THR C 172 -13.91 14.84 -29.97
N PRO C 173 -13.59 15.70 -30.96
CA PRO C 173 -13.46 15.21 -32.32
C PRO C 173 -12.13 14.50 -32.45
N ALA C 174 -11.73 14.21 -33.69
CA ALA C 174 -10.48 13.51 -33.93
C ALA C 174 -10.00 13.82 -35.33
N ALA C 175 -10.02 12.81 -36.18
CA ALA C 175 -9.66 12.95 -37.58
C ALA C 175 -10.90 12.69 -38.42
N GLU C 176 -11.01 13.41 -39.53
CA GLU C 176 -12.11 13.23 -40.47
C GLU C 176 -12.31 11.75 -40.83
N GLY C 177 -13.56 11.30 -40.73
CA GLY C 177 -13.94 9.94 -41.12
C GLY C 177 -13.81 8.94 -40.00
N GLU C 178 -12.93 9.24 -39.05
CA GLU C 178 -12.67 8.37 -37.90
C GLU C 178 -13.78 8.50 -36.86
N PRO C 179 -14.08 7.40 -36.13
CA PRO C 179 -15.02 7.57 -35.02
C PRO C 179 -14.54 8.69 -34.06
N ALA C 180 -15.49 9.29 -33.34
CA ALA C 180 -15.22 10.36 -32.39
C ALA C 180 -14.80 9.83 -31.02
N ASP C 181 -14.23 10.70 -30.19
CA ASP C 181 -13.72 10.32 -28.87
C ASP C 181 -14.68 10.66 -27.73
N VAL C 182 -15.18 9.63 -27.06
CA VAL C 182 -16.12 9.80 -25.94
C VAL C 182 -15.46 9.49 -24.61
N ASP C 183 -15.59 10.40 -23.66
CA ASP C 183 -15.23 10.15 -22.27
C ASP C 183 -16.49 10.29 -21.41
N LEU C 184 -16.86 9.21 -20.72
CA LEU C 184 -18.09 9.18 -19.94
C LEU C 184 -18.03 9.95 -18.62
N GLY C 185 -16.88 10.54 -18.33
CA GLY C 185 -16.68 11.24 -17.07
C GLY C 185 -16.76 10.28 -15.89
N ALA C 186 -17.53 10.68 -14.87
CA ALA C 186 -17.70 9.91 -13.64
C ALA C 186 -18.25 8.49 -13.88
N ALA C 187 -18.99 8.30 -14.97
CA ALA C 187 -19.59 7.00 -15.27
C ALA C 187 -18.67 5.98 -15.95
N GLU C 188 -17.48 6.41 -16.37
CA GLU C 188 -16.54 5.51 -17.04
C GLU C 188 -16.37 4.28 -16.18
N GLY C 189 -16.65 3.11 -16.75
CA GLY C 189 -16.52 1.87 -16.02
C GLY C 189 -17.71 1.56 -15.11
N TYR C 190 -18.80 2.28 -15.31
CA TYR C 190 -20.09 1.97 -14.70
C TYR C 190 -21.14 1.86 -15.78
N ALA C 191 -21.39 2.95 -16.48
CA ALA C 191 -22.29 2.94 -17.63
C ALA C 191 -21.54 2.37 -18.82
N GLU C 192 -22.23 1.53 -19.60
CA GLU C 192 -21.67 1.00 -20.85
C GLU C 192 -21.79 1.97 -22.03
N LEU C 193 -20.87 1.83 -22.99
CA LEU C 193 -20.76 2.79 -24.10
C LEU C 193 -21.09 2.18 -25.46
N ASP C 194 -21.97 2.85 -26.21
CA ASP C 194 -22.25 2.51 -27.60
C ASP C 194 -21.91 3.72 -28.47
N ASN C 195 -20.68 3.74 -28.99
CA ASN C 195 -20.16 4.90 -29.73
C ASN C 195 -20.21 4.78 -31.24
N ARG C 196 -21.40 4.90 -31.81
CA ARG C 196 -21.56 4.75 -33.25
C ARG C 196 -21.31 6.06 -34.01
N ALA C 197 -20.95 7.12 -33.28
CA ALA C 197 -20.68 8.45 -33.84
C ALA C 197 -19.38 8.53 -34.67
N VAL C 198 -19.27 9.60 -35.47
CA VAL C 198 -18.15 9.84 -36.40
C VAL C 198 -17.64 11.29 -36.35
N THR C 199 -16.37 11.48 -36.67
CA THR C 199 -15.83 12.82 -36.93
C THR C 199 -16.02 13.15 -38.41
N GLY C 200 -16.83 14.19 -38.65
CA GLY C 200 -17.09 14.64 -39.99
C GLY C 200 -16.02 15.59 -40.46
N ALA C 201 -16.08 15.91 -41.75
CA ALA C 201 -15.26 16.93 -42.36
C ALA C 201 -15.34 18.21 -41.54
N ALA C 202 -14.18 18.80 -41.27
CA ALA C 202 -14.13 20.12 -40.68
C ALA C 202 -14.91 21.04 -41.60
N GLY C 203 -15.71 21.92 -41.02
CA GLY C 203 -16.59 22.77 -41.81
C GLY C 203 -18.05 22.35 -41.73
N SER C 204 -18.29 21.04 -41.65
CA SER C 204 -19.65 20.48 -41.72
C SER C 204 -20.56 20.82 -40.53
N ALA C 205 -21.82 20.42 -40.64
CA ALA C 205 -22.80 20.58 -39.58
C ALA C 205 -22.55 19.60 -38.42
N ASN C 206 -22.96 20.03 -37.21
CA ASN C 206 -22.73 19.31 -35.94
C ASN C 206 -23.94 18.47 -35.49
N THR C 207 -24.11 17.28 -36.05
CA THR C 207 -25.30 16.47 -35.74
C THR C 207 -25.09 15.43 -34.64
N LEU C 208 -24.25 15.76 -33.66
CA LEU C 208 -24.00 14.83 -32.57
C LEU C 208 -25.17 14.73 -31.58
N VAL C 209 -25.54 13.48 -31.29
CA VAL C 209 -26.63 13.15 -30.39
C VAL C 209 -26.07 12.28 -29.24
N ILE C 210 -26.22 12.75 -28.00
CA ILE C 210 -25.82 11.97 -26.82
C ILE C 210 -27.06 11.52 -26.08
N ASP C 211 -27.22 10.21 -25.97
CA ASP C 211 -28.46 9.58 -25.51
C ASP C 211 -28.20 8.52 -24.43
N ARG C 212 -29.20 8.22 -23.60
CA ARG C 212 -29.21 6.95 -22.90
C ARG C 212 -30.53 6.26 -23.15
N PRO C 213 -30.55 5.31 -24.11
CA PRO C 213 -31.72 4.49 -24.44
C PRO C 213 -32.52 4.11 -23.18
N VAL C 214 -33.86 4.22 -23.25
CA VAL C 214 -34.70 3.99 -22.08
C VAL C 214 -34.46 2.61 -21.46
N GLY C 215 -34.42 2.57 -20.13
CA GLY C 215 -34.21 1.34 -19.38
C GLY C 215 -32.83 0.71 -19.54
N THR C 216 -31.82 1.53 -19.81
CA THR C 216 -30.47 1.02 -20.03
C THR C 216 -29.45 1.88 -19.30
N ASN C 217 -28.28 1.31 -19.08
CA ASN C 217 -27.15 2.05 -18.56
C ASN C 217 -26.13 2.28 -19.68
N THR C 218 -26.66 2.62 -20.85
CA THR C 218 -25.86 2.83 -22.05
C THR C 218 -25.86 4.31 -22.43
N ILE C 219 -24.67 4.89 -22.56
CA ILE C 219 -24.56 6.18 -23.20
C ILE C 219 -24.31 5.87 -24.67
N ALA C 220 -25.34 6.02 -25.51
CA ALA C 220 -25.19 5.80 -26.94
C ALA C 220 -25.04 7.13 -27.69
N VAL C 221 -23.84 7.33 -28.24
CA VAL C 221 -23.50 8.57 -28.95
C VAL C 221 -23.55 8.32 -30.45
N THR C 222 -24.22 9.22 -31.16
CA THR C 222 -24.43 9.09 -32.59
C THR C 222 -24.24 10.45 -33.23
N GLY C 223 -24.01 10.47 -34.54
CA GLY C 223 -23.94 11.71 -35.33
C GLY C 223 -22.56 12.17 -35.77
N SER C 224 -22.51 13.27 -36.50
CA SER C 224 -21.24 13.80 -36.98
C SER C 224 -20.81 15.00 -36.14
N LEU C 225 -19.53 14.99 -35.78
CA LEU C 225 -18.89 16.11 -35.11
C LEU C 225 -17.71 16.59 -35.97
N PRO C 226 -17.84 17.77 -36.58
CA PRO C 226 -16.79 18.40 -37.37
C PRO C 226 -15.41 18.31 -36.69
N ALA C 227 -14.40 17.89 -37.46
CA ALA C 227 -13.01 17.87 -37.01
C ALA C 227 -12.51 19.20 -36.45
N ASP C 228 -13.11 20.30 -36.89
CA ASP C 228 -12.76 21.63 -36.35
C ASP C 228 -13.62 22.05 -35.15
N ALA C 229 -14.49 21.16 -34.68
CA ALA C 229 -15.38 21.47 -33.56
C ALA C 229 -14.70 21.51 -32.17
N ALA C 230 -15.16 22.44 -31.34
CA ALA C 230 -14.85 22.41 -29.90
C ALA C 230 -15.57 21.20 -29.32
N PRO C 231 -14.94 20.51 -28.36
CA PRO C 231 -15.56 19.33 -27.76
C PRO C 231 -16.98 19.57 -27.25
N VAL C 232 -17.87 18.62 -27.50
CA VAL C 232 -19.25 18.68 -27.02
C VAL C 232 -19.30 18.10 -25.63
N THR C 233 -19.67 18.92 -24.65
CA THR C 233 -19.70 18.46 -23.29
C THR C 233 -21.08 18.67 -22.71
N ALA C 234 -21.77 17.56 -22.43
CA ALA C 234 -23.15 17.58 -21.94
C ALA C 234 -23.37 16.59 -20.79
N LEU C 235 -24.34 16.91 -19.93
CA LEU C 235 -24.66 16.06 -18.77
C LEU C 235 -25.68 14.98 -19.11
N ARG C 236 -25.42 13.76 -18.67
CA ARG C 236 -26.39 12.64 -18.85
C ARG C 236 -26.70 11.84 -17.58
N THR C 237 -27.97 11.51 -17.39
CA THR C 237 -28.34 10.69 -16.26
C THR C 237 -27.90 9.24 -16.48
N VAL C 238 -27.42 8.62 -15.41
CA VAL C 238 -27.14 7.19 -15.38
C VAL C 238 -28.26 6.49 -14.63
N ASP C 239 -28.32 5.17 -14.80
CA ASP C 239 -29.25 4.34 -14.05
C ASP C 239 -28.65 4.07 -12.67
N GLU C 240 -29.51 4.12 -11.66
CA GLU C 240 -29.11 3.93 -10.26
C GLU C 240 -27.99 4.90 -9.79
N PRO C 241 -28.35 6.17 -9.50
CA PRO C 241 -27.33 7.15 -9.14
C PRO C 241 -26.56 6.77 -7.90
N ALA C 242 -27.13 5.90 -7.07
CA ALA C 242 -26.48 5.47 -5.84
C ALA C 242 -25.36 4.47 -6.13
N ALA C 243 -25.60 3.58 -7.10
CA ALA C 243 -24.58 2.63 -7.56
C ALA C 243 -23.37 3.34 -8.18
N LEU C 244 -23.63 4.50 -8.76
CA LEU C 244 -22.56 5.33 -9.29
C LEU C 244 -21.73 5.88 -8.14
N ALA C 245 -22.42 6.24 -7.05
CA ALA C 245 -21.75 6.67 -5.83
C ALA C 245 -20.92 5.52 -5.29
N GLY C 246 -21.46 4.30 -5.36
CA GLY C 246 -20.69 3.10 -5.09
C GLY C 246 -19.42 3.12 -5.94
N HIS C 247 -19.60 3.17 -7.27
CA HIS C 247 -18.49 3.09 -8.21
C HIS C 247 -17.39 4.13 -7.92
N LEU C 248 -17.77 5.40 -7.87
CA LEU C 248 -16.82 6.47 -7.57
C LEU C 248 -16.05 6.19 -6.27
N PHE C 249 -16.77 5.72 -5.25
CA PHE C 249 -16.19 5.55 -3.94
C PHE C 249 -15.17 4.43 -3.88
N GLU C 250 -15.47 3.32 -4.54
CA GLU C 250 -14.55 2.21 -4.72
C GLU C 250 -13.23 2.74 -5.28
N GLU C 251 -13.36 3.58 -6.31
CA GLU C 251 -12.25 4.25 -6.96
C GLU C 251 -11.63 5.33 -6.07
N ALA C 252 -12.43 6.04 -5.27
CA ALA C 252 -11.88 7.00 -4.33
C ALA C 252 -11.08 6.25 -3.27
N LEU C 253 -11.66 5.18 -2.70
CA LEU C 253 -10.98 4.37 -1.70
C LEU C 253 -9.61 3.90 -2.19
N GLU C 254 -9.56 3.33 -3.39
CA GLU C 254 -8.30 2.79 -3.92
C GLU C 254 -7.30 3.90 -4.31
N SER C 255 -7.76 5.15 -4.36
CA SER C 255 -6.88 6.33 -4.51
C SER C 255 -6.25 6.76 -3.19
N ASN C 256 -6.96 6.52 -2.09
CA ASN C 256 -6.43 6.78 -0.75
C ASN C 256 -5.86 5.51 -0.08
N GLY C 257 -5.46 4.54 -0.91
CA GLY C 257 -4.77 3.35 -0.41
C GLY C 257 -5.59 2.41 0.45
N VAL C 258 -6.79 2.10 -0.01
CA VAL C 258 -7.64 1.05 0.55
C VAL C 258 -7.98 0.15 -0.62
N THR C 259 -8.05 -1.15 -0.38
CA THR C 259 -8.22 -2.10 -1.47
C THR C 259 -9.53 -2.89 -1.28
N VAL C 260 -10.40 -2.84 -2.28
CA VAL C 260 -11.67 -3.55 -2.20
C VAL C 260 -11.63 -4.79 -3.10
N LYS C 261 -11.84 -5.97 -2.51
CA LYS C 261 -11.85 -7.22 -3.28
C LYS C 261 -13.25 -7.70 -3.67
N GLY C 262 -14.27 -7.15 -3.03
CA GLY C 262 -15.66 -7.47 -3.33
C GLY C 262 -16.23 -6.61 -4.44
N ASP C 263 -17.44 -6.94 -4.89
CA ASP C 263 -18.10 -6.19 -5.94
C ASP C 263 -18.75 -4.95 -5.31
N VAL C 264 -19.12 -3.99 -6.16
CA VAL C 264 -19.87 -2.81 -5.74
C VAL C 264 -21.36 -3.09 -5.98
N GLY C 265 -22.18 -2.84 -4.98
CA GLY C 265 -23.61 -3.10 -5.11
C GLY C 265 -24.52 -2.19 -4.28
N LEU C 266 -25.81 -2.51 -4.34
CA LEU C 266 -26.79 -1.85 -3.50
C LEU C 266 -27.07 -2.72 -2.28
N GLY C 267 -27.24 -2.08 -1.14
CA GLY C 267 -27.57 -2.81 0.09
C GLY C 267 -27.65 -1.93 1.30
N GLY C 268 -28.60 -2.22 2.18
CA GLY C 268 -28.70 -1.54 3.47
C GLY C 268 -27.86 -2.23 4.51
N VAL C 269 -27.27 -1.45 5.42
CA VAL C 269 -26.58 -2.02 6.58
C VAL C 269 -27.43 -3.12 7.19
N PRO C 270 -26.81 -4.28 7.50
CA PRO C 270 -27.52 -5.45 7.99
C PRO C 270 -28.54 -5.16 9.07
N ALA C 271 -28.22 -4.22 9.97
CA ALA C 271 -29.05 -3.97 11.15
C ALA C 271 -29.20 -5.26 11.97
N ASP C 272 -28.60 -6.33 11.45
CA ASP C 272 -28.21 -7.48 12.22
C ASP C 272 -26.96 -7.07 13.01
N TRP C 273 -26.13 -6.24 12.37
CA TRP C 273 -24.92 -5.66 12.96
C TRP C 273 -25.21 -4.96 14.27
N GLN C 274 -24.48 -5.35 15.31
CA GLN C 274 -24.79 -4.92 16.67
C GLN C 274 -24.29 -3.52 17.02
N ASP C 275 -22.99 -3.28 16.79
CA ASP C 275 -22.38 -1.99 17.11
C ASP C 275 -21.82 -1.33 15.85
N ALA C 276 -22.71 -0.65 15.12
CA ALA C 276 -22.39 0.03 13.87
C ALA C 276 -21.17 0.94 14.02
N GLU C 277 -20.06 0.56 13.38
CA GLU C 277 -18.83 1.34 13.48
C GLU C 277 -18.65 2.37 12.36
N VAL C 278 -18.91 3.63 12.70
CA VAL C 278 -18.67 4.75 11.79
C VAL C 278 -17.16 4.90 11.56
N LEU C 279 -16.78 5.09 10.30
CA LEU C 279 -15.38 5.29 9.95
C LEU C 279 -15.17 6.65 9.33
N ALA C 280 -16.19 7.10 8.62
CA ALA C 280 -16.19 8.43 8.02
C ALA C 280 -17.61 8.94 7.93
N ASP C 281 -17.75 10.24 7.78
CA ASP C 281 -19.04 10.83 7.49
C ASP C 281 -18.80 12.18 6.81
N HIS C 282 -19.89 12.88 6.50
CA HIS C 282 -19.84 14.20 5.90
C HIS C 282 -21.11 14.92 6.30
N THR C 283 -21.06 16.24 6.29
CA THR C 283 -22.26 17.04 6.49
C THR C 283 -22.36 18.03 5.35
N SER C 284 -23.56 18.19 4.82
CA SER C 284 -23.81 19.13 3.75
C SER C 284 -23.83 20.51 4.36
N ALA C 285 -24.13 21.51 3.53
CA ALA C 285 -24.37 22.85 4.03
C ALA C 285 -25.76 22.94 4.65
N GLU C 286 -25.97 24.02 5.39
CA GLU C 286 -27.27 24.43 5.91
C GLU C 286 -28.27 24.49 4.76
N LEU C 287 -29.54 24.24 5.03
CA LEU C 287 -30.54 24.24 3.94
C LEU C 287 -30.63 25.60 3.29
N SER C 288 -30.60 26.64 4.11
CA SER C 288 -30.58 28.03 3.65
C SER C 288 -29.57 28.29 2.53
N GLU C 289 -28.40 27.65 2.63
CA GLU C 289 -27.34 27.74 1.60
C GLU C 289 -27.60 26.81 0.40
N ILE C 290 -28.17 25.62 0.66
CA ILE C 290 -28.50 24.65 -0.40
C ILE C 290 -29.66 25.15 -1.24
N LEU C 291 -30.56 25.93 -0.63
CA LEU C 291 -31.67 26.57 -1.35
C LEU C 291 -31.25 27.37 -2.58
N VAL C 292 -30.17 28.16 -2.44
CA VAL C 292 -29.73 29.03 -3.54
C VAL C 292 -29.47 28.28 -4.87
N PRO C 293 -28.48 27.35 -4.94
CA PRO C 293 -28.33 26.67 -6.22
C PRO C 293 -29.64 26.06 -6.68
N PHE C 294 -30.37 25.43 -5.73
CA PHE C 294 -31.68 24.85 -5.96
C PHE C 294 -32.64 25.79 -6.71
N MET C 295 -32.95 26.96 -6.14
CA MET C 295 -33.96 27.85 -6.70
C MET C 295 -33.51 28.71 -7.89
N LYS C 296 -32.36 29.37 -7.76
CA LYS C 296 -31.85 30.20 -8.84
C LYS C 296 -31.87 29.41 -10.16
N PHE C 297 -31.25 28.23 -10.11
CA PHE C 297 -31.03 27.44 -11.30
C PHE C 297 -32.06 26.32 -11.48
N SER C 298 -32.96 26.19 -10.49
CA SER C 298 -34.12 25.31 -10.60
C SER C 298 -33.77 23.81 -10.78
N ASN C 299 -33.44 23.17 -9.67
CA ASN C 299 -33.06 21.76 -9.64
C ASN C 299 -34.29 20.88 -9.39
N ASN C 300 -34.57 19.99 -10.33
CA ASN C 300 -35.62 19.02 -10.12
C ASN C 300 -35.21 17.95 -9.11
N GLY C 301 -34.01 17.40 -9.28
CA GLY C 301 -33.44 16.50 -8.28
C GLY C 301 -33.60 17.00 -6.84
N HIS C 302 -33.06 18.19 -6.55
CA HIS C 302 -33.15 18.79 -5.21
C HIS C 302 -34.56 18.71 -4.63
N ALA C 303 -35.51 19.36 -5.33
CA ALA C 303 -36.91 19.41 -4.94
C ALA C 303 -37.50 18.04 -4.57
N GLU C 304 -37.27 17.04 -5.44
CA GLU C 304 -37.74 15.67 -5.20
C GLU C 304 -37.13 15.07 -3.94
N MET C 305 -35.81 15.23 -3.79
CA MET C 305 -35.11 14.73 -2.62
C MET C 305 -35.65 15.37 -1.34
N LEU C 306 -35.76 16.70 -1.36
CA LEU C 306 -36.40 17.47 -0.28
C LEU C 306 -37.81 16.99 0.11
N VAL C 307 -38.60 16.56 -0.88
CA VAL C 307 -39.93 15.98 -0.63
C VAL C 307 -39.84 14.68 0.15
N LYS C 308 -39.05 13.73 -0.33
CA LYS C 308 -38.92 12.44 0.35
C LYS C 308 -38.33 12.59 1.77
N SER C 309 -37.33 13.46 1.93
CA SER C 309 -36.77 13.75 3.27
C SER C 309 -37.67 14.63 4.14
N ILE C 310 -38.67 15.27 3.54
CA ILE C 310 -39.76 15.80 4.35
C ILE C 310 -40.51 14.59 4.94
N GLY C 311 -40.98 13.69 4.08
CA GLY C 311 -41.59 12.42 4.49
C GLY C 311 -40.89 11.73 5.66
N GLN C 312 -39.60 11.43 5.51
CA GLN C 312 -38.80 10.87 6.59
C GLN C 312 -39.01 11.61 7.90
N GLU C 313 -38.74 12.93 7.89
CA GLU C 313 -38.94 13.77 9.06
C GLU C 313 -40.36 13.69 9.59
N THR C 314 -41.34 13.70 8.68
CA THR C 314 -42.77 13.71 9.06
C THR C 314 -43.34 12.34 9.48
N ALA C 315 -43.14 11.33 8.66
CA ALA C 315 -43.76 10.04 8.92
C ALA C 315 -42.73 8.92 9.10
N GLY C 316 -41.49 9.17 8.72
CA GLY C 316 -40.48 8.11 8.77
C GLY C 316 -40.66 7.17 7.59
N ALA C 317 -41.17 7.73 6.50
CA ALA C 317 -41.21 7.07 5.22
C ALA C 317 -40.56 8.00 4.20
N GLY C 318 -39.45 7.55 3.61
CA GLY C 318 -38.75 8.33 2.60
C GLY C 318 -39.43 8.22 1.25
N THR C 319 -40.75 8.35 1.23
CA THR C 319 -41.55 8.14 0.01
C THR C 319 -42.12 9.45 -0.56
N TRP C 320 -42.70 9.35 -1.77
CA TRP C 320 -43.40 10.48 -2.39
C TRP C 320 -44.75 10.75 -1.72
N ASP C 321 -45.58 9.72 -1.59
CA ASP C 321 -46.90 9.83 -0.97
C ASP C 321 -46.83 10.51 0.39
N ALA C 322 -45.93 10.02 1.25
CA ALA C 322 -45.74 10.56 2.60
C ALA C 322 -45.24 12.00 2.58
N GLY C 323 -44.12 12.20 1.89
CA GLY C 323 -43.53 13.53 1.71
C GLY C 323 -44.53 14.56 1.21
N LEU C 324 -45.23 14.22 0.13
CA LEU C 324 -46.25 15.10 -0.44
C LEU C 324 -47.35 15.41 0.59
N VAL C 325 -47.86 14.37 1.25
CA VAL C 325 -48.84 14.58 2.31
C VAL C 325 -48.29 15.61 3.29
N GLY C 326 -47.03 15.41 3.69
CA GLY C 326 -46.32 16.33 4.56
C GLY C 326 -46.16 17.77 4.05
N VAL C 327 -46.13 17.93 2.73
CA VAL C 327 -45.99 19.26 2.11
C VAL C 327 -47.23 20.11 2.43
N GLU C 328 -48.38 19.57 2.09
CA GLU C 328 -49.66 20.23 2.31
C GLU C 328 -49.85 20.61 3.79
N GLU C 329 -49.45 19.72 4.70
CA GLU C 329 -49.49 20.00 6.13
C GLU C 329 -48.81 21.32 6.42
N ALA C 330 -47.52 21.39 6.14
CA ALA C 330 -46.72 22.58 6.39
C ALA C 330 -47.33 23.81 5.75
N LEU C 331 -47.85 23.64 4.54
CA LEU C 331 -48.48 24.73 3.79
C LEU C 331 -49.74 25.22 4.46
N SER C 332 -50.58 24.29 4.91
CA SER C 332 -51.76 24.64 5.69
C SER C 332 -51.32 25.22 7.04
N GLY C 333 -50.37 24.55 7.68
CA GLY C 333 -49.82 24.97 8.97
C GLY C 333 -49.05 26.27 8.89
N LEU C 334 -48.97 26.82 7.68
CA LEU C 334 -48.37 28.11 7.42
C LEU C 334 -49.48 29.14 7.24
N GLY C 335 -50.64 28.66 6.80
CA GLY C 335 -51.83 29.49 6.70
C GLY C 335 -52.33 29.63 5.28
N VAL C 336 -51.83 28.78 4.38
CA VAL C 336 -52.25 28.81 2.98
C VAL C 336 -53.45 27.88 2.75
N ASP C 337 -54.33 28.29 1.83
CA ASP C 337 -55.48 27.49 1.45
C ASP C 337 -55.04 26.50 0.38
N THR C 338 -54.68 25.29 0.82
CA THR C 338 -54.24 24.23 -0.09
C THR C 338 -55.41 23.56 -0.82
N ALA C 339 -56.58 24.20 -0.78
CA ALA C 339 -57.78 23.74 -1.48
C ALA C 339 -57.51 23.39 -2.94
N GLY C 340 -56.87 24.29 -3.67
CA GLY C 340 -56.72 24.17 -5.12
C GLY C 340 -55.41 23.56 -5.59
N LEU C 341 -54.70 22.90 -4.68
CA LEU C 341 -53.45 22.21 -5.00
C LEU C 341 -53.67 20.74 -5.24
N VAL C 342 -53.24 20.26 -6.40
CA VAL C 342 -53.12 18.83 -6.62
C VAL C 342 -51.63 18.55 -6.65
N LEU C 343 -51.13 17.95 -5.56
CA LEU C 343 -49.70 17.72 -5.41
C LEU C 343 -49.33 16.35 -5.94
N ASN C 344 -48.32 16.30 -6.81
CA ASN C 344 -47.85 15.03 -7.33
C ASN C 344 -46.33 14.92 -7.37
N ASP C 345 -45.65 16.04 -7.63
CA ASP C 345 -44.17 16.06 -7.50
C ASP C 345 -43.63 17.33 -6.84
N GLY C 346 -42.34 17.36 -6.55
CA GLY C 346 -41.73 18.47 -5.84
C GLY C 346 -41.25 19.54 -6.80
N SER C 347 -40.60 19.09 -7.88
CA SER C 347 -39.98 19.98 -8.86
C SER C 347 -40.93 20.74 -9.78
N GLY C 348 -42.06 20.11 -10.12
CA GLY C 348 -42.99 20.65 -11.11
C GLY C 348 -42.94 19.96 -12.45
N LEU C 349 -41.91 19.15 -12.63
CA LEU C 349 -41.71 18.42 -13.86
C LEU C 349 -42.91 17.53 -14.25
N SER C 350 -43.68 17.07 -13.25
CA SER C 350 -44.86 16.23 -13.49
C SER C 350 -46.10 17.03 -13.83
N ARG C 351 -46.78 16.60 -14.89
CA ARG C 351 -47.95 17.31 -15.43
C ARG C 351 -49.23 16.99 -14.66
N GLY C 352 -49.11 16.10 -13.68
CA GLY C 352 -50.20 15.78 -12.75
C GLY C 352 -50.30 16.79 -11.61
N ASN C 353 -49.33 17.69 -11.51
CA ASN C 353 -49.44 18.87 -10.66
C ASN C 353 -50.50 19.80 -11.17
N LEU C 354 -51.22 20.43 -10.24
CA LEU C 354 -52.08 21.61 -10.53
C LEU C 354 -52.04 22.58 -9.37
N VAL C 355 -52.01 23.87 -9.71
CA VAL C 355 -52.09 24.97 -8.73
C VAL C 355 -53.02 26.05 -9.27
N THR C 356 -53.31 27.07 -8.47
CA THR C 356 -54.09 28.22 -8.94
C THR C 356 -53.34 29.49 -8.59
N ALA C 357 -53.49 30.52 -9.41
CA ALA C 357 -52.73 31.75 -9.22
C ALA C 357 -52.91 32.31 -7.81
N ASP C 358 -54.13 32.18 -7.29
CA ASP C 358 -54.49 32.66 -5.94
C ASP C 358 -53.74 31.91 -4.86
N THR C 359 -53.64 30.60 -5.03
CA THR C 359 -52.89 29.75 -4.11
C THR C 359 -51.44 30.21 -4.05
N VAL C 360 -50.84 30.38 -5.21
CA VAL C 360 -49.44 30.73 -5.29
C VAL C 360 -49.20 32.05 -4.57
N VAL C 361 -49.99 33.06 -4.93
CA VAL C 361 -49.94 34.39 -4.33
C VAL C 361 -50.13 34.37 -2.81
N ASP C 362 -51.08 33.57 -2.34
CA ASP C 362 -51.27 33.34 -0.92
C ASP C 362 -49.95 32.94 -0.25
N LEU C 363 -49.27 31.97 -0.85
CA LEU C 363 -47.98 31.47 -0.35
C LEU C 363 -46.91 32.56 -0.29
N LEU C 364 -46.82 33.36 -1.36
CA LEU C 364 -45.92 34.51 -1.40
C LEU C 364 -46.23 35.57 -0.33
N GLY C 365 -47.52 35.80 -0.07
CA GLY C 365 -47.95 36.71 0.99
C GLY C 365 -47.62 36.16 2.38
N GLN C 366 -47.66 34.83 2.49
CA GLN C 366 -47.43 34.13 3.73
C GLN C 366 -45.94 34.09 4.07
N ALA C 367 -45.16 33.54 3.15
CA ALA C 367 -43.72 33.38 3.32
C ALA C 367 -43.04 34.70 3.59
N GLY C 368 -43.49 35.74 2.89
CA GLY C 368 -42.99 37.13 3.04
C GLY C 368 -42.93 37.63 4.47
N SER C 369 -43.87 37.19 5.30
CA SER C 369 -43.71 37.35 6.76
C SER C 369 -43.74 35.99 7.46
N ALA C 370 -42.56 35.39 7.58
CA ALA C 370 -42.34 34.11 8.24
C ALA C 370 -40.92 34.13 8.85
N PRO C 371 -40.61 33.21 9.80
CA PRO C 371 -39.27 33.15 10.40
C PRO C 371 -38.13 33.11 9.37
N TRP C 372 -38.35 32.39 8.27
CA TRP C 372 -37.31 32.18 7.26
C TRP C 372 -37.53 33.01 5.98
N ALA C 373 -38.14 34.19 6.13
CA ALA C 373 -38.41 35.08 5.00
C ALA C 373 -37.12 35.54 4.30
N GLN C 374 -36.10 35.84 5.11
CA GLN C 374 -34.87 36.45 4.61
C GLN C 374 -34.01 35.58 3.72
N THR C 375 -34.21 34.27 3.82
CA THR C 375 -33.44 33.29 3.09
C THR C 375 -34.26 32.74 1.93
N TRP C 376 -35.55 33.06 1.96
CA TRP C 376 -36.49 32.69 0.92
C TRP C 376 -36.35 33.62 -0.28
N SER C 377 -36.40 34.94 -0.01
CA SER C 377 -36.24 35.97 -1.05
C SER C 377 -34.91 35.86 -1.78
N ALA C 378 -33.85 35.54 -1.03
CA ALA C 378 -32.49 35.40 -1.55
C ALA C 378 -32.32 34.27 -2.56
N SER C 379 -33.07 33.18 -2.41
CA SER C 379 -32.93 32.06 -3.35
C SER C 379 -33.66 32.35 -4.66
N LEU C 380 -34.64 33.23 -4.63
CA LEU C 380 -35.38 33.55 -5.84
C LEU C 380 -34.45 34.18 -6.88
N PRO C 381 -34.50 33.67 -8.12
CA PRO C 381 -33.87 34.37 -9.24
C PRO C 381 -34.10 35.90 -9.19
N VAL C 382 -33.06 36.67 -9.49
CA VAL C 382 -33.17 38.12 -9.53
C VAL C 382 -33.17 38.64 -10.97
N ALA C 383 -34.29 39.25 -11.33
CA ALA C 383 -34.57 39.79 -12.66
C ALA C 383 -33.43 40.60 -13.31
N GLY C 384 -32.79 39.98 -14.30
CA GLY C 384 -31.87 40.71 -15.18
C GLY C 384 -30.47 40.95 -14.65
N GLU C 385 -30.01 40.04 -13.78
CA GLU C 385 -28.62 40.08 -13.29
C GLU C 385 -27.78 39.07 -14.04
N SER C 386 -26.70 39.52 -14.65
CA SER C 386 -25.85 38.67 -15.49
C SER C 386 -25.09 37.60 -14.70
N ASP C 387 -24.74 37.91 -13.46
CA ASP C 387 -24.03 36.97 -12.60
C ASP C 387 -24.97 35.80 -12.28
N PRO C 388 -24.64 34.59 -12.81
CA PRO C 388 -25.63 33.53 -12.87
C PRO C 388 -26.21 33.19 -11.49
N PHE C 389 -25.43 33.36 -10.43
CA PHE C 389 -25.87 33.02 -9.07
C PHE C 389 -26.78 34.07 -8.41
N VAL C 390 -26.92 35.23 -9.04
CA VAL C 390 -27.93 36.20 -8.61
C VAL C 390 -29.09 36.14 -9.62
N GLY C 391 -28.75 36.12 -10.91
CA GLY C 391 -29.74 36.11 -11.98
C GLY C 391 -30.56 34.83 -12.12
N GLY C 392 -29.92 33.69 -11.85
CA GLY C 392 -30.59 32.40 -12.00
C GLY C 392 -31.12 32.33 -13.41
N THR C 393 -32.34 31.79 -13.58
CA THR C 393 -32.95 31.63 -14.90
C THR C 393 -33.51 32.93 -15.43
N LEU C 394 -33.40 33.97 -14.61
CA LEU C 394 -33.97 35.27 -14.94
C LEU C 394 -32.83 36.18 -15.38
N ALA C 395 -31.66 35.55 -15.55
CA ALA C 395 -30.41 36.20 -15.97
C ALA C 395 -30.64 37.11 -17.14
N ASN C 396 -31.10 36.55 -18.25
CA ASN C 396 -31.18 37.28 -19.49
C ASN C 396 -32.46 38.11 -19.67
N ARG C 397 -33.48 37.81 -18.89
CA ARG C 397 -34.75 38.50 -19.02
C ARG C 397 -34.76 39.83 -18.25
N MET C 398 -35.35 40.85 -18.87
CA MET C 398 -35.60 42.13 -18.24
C MET C 398 -34.36 42.96 -17.93
N ARG C 399 -33.34 42.88 -18.77
CA ARG C 399 -32.23 43.83 -18.68
C ARG C 399 -32.68 45.20 -19.18
N GLY C 400 -32.17 46.26 -18.54
CA GLY C 400 -32.45 47.64 -18.95
C GLY C 400 -33.85 48.11 -18.65
N THR C 401 -34.71 47.18 -18.23
CA THR C 401 -36.07 47.46 -17.85
C THR C 401 -36.13 47.99 -16.41
N ALA C 402 -37.31 48.45 -16.01
CA ALA C 402 -37.52 48.95 -14.66
C ALA C 402 -37.35 47.87 -13.58
N ALA C 403 -37.42 46.61 -13.99
CA ALA C 403 -37.31 45.46 -13.07
C ALA C 403 -35.97 44.74 -13.22
N GLU C 404 -34.89 45.52 -13.19
CA GLU C 404 -33.54 44.97 -13.21
C GLU C 404 -32.95 45.01 -11.80
N GLY C 405 -32.69 43.84 -11.23
CA GLY C 405 -32.23 43.73 -9.85
C GLY C 405 -33.31 44.15 -8.86
N VAL C 406 -34.55 44.24 -9.35
CA VAL C 406 -35.68 44.63 -8.53
C VAL C 406 -36.58 43.42 -8.29
N VAL C 407 -37.12 42.85 -9.35
CA VAL C 407 -38.02 41.70 -9.25
C VAL C 407 -37.26 40.42 -8.85
N GLU C 408 -37.75 39.77 -7.78
CA GLU C 408 -37.25 38.47 -7.34
C GLU C 408 -38.35 37.46 -7.60
N ALA C 409 -38.08 36.46 -8.43
CA ALA C 409 -39.16 35.59 -8.95
C ALA C 409 -38.70 34.26 -9.54
N LYS C 410 -39.54 33.22 -9.40
CA LYS C 410 -39.23 31.88 -9.97
C LYS C 410 -39.90 31.58 -11.31
N THR C 411 -39.14 30.86 -12.14
CA THR C 411 -39.48 30.61 -13.52
C THR C 411 -39.96 29.18 -13.76
N GLY C 412 -40.51 28.94 -14.96
CA GLY C 412 -41.09 27.65 -15.30
C GLY C 412 -41.57 27.65 -16.73
N THR C 413 -40.96 26.80 -17.55
CA THR C 413 -41.40 26.54 -18.92
C THR C 413 -41.30 25.06 -19.24
N MET C 414 -42.41 24.53 -19.75
CA MET C 414 -42.47 23.20 -20.32
C MET C 414 -43.39 23.35 -21.50
N SER C 415 -43.53 22.30 -22.31
CA SER C 415 -44.39 22.41 -23.49
C SER C 415 -45.83 22.77 -23.09
N GLY C 416 -46.30 23.89 -23.62
CA GLY C 416 -47.67 24.36 -23.40
C GLY C 416 -47.91 24.98 -22.03
N VAL C 417 -46.82 25.24 -21.29
CA VAL C 417 -46.91 25.67 -19.88
C VAL C 417 -45.84 26.69 -19.54
N SER C 418 -46.21 27.78 -18.90
CA SER C 418 -45.20 28.75 -18.50
C SER C 418 -45.69 29.61 -17.35
N ALA C 419 -44.82 29.83 -16.37
CA ALA C 419 -45.22 30.61 -15.22
C ALA C 419 -44.16 31.58 -14.79
N LEU C 420 -44.58 32.65 -14.16
CA LEU C 420 -43.67 33.55 -13.49
C LEU C 420 -44.30 34.01 -12.18
N SER C 421 -43.63 33.69 -11.09
CA SER C 421 -44.13 34.07 -9.77
C SER C 421 -43.04 34.65 -8.88
N GLY C 422 -43.39 35.69 -8.11
CA GLY C 422 -42.46 36.31 -7.18
C GLY C 422 -42.87 37.60 -6.51
N TYR C 423 -41.88 38.32 -5.99
CA TYR C 423 -42.10 39.57 -5.29
C TYR C 423 -41.61 40.76 -6.08
N VAL C 424 -42.35 41.87 -5.98
CA VAL C 424 -41.92 43.12 -6.58
C VAL C 424 -41.56 44.12 -5.47
N PRO C 425 -40.30 44.07 -5.00
CA PRO C 425 -39.86 45.06 -4.02
C PRO C 425 -39.98 46.47 -4.60
N GLY C 426 -40.62 47.33 -3.82
CA GLY C 426 -40.62 48.77 -4.09
C GLY C 426 -40.47 49.48 -2.76
N PRO C 427 -39.98 50.74 -2.78
CA PRO C 427 -39.99 51.52 -1.54
C PRO C 427 -41.41 51.62 -0.97
N GLU C 428 -42.41 51.24 -1.76
CA GLU C 428 -43.84 51.27 -1.39
C GLU C 428 -44.22 50.14 -0.42
N GLY C 429 -43.47 49.05 -0.48
CA GLY C 429 -43.79 47.82 0.24
C GLY C 429 -44.00 46.69 -0.74
N GLU C 430 -43.39 45.53 -0.45
CA GLU C 430 -43.42 44.34 -1.31
C GLU C 430 -44.75 44.08 -2.00
N LEU C 431 -44.70 43.90 -3.32
CA LEU C 431 -45.85 43.40 -4.08
C LEU C 431 -45.57 41.93 -4.39
N ALA C 432 -46.59 41.08 -4.28
CA ALA C 432 -46.44 39.65 -4.62
C ALA C 432 -47.29 39.32 -5.81
N PHE C 433 -46.66 38.81 -6.87
CA PHE C 433 -47.38 38.50 -8.10
C PHE C 433 -47.27 37.03 -8.49
N SER C 434 -48.28 36.53 -9.22
CA SER C 434 -48.20 35.22 -9.85
C SER C 434 -48.86 35.25 -11.22
N ILE C 435 -48.16 34.75 -12.22
CA ILE C 435 -48.66 34.71 -13.58
C ILE C 435 -48.44 33.30 -14.06
N VAL C 436 -49.50 32.59 -14.45
CA VAL C 436 -49.36 31.21 -14.96
C VAL C 436 -50.09 31.04 -16.29
N ASN C 437 -49.36 30.63 -17.32
CA ASN C 437 -49.94 30.51 -18.66
C ASN C 437 -50.17 29.07 -19.06
N ASN C 438 -51.33 28.80 -19.65
CA ASN C 438 -51.68 27.45 -20.08
C ASN C 438 -52.40 27.41 -21.42
N GLY C 439 -51.88 26.58 -22.33
CA GLY C 439 -52.53 26.29 -23.60
C GLY C 439 -52.06 27.10 -24.79
N HIS C 440 -51.17 28.05 -24.54
CA HIS C 440 -50.58 28.86 -25.61
C HIS C 440 -50.02 27.89 -26.65
N SER C 441 -50.23 28.23 -27.92
CA SER C 441 -49.94 27.27 -28.99
C SER C 441 -48.49 27.29 -29.49
N GLY C 442 -47.78 28.40 -29.27
CA GLY C 442 -46.41 28.58 -29.76
C GLY C 442 -45.31 28.37 -28.71
N PRO C 443 -44.18 29.11 -28.85
CA PRO C 443 -43.14 29.15 -27.81
C PRO C 443 -43.62 29.88 -26.55
N ALA C 444 -43.02 29.56 -25.42
CA ALA C 444 -43.36 30.16 -24.11
C ALA C 444 -43.49 31.68 -24.13
N PRO C 445 -44.57 32.22 -23.52
CA PRO C 445 -44.93 33.64 -23.55
C PRO C 445 -44.05 34.49 -22.63
N LEU C 446 -42.76 34.20 -22.65
CA LEU C 446 -41.78 34.81 -21.75
C LEU C 446 -41.88 36.32 -21.82
N ALA C 447 -41.93 36.85 -23.04
CA ALA C 447 -42.01 38.30 -23.28
C ALA C 447 -43.31 38.97 -22.77
N VAL C 448 -44.34 38.15 -22.54
CA VAL C 448 -45.58 38.62 -21.90
C VAL C 448 -45.32 38.80 -20.40
N GLN C 449 -44.95 37.72 -19.73
CA GLN C 449 -44.61 37.76 -18.31
C GLN C 449 -43.68 38.93 -18.02
N ASP C 450 -42.53 38.94 -18.68
CA ASP C 450 -41.61 40.07 -18.66
C ASP C 450 -42.36 41.40 -18.71
N ALA C 451 -43.30 41.49 -19.65
CA ALA C 451 -44.03 42.72 -19.88
C ALA C 451 -44.75 43.19 -18.61
N ILE C 452 -45.35 42.24 -17.89
CA ILE C 452 -46.08 42.51 -16.64
C ILE C 452 -45.13 42.90 -15.51
N ALA C 453 -44.12 42.05 -15.29
CA ALA C 453 -43.13 42.25 -14.24
C ALA C 453 -42.59 43.66 -14.31
N VAL C 454 -42.36 44.12 -15.53
CA VAL C 454 -41.86 45.46 -15.79
C VAL C 454 -42.84 46.56 -15.35
N ARG C 455 -44.13 46.29 -15.54
CA ARG C 455 -45.18 47.24 -15.20
C ARG C 455 -45.39 47.36 -13.69
N LEU C 456 -45.32 46.23 -13.01
CA LEU C 456 -45.42 46.19 -11.55
C LEU C 456 -44.28 46.99 -10.94
N ALA C 457 -43.09 46.85 -11.52
CA ALA C 457 -41.89 47.55 -11.07
C ALA C 457 -42.08 49.07 -11.10
N GLU C 458 -42.69 49.56 -12.18
CA GLU C 458 -43.04 50.97 -12.35
C GLU C 458 -44.12 51.38 -11.33
N TYR C 459 -44.96 50.41 -10.98
CA TYR C 459 -46.04 50.59 -10.03
C TYR C 459 -45.50 50.44 -8.60
N ALA C 460 -44.18 50.50 -8.48
CA ALA C 460 -43.53 50.45 -7.19
C ALA C 460 -42.48 51.55 -7.05
N GLY C 461 -42.37 52.40 -8.08
CA GLY C 461 -41.43 53.53 -8.07
C GLY C 461 -40.01 53.16 -8.48
N HIS C 462 -39.88 52.31 -9.48
CA HIS C 462 -38.59 51.92 -10.02
C HIS C 462 -38.52 52.28 -11.50
N GLN C 463 -37.37 52.80 -11.92
CA GLN C 463 -37.15 53.10 -13.33
C GLN C 463 -35.85 52.46 -13.86
N ALA C 464 -35.61 52.58 -15.17
CA ALA C 464 -34.45 51.97 -15.82
C ALA C 464 -33.12 52.40 -15.16
N PRO C 465 -32.19 51.43 -14.97
CA PRO C 465 -30.88 51.68 -14.32
C PRO C 465 -29.96 52.68 -15.08
N GLU C 466 -29.01 53.21 -14.51
N ARG D 1 19.44 19.80 -18.08
CA ARG D 1 19.01 21.21 -17.90
C ARG D 1 18.69 21.53 -16.43
N LEU D 2 18.59 20.50 -15.60
CA LEU D 2 18.31 20.63 -14.15
C LEU D 2 19.45 21.29 -13.37
N THR D 3 20.67 20.79 -13.60
CA THR D 3 21.88 21.37 -13.02
C THR D 3 22.28 22.66 -13.77
N GLU D 4 21.79 22.78 -15.01
CA GLU D 4 21.95 23.97 -15.84
C GLU D 4 21.15 25.15 -15.30
N LEU D 5 20.00 24.85 -14.70
CA LEU D 5 19.14 25.85 -14.06
C LEU D 5 19.83 26.45 -12.84
N ARG D 6 20.47 25.59 -12.05
CA ARG D 6 21.32 26.01 -10.92
C ARG D 6 22.30 27.08 -11.35
N GLU D 7 23.05 26.76 -12.41
CA GLU D 7 24.02 27.66 -13.01
C GLU D 7 23.41 29.05 -13.18
N ASP D 8 22.31 29.10 -13.93
CA ASP D 8 21.67 30.34 -14.35
C ASP D 8 21.13 31.14 -13.18
N ILE D 9 20.72 30.45 -12.12
CA ILE D 9 20.24 31.10 -10.90
C ILE D 9 21.40 31.54 -9.98
N ASP D 10 22.39 30.66 -9.79
CA ASP D 10 23.63 31.01 -9.10
C ASP D 10 24.12 32.35 -9.64
N ALA D 11 24.28 32.39 -10.96
CA ALA D 11 24.74 33.57 -11.70
C ALA D 11 23.93 34.84 -11.41
N ILE D 12 22.61 34.70 -11.31
CA ILE D 12 21.72 35.85 -11.09
C ILE D 12 21.95 36.51 -9.73
N LEU D 13 22.05 35.69 -8.69
CA LEU D 13 22.19 36.20 -7.32
C LEU D 13 23.52 36.92 -7.07
N GLU D 14 24.34 37.02 -8.11
CA GLU D 14 25.64 37.65 -8.01
C GLU D 14 25.57 39.10 -8.46
N ASP D 15 24.35 39.61 -8.60
CA ASP D 15 24.13 40.98 -9.06
C ASP D 15 24.69 42.01 -8.07
N PRO D 16 25.34 43.08 -8.57
CA PRO D 16 25.76 44.20 -7.73
C PRO D 16 24.64 44.73 -6.84
N ALA D 17 23.39 44.59 -7.30
CA ALA D 17 22.22 45.03 -6.55
C ALA D 17 22.03 44.31 -5.22
N LEU D 18 22.62 43.12 -5.09
CA LEU D 18 22.46 42.30 -3.88
C LEU D 18 23.64 42.33 -2.89
N GLU D 19 24.45 43.39 -2.94
CA GLU D 19 25.59 43.53 -2.03
C GLU D 19 25.13 43.76 -0.58
N GLY D 20 25.72 43.00 0.35
CA GLY D 20 25.33 43.05 1.75
C GLY D 20 23.94 42.49 1.99
N ALA D 21 23.44 41.71 1.04
CA ALA D 21 22.11 41.14 1.13
C ALA D 21 22.13 39.63 1.45
N VAL D 22 20.99 39.13 1.93
CA VAL D 22 20.77 37.73 2.27
C VAL D 22 19.43 37.30 1.67
N SER D 23 19.47 36.51 0.60
CA SER D 23 18.23 36.12 -0.10
C SER D 23 17.87 34.66 0.11
N GLY D 24 16.63 34.41 0.52
CA GLY D 24 16.14 33.04 0.61
C GLY D 24 15.41 32.66 -0.67
N VAL D 25 15.95 31.66 -1.37
CA VAL D 25 15.38 31.20 -2.66
C VAL D 25 15.26 29.67 -2.76
N VAL D 26 14.02 29.19 -2.88
CA VAL D 26 13.73 27.75 -3.08
C VAL D 26 12.66 27.51 -4.13
N VAL D 27 12.95 26.64 -5.08
CA VAL D 27 11.99 26.22 -6.11
C VAL D 27 11.76 24.71 -6.03
N VAL D 28 10.50 24.30 -6.10
CA VAL D 28 10.11 22.89 -5.96
C VAL D 28 9.15 22.46 -7.10
N ASP D 29 8.99 21.15 -7.27
CA ASP D 29 8.02 20.62 -8.22
C ASP D 29 6.71 20.28 -7.51
N THR D 30 5.62 20.93 -7.93
CA THR D 30 4.30 20.65 -7.37
C THR D 30 3.92 19.23 -7.73
N ALA D 31 4.06 18.90 -9.01
CA ALA D 31 3.73 17.57 -9.52
C ALA D 31 4.47 16.45 -8.78
N THR D 32 5.81 16.43 -8.85
CA THR D 32 6.60 15.30 -8.34
C THR D 32 7.37 15.56 -7.04
N GLY D 33 7.09 16.69 -6.39
CA GLY D 33 7.57 16.97 -5.03
C GLY D 33 9.03 17.35 -4.86
N GLU D 34 9.86 17.07 -5.87
CA GLU D 34 11.30 17.28 -5.79
C GLU D 34 11.72 18.76 -5.71
N GLU D 35 12.58 19.06 -4.74
CA GLU D 35 13.18 20.39 -4.59
C GLU D 35 14.26 20.64 -5.65
N LEU D 36 14.09 21.70 -6.45
CA LEU D 36 15.00 21.98 -7.56
C LEU D 36 16.18 22.87 -7.20
N TYR D 37 15.91 23.94 -6.44
CA TYR D 37 16.95 24.89 -6.04
C TYR D 37 16.75 25.33 -4.60
N SER D 38 17.85 25.41 -3.85
CA SER D 38 17.84 25.94 -2.49
C SER D 38 19.12 26.65 -2.10
N ARG D 39 18.97 27.73 -1.37
CA ARG D 39 20.06 28.42 -0.73
C ARG D 39 19.44 29.38 0.26
N ASP D 40 19.86 29.26 1.52
CA ASP D 40 19.35 30.08 2.61
C ASP D 40 17.81 30.07 2.69
N GLY D 41 17.21 28.98 2.22
CA GLY D 41 15.77 28.77 2.33
C GLY D 41 15.32 28.79 3.77
N GLY D 42 16.23 28.38 4.67
CA GLY D 42 15.96 28.32 6.10
C GLY D 42 16.29 29.58 6.88
N GLU D 43 16.62 30.67 6.18
CA GLU D 43 16.94 31.95 6.85
C GLU D 43 15.68 32.77 7.19
N GLN D 44 15.56 33.18 8.46
CA GLN D 44 14.41 33.98 8.92
C GLN D 44 14.45 35.43 8.45
N LEU D 45 13.65 35.73 7.44
CA LEU D 45 13.67 37.03 6.77
C LEU D 45 12.36 37.84 6.86
N LEU D 46 12.48 39.17 6.89
CA LEU D 46 11.34 40.09 6.79
C LEU D 46 10.54 39.80 5.51
N PRO D 47 9.26 39.41 5.66
CA PRO D 47 8.43 38.93 4.55
C PRO D 47 7.62 40.00 3.82
N ALA D 48 7.53 41.21 4.39
CA ALA D 48 6.75 42.31 3.82
C ALA D 48 5.38 41.86 3.32
N SER D 49 4.99 42.36 2.15
CA SER D 49 3.70 42.03 1.55
C SER D 49 3.40 40.54 1.44
N ASN D 50 4.45 39.72 1.32
CA ASN D 50 4.30 38.26 1.19
C ASN D 50 3.47 37.67 2.31
N MET D 51 3.57 38.28 3.50
CA MET D 51 2.87 37.80 4.69
C MET D 51 1.42 37.38 4.39
N LYS D 52 0.77 38.12 3.49
CA LYS D 52 -0.62 37.90 3.11
C LYS D 52 -0.88 36.51 2.52
N LEU D 53 0.15 35.87 1.97
CA LEU D 53 0.07 34.48 1.51
C LEU D 53 -0.36 33.56 2.65
N PHE D 54 0.17 33.84 3.85
CA PHE D 54 -0.17 33.12 5.07
C PHE D 54 -1.53 33.54 5.58
N THR D 55 -1.75 34.86 5.56
CA THR D 55 -2.94 35.49 6.12
C THR D 55 -4.19 35.20 5.32
N ALA D 56 -4.02 35.04 4.00
CA ALA D 56 -5.10 34.65 3.09
C ALA D 56 -5.36 33.15 3.19
N ALA D 57 -4.27 32.38 3.24
CA ALA D 57 -4.38 30.92 3.33
C ALA D 57 -4.95 30.49 4.68
N ALA D 58 -4.73 31.30 5.71
CA ALA D 58 -5.33 31.03 7.02
C ALA D 58 -6.81 31.41 7.02
N ALA D 59 -7.13 32.52 6.35
CA ALA D 59 -8.51 32.98 6.24
C ALA D 59 -9.41 32.00 5.46
N LEU D 60 -8.86 31.42 4.40
CA LEU D 60 -9.58 30.40 3.63
C LEU D 60 -9.88 29.18 4.50
N GLU D 61 -8.87 28.73 5.24
CA GLU D 61 -9.00 27.64 6.19
C GLU D 61 -10.10 27.92 7.20
N VAL D 62 -9.91 28.99 7.97
CA VAL D 62 -10.79 29.31 9.10
C VAL D 62 -12.19 29.74 8.67
N LEU D 63 -12.31 30.83 7.89
CA LEU D 63 -13.63 31.37 7.55
C LEU D 63 -14.42 30.55 6.52
N GLY D 64 -13.70 30.00 5.54
CA GLY D 64 -14.31 29.29 4.40
C GLY D 64 -14.37 30.13 3.13
N ALA D 65 -14.35 29.46 1.98
CA ALA D 65 -14.46 30.14 0.69
C ALA D 65 -15.82 30.82 0.55
N ASP D 66 -16.87 30.08 0.88
CA ASP D 66 -18.26 30.53 0.79
C ASP D 66 -18.62 31.65 1.76
N HIS D 67 -17.67 32.01 2.62
CA HIS D 67 -17.87 32.97 3.70
C HIS D 67 -18.23 34.36 3.20
N SER D 68 -19.21 34.97 3.86
CA SER D 68 -19.63 36.33 3.57
C SER D 68 -19.54 37.19 4.84
N PHE D 69 -19.64 38.51 4.69
CA PHE D 69 -19.53 39.38 5.84
C PHE D 69 -20.78 40.25 5.98
N GLY D 70 -21.44 40.09 7.13
CA GLY D 70 -22.69 40.78 7.40
C GLY D 70 -22.51 42.24 7.79
N THR D 71 -23.44 43.07 7.36
CA THR D 71 -23.52 44.48 7.76
C THR D 71 -25.00 44.78 8.01
N GLU D 72 -25.31 45.43 9.13
CA GLU D 72 -26.70 45.54 9.58
C GLU D 72 -27.06 46.90 10.16
N VAL D 73 -28.36 47.15 10.30
CA VAL D 73 -28.92 48.37 10.90
C VAL D 73 -30.05 47.99 11.86
N ALA D 74 -29.97 48.49 13.09
CA ALA D 74 -30.93 48.18 14.16
C ALA D 74 -31.37 49.44 14.93
N ALA D 75 -32.60 49.41 15.43
CA ALA D 75 -33.13 50.49 16.26
C ALA D 75 -33.82 49.94 17.51
N GLU D 76 -34.22 50.83 18.43
CA GLU D 76 -34.93 50.45 19.65
C GLU D 76 -35.93 49.33 19.41
N SER D 77 -36.88 49.58 18.51
CA SER D 77 -37.77 48.53 18.01
C SER D 77 -38.35 48.86 16.62
N ALA D 78 -39.66 48.67 16.46
CA ALA D 78 -40.35 48.84 15.17
C ALA D 78 -40.37 50.28 14.63
N PRO D 79 -40.72 50.45 13.34
CA PRO D 79 -41.02 51.71 12.61
C PRO D 79 -41.78 52.82 13.41
N GLY D 80 -43.11 52.89 13.23
CA GLY D 80 -43.95 53.95 13.85
C GLY D 80 -45.00 54.56 12.93
N ARG D 81 -45.82 55.47 13.45
CA ARG D 81 -46.85 56.16 12.66
C ARG D 81 -46.22 57.20 11.75
N ARG D 82 -45.73 58.28 12.35
CA ARG D 82 -44.97 59.30 11.64
C ARG D 82 -43.61 58.73 11.24
N GLY D 83 -43.40 57.44 11.56
CA GLY D 83 -42.16 56.72 11.26
C GLY D 83 -41.01 57.17 12.13
N GLU D 84 -41.15 57.02 13.44
CA GLU D 84 -40.21 57.61 14.40
C GLU D 84 -39.58 56.62 15.40
N VAL D 85 -38.25 56.53 15.36
CA VAL D 85 -37.45 55.81 16.36
C VAL D 85 -36.62 56.81 17.18
N GLN D 86 -36.03 56.35 18.28
CA GLN D 86 -35.20 57.20 19.12
C GLN D 86 -33.75 57.14 18.66
N ASP D 87 -33.00 56.17 19.16
CA ASP D 87 -31.61 55.98 18.74
C ASP D 87 -31.51 54.93 17.63
N LEU D 88 -30.52 55.11 16.76
CA LEU D 88 -30.34 54.27 15.57
C LEU D 88 -28.88 53.79 15.47
N TYR D 89 -28.67 52.60 14.89
CA TYR D 89 -27.34 51.98 14.87
C TYR D 89 -26.90 51.42 13.52
N LEU D 90 -25.73 51.86 13.04
CA LEU D 90 -25.10 51.20 11.89
C LEU D 90 -24.05 50.21 12.39
N VAL D 91 -24.29 48.92 12.13
CA VAL D 91 -23.44 47.86 12.66
C VAL D 91 -22.66 47.16 11.55
N GLY D 92 -21.35 47.06 11.72
CA GLY D 92 -20.48 46.36 10.77
C GLY D 92 -19.76 45.20 11.40
N ARG D 93 -19.46 44.18 10.59
CA ARG D 93 -18.84 42.95 11.09
C ARG D 93 -17.71 42.46 10.20
N GLY D 94 -16.89 43.38 9.72
CA GLY D 94 -15.71 43.02 8.96
C GLY D 94 -15.95 42.91 7.47
N ASP D 95 -16.79 43.82 6.96
CA ASP D 95 -17.03 43.94 5.52
C ASP D 95 -15.96 44.86 4.91
N PRO D 96 -14.94 44.25 4.28
CA PRO D 96 -13.84 45.01 3.71
C PRO D 96 -14.21 45.63 2.37
N THR D 97 -15.43 45.33 1.92
CA THR D 97 -15.89 45.67 0.58
C THR D 97 -17.19 46.45 0.68
N LEU D 98 -17.28 47.26 1.74
CA LEU D 98 -18.51 47.96 2.10
C LEU D 98 -18.60 49.35 1.46
N SER D 99 -19.21 49.43 0.27
CA SER D 99 -19.18 50.65 -0.55
C SER D 99 -20.13 51.77 -0.10
N ALA D 100 -19.86 52.98 -0.58
CA ALA D 100 -20.72 54.14 -0.35
C ALA D 100 -22.09 53.99 -1.05
N GLU D 101 -22.16 53.01 -1.94
CA GLU D 101 -23.41 52.66 -2.64
C GLU D 101 -24.16 51.59 -1.86
N ASP D 102 -23.42 50.64 -1.29
CA ASP D 102 -23.98 49.66 -0.35
C ASP D 102 -24.59 50.43 0.82
N LEU D 103 -23.77 51.32 1.37
CA LEU D 103 -24.09 52.27 2.42
C LEU D 103 -25.38 53.07 2.14
N ASP D 104 -25.69 53.25 0.85
CA ASP D 104 -26.88 53.97 0.41
C ASP D 104 -28.10 53.05 0.25
N ALA D 105 -27.87 51.81 -0.16
CA ALA D 105 -28.93 50.79 -0.22
C ALA D 105 -29.63 50.68 1.12
N MET D 106 -28.83 50.56 2.20
CA MET D 106 -29.36 50.41 3.56
C MET D 106 -30.12 51.65 4.05
N ALA D 107 -29.61 52.84 3.70
CA ALA D 107 -30.26 54.12 4.03
C ALA D 107 -31.54 54.34 3.24
N ALA D 108 -31.81 53.40 2.33
CA ALA D 108 -33.00 53.39 1.50
C ALA D 108 -33.76 52.07 1.63
N GLU D 109 -33.32 51.22 2.56
CA GLU D 109 -34.13 50.11 3.06
C GLU D 109 -34.81 50.59 4.32
N VAL D 110 -34.17 51.55 4.99
CA VAL D 110 -34.66 52.16 6.23
C VAL D 110 -35.93 53.01 6.04
N ALA D 111 -36.03 53.69 4.89
CA ALA D 111 -37.25 54.39 4.53
C ALA D 111 -38.30 53.38 4.06
N ALA D 112 -37.82 52.27 3.49
CA ALA D 112 -38.67 51.21 2.92
C ALA D 112 -39.06 50.11 3.93
N SER D 113 -38.82 50.36 5.21
CA SER D 113 -39.31 49.47 6.28
C SER D 113 -40.03 50.25 7.40
N GLY D 114 -40.21 51.55 7.19
CA GLY D 114 -41.01 52.37 8.09
C GLY D 114 -40.46 53.74 8.44
N VAL D 115 -39.17 53.81 8.77
CA VAL D 115 -38.56 55.03 9.33
C VAL D 115 -38.66 56.25 8.40
N ARG D 116 -39.19 57.33 8.96
CA ARG D 116 -39.32 58.62 8.27
C ARG D 116 -38.45 59.67 8.97
N THR D 117 -38.33 59.53 10.29
CA THR D 117 -37.52 60.44 11.12
C THR D 117 -36.93 59.65 12.30
N VAL D 118 -35.89 60.21 12.92
CA VAL D 118 -35.27 59.61 14.10
C VAL D 118 -34.75 60.70 15.05
N ARG D 119 -35.47 60.90 16.18
CA ARG D 119 -35.24 62.01 17.11
C ARG D 119 -33.97 61.92 17.98
N GLY D 120 -33.46 60.70 18.18
CA GLY D 120 -32.24 60.48 18.94
C GLY D 120 -30.99 60.51 18.07
N ASP D 121 -29.93 59.84 18.53
CA ASP D 121 -28.64 59.85 17.83
C ASP D 121 -28.47 58.67 16.88
N LEU D 122 -27.46 58.76 16.00
CA LEU D 122 -27.06 57.65 15.13
C LEU D 122 -25.67 57.17 15.52
N TYR D 123 -25.51 55.86 15.65
CA TYR D 123 -24.24 55.32 16.07
C TYR D 123 -23.60 54.39 15.06
N ALA D 124 -22.27 54.45 15.01
CA ALA D 124 -21.46 53.49 14.27
C ALA D 124 -20.92 52.44 15.23
N ASP D 125 -21.40 51.22 15.08
CA ASP D 125 -21.00 50.13 15.95
C ASP D 125 -19.98 49.24 15.25
N ASP D 126 -18.71 49.47 15.57
CA ASP D 126 -17.61 48.74 14.94
C ASP D 126 -17.06 47.71 15.91
N THR D 127 -17.84 47.42 16.95
CA THR D 127 -17.34 46.68 18.10
C THR D 127 -17.09 45.20 17.82
N TRP D 128 -17.51 44.71 16.66
CA TRP D 128 -17.16 43.35 16.24
C TRP D 128 -15.64 43.11 16.35
N PHE D 129 -14.87 44.18 16.22
CA PHE D 129 -13.43 44.19 16.48
C PHE D 129 -13.11 45.17 17.61
N ASP D 130 -11.94 45.03 18.21
CA ASP D 130 -11.45 45.99 19.19
C ASP D 130 -11.10 47.28 18.48
N SER D 131 -10.86 48.33 19.27
CA SER D 131 -10.57 49.65 18.74
C SER D 131 -9.07 49.88 18.54
N GLU D 132 -8.30 48.78 18.55
CA GLU D 132 -6.88 48.87 18.25
C GLU D 132 -6.71 48.99 16.73
N ARG D 133 -6.56 50.22 16.25
CA ARG D 133 -6.52 50.54 14.81
C ARG D 133 -5.19 50.16 14.17
N LEU D 134 -4.10 50.44 14.85
CA LEU D 134 -2.78 50.37 14.25
C LEU D 134 -1.91 49.42 15.06
N VAL D 135 -0.99 48.73 14.38
CA VAL D 135 -0.08 47.81 15.03
C VAL D 135 0.99 48.59 15.81
N ASP D 136 1.15 48.26 17.09
CA ASP D 136 2.21 48.84 17.92
C ASP D 136 3.37 49.36 17.08
N ASP D 137 4.00 48.50 16.28
CA ASP D 137 5.26 48.85 15.59
C ASP D 137 5.17 49.32 14.11
N TRP D 138 4.03 49.88 13.70
CA TRP D 138 3.93 50.57 12.41
C TRP D 138 4.36 52.00 12.62
N TRP D 139 5.10 52.58 11.67
CA TRP D 139 5.59 53.96 11.81
C TRP D 139 4.48 54.99 11.63
N PRO D 140 4.40 55.96 12.57
CA PRO D 140 3.41 57.02 12.47
C PRO D 140 3.45 57.77 11.15
N GLU D 141 4.64 57.90 10.55
CA GLU D 141 4.75 58.67 9.31
C GLU D 141 4.10 58.00 8.11
N ASP D 142 3.94 56.67 8.18
CA ASP D 142 3.28 55.89 7.13
C ASP D 142 1.76 56.04 7.15
N GLU D 143 1.22 56.54 8.26
CA GLU D 143 -0.22 56.56 8.53
C GLU D 143 -1.13 57.25 7.49
N PRO D 144 -0.70 58.42 6.95
CA PRO D 144 -1.62 59.11 6.01
C PRO D 144 -1.81 58.45 4.64
N TYR D 145 -1.41 57.19 4.49
CA TYR D 145 -1.50 56.54 3.17
C TYR D 145 -2.34 55.26 3.19
N ALA D 146 -2.99 54.96 2.08
CA ALA D 146 -3.96 53.88 1.99
C ALA D 146 -3.45 52.54 2.54
N TYR D 147 -2.19 52.21 2.25
CA TYR D 147 -1.58 50.99 2.76
C TYR D 147 -1.53 50.92 4.29
N SER D 148 -1.71 52.06 4.94
CA SER D 148 -1.54 52.16 6.39
C SER D 148 -2.84 52.54 7.15
N ALA D 149 -3.97 52.62 6.42
CA ALA D 149 -5.28 53.01 6.98
C ALA D 149 -5.67 52.32 8.28
N GLN D 150 -6.36 53.06 9.15
CA GLN D 150 -6.81 52.54 10.43
C GLN D 150 -7.73 51.34 10.26
N ILE D 151 -7.56 50.34 11.13
CA ILE D 151 -8.37 49.11 11.11
C ILE D 151 -9.67 49.25 11.93
N SER D 152 -10.79 48.82 11.36
CA SER D 152 -12.07 48.78 12.08
C SER D 152 -12.97 47.71 11.47
N ALA D 153 -13.88 47.16 12.27
CA ALA D 153 -14.88 46.23 11.72
C ALA D 153 -15.79 46.98 10.75
N LEU D 154 -16.31 48.13 11.15
CA LEU D 154 -17.15 48.92 10.27
C LEU D 154 -16.35 50.03 9.62
N THR D 155 -16.01 49.84 8.35
CA THR D 155 -15.27 50.86 7.56
C THR D 155 -15.59 50.90 6.06
N VAL D 156 -15.66 52.13 5.53
CA VAL D 156 -16.06 52.37 4.14
C VAL D 156 -14.92 52.21 3.12
N ALA D 157 -15.18 51.38 2.10
CA ALA D 157 -14.27 51.14 0.98
C ALA D 157 -14.47 52.15 -0.15
N HIS D 158 -13.37 52.53 -0.81
CA HIS D 158 -13.39 53.44 -1.95
C HIS D 158 -13.14 52.69 -3.26
N GLY D 159 -13.96 52.99 -4.27
CA GLY D 159 -13.78 52.46 -5.62
C GLY D 159 -13.72 50.94 -5.75
N GLU D 160 -13.59 50.49 -6.99
CA GLU D 160 -13.58 49.07 -7.35
C GLU D 160 -12.45 48.23 -6.72
N ARG D 161 -11.38 48.91 -6.29
CA ARG D 161 -10.22 48.27 -5.64
C ARG D 161 -10.44 47.97 -4.16
N PHE D 162 -11.47 48.57 -3.58
CA PHE D 162 -11.94 48.32 -2.20
C PHE D 162 -10.97 48.82 -1.14
N ASP D 163 -10.31 49.93 -1.40
CA ASP D 163 -9.38 50.51 -0.45
C ASP D 163 -10.15 51.06 0.74
N THR D 164 -9.88 50.49 1.91
CA THR D 164 -10.65 50.71 3.14
C THR D 164 -10.27 51.92 3.98
N GLY D 165 -11.28 52.52 4.60
CA GLY D 165 -11.12 53.59 5.56
C GLY D 165 -10.30 54.78 5.10
N VAL D 166 -10.45 55.12 3.83
CA VAL D 166 -9.72 56.24 3.23
C VAL D 166 -10.69 57.23 2.61
N THR D 167 -10.16 58.28 2.01
CA THR D 167 -10.96 59.18 1.20
C THR D 167 -10.20 59.44 -0.09
N GLU D 168 -10.89 60.03 -1.06
CA GLU D 168 -10.25 60.49 -2.28
C GLU D 168 -10.15 62.01 -2.26
N VAL D 169 -8.92 62.51 -2.17
CA VAL D 169 -8.64 63.94 -2.21
C VAL D 169 -8.33 64.30 -3.64
N SER D 170 -8.96 65.38 -4.11
CA SER D 170 -8.75 65.88 -5.47
C SER D 170 -8.47 67.38 -5.47
N VAL D 171 -7.26 67.72 -5.91
CA VAL D 171 -6.84 69.11 -5.98
C VAL D 171 -6.89 69.57 -7.43
N THR D 172 -7.76 70.55 -7.70
CA THR D 172 -7.79 71.21 -9.00
C THR D 172 -7.03 72.53 -8.88
N PRO D 173 -6.23 72.87 -9.90
CA PRO D 173 -5.55 74.18 -9.86
C PRO D 173 -6.41 75.29 -10.45
N ALA D 174 -6.33 76.48 -9.86
CA ALA D 174 -6.96 77.66 -10.45
C ALA D 174 -6.02 78.19 -11.55
N ALA D 175 -5.79 79.49 -11.56
CA ALA D 175 -4.79 80.07 -12.44
C ALA D 175 -3.56 80.53 -11.65
N GLU D 176 -2.48 80.80 -12.38
CA GLU D 176 -1.22 81.25 -11.80
C GLU D 176 -1.40 82.19 -10.61
N GLY D 177 -0.72 81.88 -9.51
CA GLY D 177 -0.69 82.76 -8.32
C GLY D 177 -1.92 82.70 -7.43
N GLU D 178 -2.90 81.88 -7.80
CA GLU D 178 -4.17 81.82 -7.10
C GLU D 178 -4.33 80.52 -6.31
N PRO D 179 -4.99 80.60 -5.13
CA PRO D 179 -5.13 79.41 -4.28
C PRO D 179 -5.98 78.34 -4.92
N ALA D 180 -5.54 77.10 -4.79
CA ALA D 180 -6.18 75.97 -5.44
C ALA D 180 -7.41 75.46 -4.70
N ASP D 181 -8.35 74.90 -5.45
CA ASP D 181 -9.49 74.19 -4.88
C ASP D 181 -9.07 72.76 -4.50
N VAL D 182 -9.49 72.34 -3.30
CA VAL D 182 -9.30 70.97 -2.83
C VAL D 182 -10.64 70.34 -2.44
N ASP D 183 -10.95 69.20 -3.06
CA ASP D 183 -12.13 68.39 -2.72
C ASP D 183 -11.70 67.17 -1.90
N LEU D 184 -12.33 67.00 -0.74
CA LEU D 184 -11.99 65.95 0.20
C LEU D 184 -12.85 64.71 0.02
N GLY D 185 -13.23 64.43 -1.22
CA GLY D 185 -14.08 63.27 -1.56
C GLY D 185 -15.15 62.86 -0.55
N ALA D 186 -15.18 61.56 -0.24
CA ALA D 186 -16.22 60.95 0.60
C ALA D 186 -15.98 61.21 2.10
N ALA D 187 -15.34 62.34 2.39
CA ALA D 187 -14.99 62.71 3.74
C ALA D 187 -15.10 64.21 3.90
N GLU D 188 -15.82 64.85 2.96
CA GLU D 188 -16.05 66.29 2.97
C GLU D 188 -17.04 66.62 4.08
N GLY D 189 -16.59 67.43 5.04
CA GLY D 189 -17.41 67.79 6.19
C GLY D 189 -17.38 66.81 7.35
N TYR D 190 -16.63 65.72 7.20
CA TYR D 190 -16.23 64.85 8.32
C TYR D 190 -14.82 65.23 8.75
N ALA D 191 -13.91 65.23 7.80
CA ALA D 191 -12.52 65.58 8.05
C ALA D 191 -12.30 67.07 7.89
N GLU D 192 -11.47 67.62 8.77
CA GLU D 192 -11.12 69.02 8.71
C GLU D 192 -10.12 69.20 7.56
N LEU D 193 -10.08 70.40 6.99
CA LEU D 193 -9.15 70.68 5.91
C LEU D 193 -8.34 71.94 6.17
N ASP D 194 -7.06 71.88 5.81
CA ASP D 194 -6.22 73.05 5.74
C ASP D 194 -5.58 73.10 4.37
N ASN D 195 -6.21 73.85 3.47
CA ASN D 195 -5.67 74.07 2.15
C ASN D 195 -4.83 75.34 2.13
N ARG D 196 -3.53 75.13 1.94
CA ARG D 196 -2.55 76.21 1.89
C ARG D 196 -1.82 76.22 0.54
N ALA D 197 -2.33 75.42 -0.40
CA ALA D 197 -1.79 75.35 -1.75
C ALA D 197 -1.96 76.65 -2.56
N VAL D 198 -1.17 76.76 -3.62
CA VAL D 198 -1.27 77.85 -4.59
C VAL D 198 -1.23 77.27 -6.00
N THR D 199 -1.24 78.14 -7.00
CA THR D 199 -0.91 77.72 -8.35
C THR D 199 0.37 78.42 -8.84
N GLY D 200 1.30 77.61 -9.35
CA GLY D 200 2.49 78.13 -10.01
C GLY D 200 2.11 78.44 -11.44
N ALA D 201 3.03 79.07 -12.17
CA ALA D 201 2.86 79.31 -13.60
C ALA D 201 2.70 77.98 -14.34
N ALA D 202 2.18 78.06 -15.56
CA ALA D 202 2.13 76.90 -16.43
C ALA D 202 3.52 76.32 -16.45
N GLY D 203 3.61 74.99 -16.36
CA GLY D 203 4.88 74.28 -16.46
C GLY D 203 5.87 74.48 -15.32
N SER D 204 5.47 75.26 -14.32
CA SER D 204 6.25 75.45 -13.09
C SER D 204 6.53 74.13 -12.39
N ALA D 205 7.47 74.13 -11.45
CA ALA D 205 7.78 72.90 -10.73
C ALA D 205 6.66 72.57 -9.75
N ASN D 206 6.19 71.34 -9.87
CA ASN D 206 5.16 70.78 -8.99
C ASN D 206 5.76 70.56 -7.63
N THR D 207 5.19 71.19 -6.60
CA THR D 207 5.65 70.97 -5.23
C THR D 207 4.49 70.57 -4.33
N LEU D 208 3.52 69.86 -4.90
CA LEU D 208 2.32 69.52 -4.15
C LEU D 208 2.52 68.34 -3.22
N VAL D 209 2.10 68.52 -1.97
CA VAL D 209 1.98 67.42 -1.01
C VAL D 209 0.65 67.43 -0.23
N ILE D 210 0.10 66.23 -0.04
CA ILE D 210 -1.13 66.03 0.71
C ILE D 210 -0.80 65.18 1.95
N ASP D 211 -1.15 65.70 3.11
CA ASP D 211 -0.75 65.10 4.36
C ASP D 211 -1.83 65.19 5.45
N ARG D 212 -1.72 64.30 6.43
CA ARG D 212 -2.57 64.27 7.61
C ARG D 212 -1.69 64.13 8.83
N PRO D 213 -1.32 65.28 9.45
CA PRO D 213 -0.38 65.32 10.58
C PRO D 213 -0.81 64.41 11.72
N VAL D 214 0.13 63.70 12.34
CA VAL D 214 -0.20 62.62 13.29
C VAL D 214 -1.24 62.98 14.34
N GLY D 215 -2.16 62.04 14.58
CA GLY D 215 -3.17 62.19 15.63
C GLY D 215 -4.15 63.32 15.39
N THR D 216 -4.33 63.70 14.14
CA THR D 216 -5.29 64.74 13.76
C THR D 216 -6.17 64.26 12.60
N ASN D 217 -7.40 64.75 12.56
CA ASN D 217 -8.28 64.45 11.43
C ASN D 217 -8.35 65.62 10.45
N THR D 218 -7.22 66.30 10.33
CA THR D 218 -7.04 67.47 9.45
C THR D 218 -6.34 66.99 8.18
N ILE D 219 -6.79 67.48 7.03
CA ILE D 219 -6.09 67.19 5.77
C ILE D 219 -5.35 68.45 5.39
N ALA D 220 -4.02 68.41 5.50
CA ALA D 220 -3.23 69.59 5.25
C ALA D 220 -2.55 69.51 3.90
N VAL D 221 -2.84 70.51 3.06
CA VAL D 221 -2.24 70.63 1.74
C VAL D 221 -1.31 71.86 1.62
N THR D 222 -0.02 71.60 1.44
CA THR D 222 0.98 72.63 1.23
C THR D 222 1.53 72.42 -0.18
N GLY D 223 2.11 73.47 -0.76
CA GLY D 223 2.85 73.33 -2.02
C GLY D 223 2.29 74.07 -3.21
N SER D 224 2.94 73.91 -4.37
CA SER D 224 2.54 74.60 -5.60
C SER D 224 2.27 73.63 -6.78
N LEU D 225 1.04 73.65 -7.28
CA LEU D 225 0.67 72.87 -8.46
C LEU D 225 0.56 73.80 -9.67
N PRO D 226 1.26 73.44 -10.76
CA PRO D 226 1.23 74.25 -11.98
C PRO D 226 -0.17 74.32 -12.59
N ALA D 227 -0.46 75.42 -13.27
CA ALA D 227 -1.77 75.60 -13.91
C ALA D 227 -2.03 74.58 -15.01
N ASP D 228 -1.11 74.48 -15.98
CA ASP D 228 -1.29 73.52 -17.08
C ASP D 228 -1.17 72.05 -16.65
N ALA D 229 -1.12 71.81 -15.34
CA ALA D 229 -1.07 70.46 -14.78
C ALA D 229 -2.47 69.90 -14.63
N ALA D 230 -2.60 68.60 -14.91
CA ALA D 230 -3.86 67.90 -14.68
C ALA D 230 -4.12 67.79 -13.16
N PRO D 231 -5.39 67.94 -12.74
CA PRO D 231 -5.74 67.88 -11.31
C PRO D 231 -5.23 66.65 -10.59
N VAL D 232 -4.73 66.84 -9.36
CA VAL D 232 -4.16 65.74 -8.55
C VAL D 232 -5.24 64.90 -7.84
N THR D 233 -5.12 63.58 -7.96
CA THR D 233 -6.17 62.67 -7.49
C THR D 233 -5.60 61.54 -6.60
N ALA D 234 -5.52 61.83 -5.30
CA ALA D 234 -4.79 60.96 -4.36
C ALA D 234 -5.61 60.48 -3.18
N LEU D 235 -5.37 59.23 -2.78
CA LEU D 235 -6.00 58.65 -1.60
C LEU D 235 -5.32 59.05 -0.31
N ARG D 236 -6.13 59.48 0.66
CA ARG D 236 -5.65 59.73 2.02
C ARG D 236 -6.51 59.01 3.07
N THR D 237 -5.89 58.64 4.19
CA THR D 237 -6.60 58.02 5.31
C THR D 237 -7.22 59.09 6.17
N VAL D 238 -8.31 58.73 6.82
CA VAL D 238 -8.94 59.57 7.86
C VAL D 238 -9.01 58.82 9.17
N ASP D 239 -9.12 59.57 10.27
CA ASP D 239 -9.17 58.98 11.60
C ASP D 239 -10.52 58.30 11.79
N GLU D 240 -10.51 57.24 12.59
CA GLU D 240 -11.72 56.49 12.99
C GLU D 240 -12.66 56.18 11.82
N PRO D 241 -12.22 55.29 10.91
CA PRO D 241 -12.95 55.05 9.66
C PRO D 241 -14.38 54.57 9.88
N ALA D 242 -14.69 54.17 11.12
CA ALA D 242 -16.05 53.81 11.50
C ALA D 242 -16.94 55.05 11.63
N ALA D 243 -16.38 56.10 12.25
CA ALA D 243 -17.13 57.32 12.50
C ALA D 243 -17.33 58.11 11.20
N LEU D 244 -16.35 58.07 10.29
CA LEU D 244 -16.59 58.55 8.93
C LEU D 244 -17.70 57.71 8.33
N ALA D 245 -17.53 56.39 8.41
CA ALA D 245 -18.53 55.47 7.87
C ALA D 245 -19.89 55.92 8.36
N GLY D 246 -19.94 56.34 9.63
CA GLY D 246 -21.13 56.93 10.22
C GLY D 246 -21.60 58.11 9.41
N HIS D 247 -20.83 59.18 9.45
CA HIS D 247 -21.09 60.42 8.71
C HIS D 247 -21.73 60.25 7.31
N LEU D 248 -21.19 59.32 6.50
CA LEU D 248 -21.72 59.04 5.16
C LEU D 248 -23.16 58.51 5.17
N PHE D 249 -23.48 57.69 6.17
CA PHE D 249 -24.82 57.10 6.35
C PHE D 249 -25.89 58.17 6.50
N GLU D 250 -25.63 59.12 7.41
CA GLU D 250 -26.49 60.27 7.61
C GLU D 250 -26.77 60.95 6.28
N GLU D 251 -25.71 61.28 5.56
CA GLU D 251 -25.81 61.88 4.23
C GLU D 251 -26.73 61.08 3.31
N ALA D 252 -26.70 59.75 3.44
CA ALA D 252 -27.50 58.86 2.60
C ALA D 252 -28.95 58.75 3.08
N LEU D 253 -29.13 58.86 4.40
CA LEU D 253 -30.45 58.89 5.01
C LEU D 253 -31.17 60.21 4.73
N GLU D 254 -30.51 61.33 5.03
CA GLU D 254 -31.04 62.67 4.80
C GLU D 254 -31.35 62.90 3.32
N SER D 255 -30.82 62.01 2.47
CA SER D 255 -31.08 62.03 1.04
C SER D 255 -32.27 61.14 0.71
N ASN D 256 -32.49 60.11 1.53
CA ASN D 256 -33.67 59.25 1.39
C ASN D 256 -34.77 59.54 2.41
N GLY D 257 -35.05 60.82 2.60
CA GLY D 257 -36.13 61.29 3.45
C GLY D 257 -35.81 61.29 4.94
N VAL D 258 -35.10 60.25 5.40
CA VAL D 258 -34.87 60.01 6.83
C VAL D 258 -34.06 61.14 7.48
N THR D 259 -34.71 61.91 8.35
CA THR D 259 -34.07 63.01 9.07
C THR D 259 -33.36 62.49 10.32
N VAL D 260 -32.31 63.19 10.74
CA VAL D 260 -31.58 62.90 11.97
C VAL D 260 -31.41 64.21 12.74
N LYS D 261 -31.99 64.28 13.94
CA LYS D 261 -31.94 65.49 14.76
C LYS D 261 -30.97 65.36 15.95
N GLY D 262 -30.29 64.22 16.03
CA GLY D 262 -29.28 63.97 17.05
C GLY D 262 -27.89 63.93 16.45
N ASP D 263 -26.87 63.72 17.29
CA ASP D 263 -25.48 63.72 16.85
C ASP D 263 -25.11 62.38 16.17
N VAL D 264 -23.88 62.31 15.67
CA VAL D 264 -23.33 61.07 15.11
C VAL D 264 -22.00 60.74 15.78
N GLY D 265 -21.94 59.57 16.43
CA GLY D 265 -20.75 59.16 17.17
C GLY D 265 -20.54 57.67 17.16
N LEU D 266 -19.55 57.22 17.94
CA LEU D 266 -19.24 55.81 18.09
C LEU D 266 -20.06 55.24 19.24
N GLY D 267 -20.12 53.91 19.35
CA GLY D 267 -20.82 53.26 20.46
C GLY D 267 -21.56 52.00 20.04
N GLY D 268 -21.31 50.91 20.75
CA GLY D 268 -21.93 49.62 20.43
C GLY D 268 -23.40 49.60 20.82
N VAL D 269 -24.15 48.68 20.22
CA VAL D 269 -25.52 48.40 20.64
C VAL D 269 -25.52 48.18 22.17
N PRO D 270 -26.31 48.98 22.94
CA PRO D 270 -26.25 48.88 24.41
C PRO D 270 -26.61 47.48 24.92
N ALA D 271 -27.17 46.66 24.03
CA ALA D 271 -27.40 45.22 24.21
C ALA D 271 -28.17 44.76 25.47
N ASP D 272 -29.00 45.66 26.00
CA ASP D 272 -30.10 45.25 26.87
C ASP D 272 -31.37 45.19 26.00
N TRP D 273 -31.16 45.00 24.71
CA TRP D 273 -32.22 44.96 23.69
C TRP D 273 -32.46 43.53 23.19
N GLN D 274 -33.47 42.85 23.73
CA GLN D 274 -33.89 41.50 23.28
C GLN D 274 -34.73 41.51 21.99
N ASP D 275 -34.88 42.69 21.40
CA ASP D 275 -35.64 42.89 20.17
C ASP D 275 -34.68 42.96 18.99
N ALA D 276 -34.79 41.98 18.10
CA ALA D 276 -33.98 41.93 16.89
C ALA D 276 -34.65 42.72 15.76
N GLU D 277 -34.69 44.05 15.91
CA GLU D 277 -35.32 44.92 14.91
C GLU D 277 -34.33 45.39 13.84
N VAL D 278 -33.93 44.42 13.00
CA VAL D 278 -32.98 44.62 11.92
C VAL D 278 -33.66 45.32 10.73
N LEU D 279 -33.58 46.65 10.71
CA LEU D 279 -34.20 47.47 9.68
C LEU D 279 -33.64 47.18 8.27
N ALA D 280 -32.33 47.31 8.14
CA ALA D 280 -31.65 47.05 6.87
C ALA D 280 -30.43 46.16 7.10
N ASP D 281 -30.34 45.07 6.36
CA ASP D 281 -29.11 44.27 6.38
C ASP D 281 -28.42 44.27 5.02
N HIS D 282 -27.16 43.83 5.01
CA HIS D 282 -26.33 43.80 3.82
C HIS D 282 -25.35 42.64 3.88
N THR D 283 -25.13 42.03 2.71
CA THR D 283 -24.12 40.98 2.54
C THR D 283 -23.09 41.41 1.49
N SER D 284 -21.84 41.04 1.72
CA SER D 284 -20.76 41.34 0.78
C SER D 284 -20.69 40.25 -0.27
N ALA D 285 -19.59 40.22 -1.01
CA ALA D 285 -19.26 39.09 -1.87
C ALA D 285 -18.89 37.89 -0.99
N GLU D 286 -18.74 36.72 -1.60
CA GLU D 286 -18.16 35.56 -0.91
C GLU D 286 -16.69 35.87 -0.62
N LEU D 287 -15.99 34.96 0.06
CA LEU D 287 -14.56 35.11 0.29
C LEU D 287 -13.76 35.01 -1.01
N SER D 288 -13.99 33.96 -1.78
CA SER D 288 -13.29 33.76 -3.04
C SER D 288 -13.31 35.00 -3.93
N GLU D 289 -14.42 35.75 -3.91
CA GLU D 289 -14.54 36.95 -4.74
C GLU D 289 -13.78 38.17 -4.18
N ILE D 290 -13.60 38.22 -2.86
CA ILE D 290 -12.88 39.30 -2.19
C ILE D 290 -11.37 39.11 -2.25
N LEU D 291 -10.91 37.85 -2.25
CA LEU D 291 -9.48 37.56 -2.31
C LEU D 291 -8.82 38.14 -3.56
N VAL D 292 -9.62 38.32 -4.62
CA VAL D 292 -9.17 39.03 -5.83
C VAL D 292 -8.65 40.46 -5.52
N PRO D 293 -9.55 41.46 -5.29
CA PRO D 293 -9.05 42.83 -5.10
C PRO D 293 -8.05 42.97 -3.92
N PHE D 294 -7.97 41.91 -3.13
CA PHE D 294 -7.13 41.87 -1.95
C PHE D 294 -5.70 41.48 -2.31
N MET D 295 -5.50 40.30 -2.89
CA MET D 295 -4.15 39.84 -3.24
C MET D 295 -3.64 40.49 -4.54
N LYS D 296 -4.57 40.82 -5.43
CA LYS D 296 -4.22 41.45 -6.71
C LYS D 296 -3.65 42.84 -6.55
N PHE D 297 -4.12 43.58 -5.55
CA PHE D 297 -3.62 44.93 -5.31
C PHE D 297 -3.01 45.12 -3.91
N SER D 298 -2.74 44.01 -3.23
CA SER D 298 -2.05 44.00 -1.92
C SER D 298 -2.63 44.93 -0.85
N ASN D 299 -3.94 44.84 -0.64
CA ASN D 299 -4.61 45.60 0.40
C ASN D 299 -4.09 45.18 1.78
N ASN D 300 -3.76 46.14 2.63
CA ASN D 300 -3.34 45.85 3.99
C ASN D 300 -4.55 45.85 4.89
N GLY D 301 -5.37 46.89 4.76
CA GLY D 301 -6.65 46.97 5.46
C GLY D 301 -7.39 45.64 5.42
N HIS D 302 -7.56 45.10 4.22
CA HIS D 302 -8.13 43.76 4.04
C HIS D 302 -7.41 42.74 4.92
N ALA D 303 -6.11 42.56 4.68
CA ALA D 303 -5.33 41.53 5.36
C ALA D 303 -5.51 41.54 6.88
N GLU D 304 -5.43 42.72 7.49
CA GLU D 304 -5.59 42.81 8.93
C GLU D 304 -7.02 42.44 9.32
N MET D 305 -8.01 43.10 8.72
CA MET D 305 -9.43 42.79 8.93
C MET D 305 -9.74 41.29 8.94
N LEU D 306 -9.05 40.55 8.08
CA LEU D 306 -9.19 39.10 8.01
C LEU D 306 -8.59 38.41 9.24
N VAL D 307 -7.47 38.95 9.74
CA VAL D 307 -6.87 38.51 10.99
C VAL D 307 -7.83 38.68 12.17
N LYS D 308 -8.40 39.88 12.30
CA LYS D 308 -9.35 40.17 13.37
C LYS D 308 -10.61 39.31 13.22
N SER D 309 -10.91 38.89 11.99
CA SER D 309 -12.03 37.96 11.74
C SER D 309 -11.65 36.55 12.12
N ILE D 310 -10.45 36.12 11.70
CA ILE D 310 -9.92 34.81 12.08
C ILE D 310 -9.98 34.61 13.59
N GLY D 311 -9.72 35.68 14.34
CA GLY D 311 -9.81 35.64 15.79
C GLY D 311 -11.25 35.38 16.21
N GLN D 312 -12.15 36.24 15.75
CA GLN D 312 -13.57 36.15 16.10
C GLN D 312 -14.19 34.78 15.88
N GLU D 313 -13.61 33.99 14.96
CA GLU D 313 -14.12 32.64 14.70
C GLU D 313 -13.49 31.57 15.60
N THR D 314 -12.22 31.77 15.96
CA THR D 314 -11.48 30.77 16.74
C THR D 314 -11.55 31.00 18.26
N ALA D 315 -11.72 32.25 18.64
CA ALA D 315 -11.67 32.64 20.05
C ALA D 315 -12.72 33.69 20.44
N GLY D 316 -13.55 34.11 19.49
CA GLY D 316 -14.65 35.06 19.73
C GLY D 316 -14.20 36.47 20.10
N ALA D 317 -13.05 36.87 19.55
CA ALA D 317 -12.49 38.20 19.75
C ALA D 317 -11.83 38.74 18.48
N GLY D 318 -12.22 39.95 18.10
CA GLY D 318 -11.59 40.63 16.99
C GLY D 318 -10.34 41.34 17.46
N THR D 319 -9.24 40.59 17.60
CA THR D 319 -7.99 41.15 18.13
C THR D 319 -6.80 40.61 17.36
N TRP D 320 -5.70 41.38 17.34
CA TRP D 320 -4.51 40.92 16.67
C TRP D 320 -3.91 39.64 17.30
N ASP D 321 -4.00 39.51 18.63
CA ASP D 321 -3.52 38.32 19.31
C ASP D 321 -4.26 37.07 18.94
N ALA D 322 -5.58 37.11 19.14
CA ALA D 322 -6.43 35.98 18.82
C ALA D 322 -6.29 35.71 17.34
N GLY D 323 -6.18 36.79 16.56
CA GLY D 323 -5.96 36.70 15.12
C GLY D 323 -4.75 35.85 14.81
N LEU D 324 -3.60 36.25 15.33
CA LEU D 324 -2.32 35.65 14.97
C LEU D 324 -2.16 34.22 15.44
N VAL D 325 -2.54 33.94 16.69
CA VAL D 325 -2.52 32.57 17.21
C VAL D 325 -3.46 31.69 16.40
N GLY D 326 -4.54 32.29 15.88
CA GLY D 326 -5.48 31.60 15.01
C GLY D 326 -4.89 31.30 13.65
N VAL D 327 -4.16 32.27 13.10
CA VAL D 327 -3.52 32.13 11.79
C VAL D 327 -2.45 31.05 11.84
N GLU D 328 -1.54 31.17 12.82
CA GLU D 328 -0.50 30.19 12.99
C GLU D 328 -1.16 28.83 13.21
N GLU D 329 -2.22 28.79 14.03
CA GLU D 329 -2.98 27.56 14.24
C GLU D 329 -3.50 26.98 12.93
N ALA D 330 -4.11 27.84 12.11
CA ALA D 330 -4.64 27.46 10.80
C ALA D 330 -3.58 26.75 9.94
N LEU D 331 -2.37 27.30 9.97
CA LEU D 331 -1.27 26.80 9.16
C LEU D 331 -0.79 25.41 9.58
N SER D 332 -0.62 25.20 10.89
CA SER D 332 -0.26 23.90 11.41
C SER D 332 -1.30 22.85 11.01
N GLY D 333 -2.57 23.23 11.09
CA GLY D 333 -3.70 22.39 10.65
C GLY D 333 -3.56 22.04 9.18
N LEU D 334 -3.53 23.06 8.34
CA LEU D 334 -3.32 22.88 6.91
C LEU D 334 -2.18 21.91 6.57
N GLY D 335 -1.17 21.84 7.44
CA GLY D 335 -0.06 20.90 7.28
C GLY D 335 1.32 21.52 7.14
N VAL D 336 1.42 22.81 7.44
CA VAL D 336 2.68 23.57 7.32
C VAL D 336 3.43 23.68 8.66
N ASP D 337 4.69 23.27 8.66
CA ASP D 337 5.62 23.46 9.78
C ASP D 337 5.84 24.96 10.02
N THR D 338 5.28 25.47 11.11
CA THR D 338 5.30 26.92 11.40
C THR D 338 6.38 27.32 12.42
N ALA D 339 7.38 26.46 12.59
CA ALA D 339 8.48 26.67 13.53
C ALA D 339 9.22 27.98 13.25
N GLY D 340 9.67 28.14 12.01
CA GLY D 340 10.45 29.30 11.61
C GLY D 340 9.65 30.58 11.52
N LEU D 341 8.32 30.49 11.63
CA LEU D 341 7.45 31.67 11.56
C LEU D 341 7.49 32.55 12.81
N VAL D 342 7.33 33.86 12.59
CA VAL D 342 7.05 34.81 13.66
C VAL D 342 6.00 35.79 13.15
N LEU D 343 4.81 35.74 13.75
CA LEU D 343 3.67 36.54 13.30
C LEU D 343 3.44 37.81 14.13
N ASN D 344 3.23 38.93 13.45
CA ASN D 344 2.92 40.14 14.17
C ASN D 344 1.72 40.89 13.57
N ASP D 345 1.57 40.81 12.26
CA ASP D 345 0.36 41.31 11.60
C ASP D 345 0.06 40.47 10.38
N GLY D 346 -1.07 40.73 9.75
CA GLY D 346 -1.53 39.90 8.64
C GLY D 346 -1.19 40.46 7.28
N SER D 347 -0.58 41.64 7.24
CA SER D 347 -0.31 42.31 5.98
C SER D 347 1.17 42.25 5.62
N GLY D 348 2.00 42.25 6.65
CA GLY D 348 3.43 42.28 6.44
C GLY D 348 4.01 43.68 6.53
N LEU D 349 3.16 44.67 6.80
CA LEU D 349 3.65 46.03 6.98
C LEU D 349 4.61 46.09 8.17
N SER D 350 4.25 45.42 9.26
CA SER D 350 5.01 45.38 10.51
C SER D 350 6.44 44.83 10.36
N ARG D 351 7.40 45.56 10.91
CA ARG D 351 8.79 45.08 11.03
C ARG D 351 8.90 43.74 11.78
N GLY D 352 8.01 43.56 12.77
CA GLY D 352 7.98 42.40 13.64
C GLY D 352 7.89 41.05 12.93
N ASN D 353 7.25 41.04 11.77
CA ASN D 353 7.05 39.79 11.02
C ASN D 353 8.36 39.08 10.63
N LEU D 354 8.28 37.76 10.45
CA LEU D 354 9.45 36.91 10.08
C LEU D 354 9.03 35.59 9.46
N VAL D 355 9.50 35.32 8.23
CA VAL D 355 9.30 34.00 7.61
C VAL D 355 10.61 33.47 7.02
N THR D 356 10.63 32.20 6.62
CA THR D 356 11.69 31.68 5.76
C THR D 356 11.12 31.38 4.39
N ALA D 357 11.98 31.21 3.39
CA ALA D 357 11.54 30.84 2.03
C ALA D 357 10.95 29.42 1.98
N ASP D 358 11.54 28.51 2.76
CA ASP D 358 11.04 27.14 2.95
C ASP D 358 9.61 27.14 3.46
N THR D 359 9.36 27.97 4.48
CA THR D 359 8.04 28.10 5.05
C THR D 359 7.03 28.47 3.97
N VAL D 360 7.38 29.42 3.11
CA VAL D 360 6.52 29.84 1.97
C VAL D 360 6.20 28.69 1.00
N VAL D 361 7.24 28.11 0.41
CA VAL D 361 7.10 26.98 -0.52
C VAL D 361 6.33 25.81 0.11
N ASP D 362 6.61 25.53 1.38
CA ASP D 362 5.83 24.57 2.16
C ASP D 362 4.35 24.94 2.06
N LEU D 363 4.02 26.22 2.29
CA LEU D 363 2.64 26.71 2.19
C LEU D 363 2.13 26.53 0.78
N LEU D 364 2.95 26.93 -0.19
CA LEU D 364 2.58 26.85 -1.60
C LEU D 364 2.15 25.44 -2.02
N GLY D 365 2.83 24.43 -1.47
CA GLY D 365 2.49 23.03 -1.73
C GLY D 365 1.21 22.58 -1.07
N GLN D 366 0.97 23.08 0.14
CA GLN D 366 -0.23 22.73 0.92
C GLN D 366 -1.44 23.56 0.48
N ALA D 367 -1.18 24.60 -0.31
CA ALA D 367 -2.23 25.39 -0.94
C ALA D 367 -2.70 24.73 -2.25
N GLY D 368 -1.76 24.05 -2.92
CA GLY D 368 -2.01 23.40 -4.21
C GLY D 368 -3.09 22.35 -4.11
N SER D 369 -3.19 21.71 -2.94
CA SER D 369 -4.16 20.65 -2.71
C SER D 369 -5.50 21.14 -2.10
N ALA D 370 -5.42 21.73 -0.91
CA ALA D 370 -6.61 22.18 -0.17
C ALA D 370 -7.77 22.64 -1.07
N PRO D 371 -9.00 22.12 -0.81
CA PRO D 371 -10.18 22.36 -1.67
C PRO D 371 -10.54 23.83 -1.94
N TRP D 372 -9.55 24.72 -1.84
CA TRP D 372 -9.71 26.12 -2.25
C TRP D 372 -8.57 26.58 -3.17
N ALA D 373 -7.73 25.63 -3.59
CA ALA D 373 -6.61 25.89 -4.49
C ALA D 373 -6.98 26.79 -5.68
N GLN D 374 -8.17 26.58 -6.23
CA GLN D 374 -8.63 27.30 -7.43
C GLN D 374 -9.16 28.72 -7.15
N THR D 375 -9.72 28.92 -5.96
CA THR D 375 -10.22 30.24 -5.53
C THR D 375 -9.08 31.11 -5.01
N TRP D 376 -8.01 30.45 -4.57
CA TRP D 376 -6.77 31.08 -4.13
C TRP D 376 -5.86 31.42 -5.31
N SER D 377 -5.81 30.50 -6.27
CA SER D 377 -5.04 30.65 -7.52
C SER D 377 -5.47 31.91 -8.27
N ALA D 378 -6.75 32.26 -8.13
CA ALA D 378 -7.40 33.36 -8.84
C ALA D 378 -7.13 34.75 -8.25
N SER D 379 -6.50 34.77 -7.06
CA SER D 379 -6.18 36.00 -6.36
C SER D 379 -4.76 36.46 -6.66
N LEU D 380 -3.89 35.50 -6.97
CA LEU D 380 -2.49 35.77 -7.24
C LEU D 380 -2.29 36.48 -8.58
N PRO D 381 -1.62 37.65 -8.56
CA PRO D 381 -1.34 38.45 -9.76
C PRO D 381 -0.64 37.66 -10.88
N VAL D 382 -1.03 37.97 -12.12
CA VAL D 382 -0.42 37.36 -13.29
C VAL D 382 0.49 38.36 -13.98
N ALA D 383 1.74 37.94 -14.18
CA ALA D 383 2.82 38.80 -14.64
C ALA D 383 2.60 39.35 -16.04
N GLY D 384 2.74 40.67 -16.16
CA GLY D 384 2.72 41.37 -17.44
C GLY D 384 1.35 41.68 -18.02
N GLU D 385 0.30 41.25 -17.32
CA GLU D 385 -1.07 41.41 -17.80
C GLU D 385 -1.56 42.84 -17.56
N SER D 386 -2.05 43.47 -18.63
CA SER D 386 -2.47 44.88 -18.60
C SER D 386 -3.59 45.14 -17.61
N ASP D 387 -4.68 44.38 -17.73
CA ASP D 387 -5.86 44.50 -16.89
C ASP D 387 -5.45 44.53 -15.42
N PRO D 388 -5.77 45.64 -14.70
CA PRO D 388 -5.38 45.70 -13.28
C PRO D 388 -5.90 44.50 -12.46
N PHE D 389 -7.13 44.07 -12.72
CA PHE D 389 -7.76 42.98 -11.96
C PHE D 389 -7.24 41.59 -12.33
N VAL D 390 -6.31 41.52 -13.27
CA VAL D 390 -5.64 40.26 -13.61
C VAL D 390 -4.15 40.33 -13.29
N GLY D 391 -3.54 41.49 -13.61
CA GLY D 391 -2.11 41.69 -13.40
C GLY D 391 -1.77 42.25 -12.04
N GLY D 392 -2.59 43.20 -11.58
CA GLY D 392 -2.40 43.85 -10.28
C GLY D 392 -1.01 44.43 -10.11
N THR D 393 -0.25 43.84 -9.19
CA THR D 393 1.10 44.31 -8.88
C THR D 393 2.14 43.77 -9.85
N LEU D 394 1.70 42.86 -10.70
CA LEU D 394 2.58 42.32 -11.72
C LEU D 394 2.18 42.78 -13.12
N ALA D 395 1.17 43.64 -13.17
CA ALA D 395 0.64 44.19 -14.43
C ALA D 395 1.70 44.84 -15.32
N ASN D 396 2.62 45.58 -14.70
CA ASN D 396 3.64 46.35 -15.41
C ASN D 396 5.03 45.74 -15.31
N ARG D 397 5.10 44.48 -14.86
CA ARG D 397 6.37 43.77 -14.69
C ARG D 397 6.42 42.48 -15.51
N MET D 398 7.60 42.17 -16.06
CA MET D 398 7.83 41.02 -16.94
C MET D 398 7.00 41.05 -18.24
N ARG D 399 6.59 42.25 -18.67
CA ARG D 399 5.81 42.41 -19.90
C ARG D 399 6.63 41.96 -21.11
N GLY D 400 6.04 41.14 -21.97
CA GLY D 400 6.73 40.60 -23.15
C GLY D 400 7.88 39.64 -22.88
N THR D 401 7.79 38.88 -21.78
CA THR D 401 8.75 37.80 -21.48
C THR D 401 8.03 36.45 -21.46
N ALA D 402 8.78 35.37 -21.33
CA ALA D 402 8.17 34.04 -21.19
C ALA D 402 7.23 33.95 -19.97
N ALA D 403 7.40 34.89 -19.04
CA ALA D 403 6.61 34.95 -17.80
C ALA D 403 5.28 35.70 -17.92
N GLU D 404 5.05 36.38 -19.04
CA GLU D 404 3.80 37.10 -19.24
C GLU D 404 2.60 36.14 -19.33
N GLY D 405 1.60 36.37 -18.47
CA GLY D 405 0.37 35.57 -18.46
C GLY D 405 0.61 34.14 -18.03
N VAL D 406 1.78 33.91 -17.44
CA VAL D 406 2.18 32.60 -16.94
C VAL D 406 2.31 32.67 -15.42
N VAL D 407 3.31 33.42 -14.95
CA VAL D 407 3.71 33.46 -13.54
C VAL D 407 2.63 34.05 -12.61
N GLU D 408 2.04 33.18 -11.78
CA GLU D 408 1.14 33.64 -10.73
C GLU D 408 1.98 33.88 -9.48
N ALA D 409 2.07 35.14 -9.04
CA ALA D 409 2.92 35.50 -7.92
C ALA D 409 2.40 36.65 -7.08
N LYS D 410 2.80 36.66 -5.81
CA LYS D 410 2.56 37.77 -4.88
C LYS D 410 3.85 38.54 -4.70
N THR D 411 3.76 39.87 -4.81
CA THR D 411 4.91 40.78 -4.64
C THR D 411 5.22 41.03 -3.16
N GLY D 412 5.88 42.16 -2.90
CA GLY D 412 6.18 42.60 -1.54
C GLY D 412 7.42 43.46 -1.53
N THR D 413 7.28 44.70 -1.08
CA THR D 413 8.41 45.61 -1.05
C THR D 413 8.30 46.60 0.09
N MET D 414 9.44 46.89 0.70
CA MET D 414 9.57 47.91 1.73
C MET D 414 11.02 48.34 1.79
N SER D 415 11.34 49.30 2.65
CA SER D 415 12.72 49.73 2.83
C SER D 415 13.62 48.52 3.04
N GLY D 416 14.56 48.32 2.12
CA GLY D 416 15.55 47.25 2.22
C GLY D 416 15.01 45.83 2.28
N VAL D 417 13.74 45.64 1.91
CA VAL D 417 13.12 44.33 1.96
C VAL D 417 12.19 44.15 0.76
N SER D 418 12.30 43.00 0.11
CA SER D 418 11.46 42.68 -1.04
C SER D 418 11.38 41.17 -1.25
N ALA D 419 10.30 40.73 -1.87
CA ALA D 419 10.04 39.32 -2.02
C ALA D 419 8.97 39.08 -3.09
N LEU D 420 9.17 38.02 -3.87
CA LEU D 420 8.22 37.55 -4.86
C LEU D 420 8.14 36.03 -4.79
N SER D 421 6.93 35.51 -4.74
CA SER D 421 6.74 34.07 -4.65
C SER D 421 5.41 33.67 -5.26
N GLY D 422 5.37 32.49 -5.87
CA GLY D 422 4.15 31.98 -6.47
C GLY D 422 4.33 30.73 -7.32
N TYR D 423 3.42 30.54 -8.27
CA TYR D 423 3.42 29.36 -9.12
C TYR D 423 3.81 29.69 -10.57
N VAL D 424 4.45 28.71 -11.23
CA VAL D 424 4.85 28.80 -12.62
C VAL D 424 4.30 27.57 -13.33
N PRO D 425 3.18 27.71 -14.07
CA PRO D 425 2.66 26.58 -14.83
C PRO D 425 3.37 26.42 -16.19
N GLY D 426 2.95 25.46 -16.98
CA GLY D 426 3.55 25.24 -18.29
C GLY D 426 3.47 23.77 -18.64
N PRO D 427 3.54 23.45 -19.97
CA PRO D 427 3.39 22.07 -20.46
C PRO D 427 4.18 21.03 -19.66
N GLU D 428 5.38 21.41 -19.25
CA GLU D 428 6.29 20.53 -18.48
C GLU D 428 5.83 20.31 -17.04
N GLY D 429 4.96 21.19 -16.53
CA GLY D 429 4.38 21.05 -15.19
C GLY D 429 4.39 22.33 -14.36
N GLU D 430 3.53 22.37 -13.34
CA GLU D 430 3.49 23.49 -12.39
C GLU D 430 4.71 23.49 -11.46
N LEU D 431 5.26 24.68 -11.21
CA LEU D 431 6.40 24.86 -10.30
C LEU D 431 6.06 25.88 -9.21
N ALA D 432 6.63 25.69 -8.03
CA ALA D 432 6.47 26.67 -6.95
C ALA D 432 7.82 27.19 -6.46
N PHE D 433 7.88 28.50 -6.28
CA PHE D 433 9.11 29.17 -5.83
C PHE D 433 8.85 30.20 -4.74
N SER D 434 9.91 30.64 -4.09
CA SER D 434 9.85 31.82 -3.20
C SER D 434 11.19 32.53 -3.18
N ILE D 435 11.15 33.81 -3.55
CA ILE D 435 12.31 34.69 -3.54
C ILE D 435 12.08 35.78 -2.49
N VAL D 436 12.89 35.75 -1.43
CA VAL D 436 12.77 36.70 -0.32
C VAL D 436 14.16 37.22 0.02
N ASN D 437 14.41 38.51 -0.25
CA ASN D 437 15.73 39.11 -0.04
C ASN D 437 15.76 40.32 0.87
N ASN D 438 16.59 40.25 1.89
CA ASN D 438 16.71 41.27 2.93
C ASN D 438 18.09 41.93 2.90
N GLY D 439 18.19 43.13 3.46
CA GLY D 439 19.49 43.76 3.74
C GLY D 439 20.18 44.60 2.66
N HIS D 440 19.70 44.52 1.42
CA HIS D 440 20.21 45.35 0.31
C HIS D 440 20.01 46.85 0.59
N SER D 441 20.96 47.68 0.15
CA SER D 441 20.91 49.09 0.51
C SER D 441 20.25 50.00 -0.52
N GLY D 442 20.11 49.52 -1.76
CA GLY D 442 19.55 50.36 -2.82
C GLY D 442 18.06 50.22 -2.94
N PRO D 443 17.53 50.15 -4.19
CA PRO D 443 16.15 49.75 -4.40
C PRO D 443 15.94 48.24 -4.28
N ALA D 444 14.69 47.80 -4.33
CA ALA D 444 14.36 46.39 -4.29
C ALA D 444 14.71 45.76 -5.61
N PRO D 445 15.50 44.68 -5.58
CA PRO D 445 16.07 43.99 -6.75
C PRO D 445 15.03 43.27 -7.61
N LEU D 446 14.07 44.01 -8.14
CA LEU D 446 12.93 43.44 -8.90
C LEU D 446 13.39 42.84 -10.23
N ALA D 447 14.30 43.54 -10.92
CA ALA D 447 15.01 42.97 -12.06
C ALA D 447 15.55 41.55 -11.79
N VAL D 448 16.09 41.35 -10.58
CA VAL D 448 16.61 40.06 -10.15
C VAL D 448 15.44 39.10 -9.91
N GLN D 449 14.43 39.55 -9.17
CA GLN D 449 13.23 38.73 -8.96
C GLN D 449 12.67 38.23 -10.32
N ASP D 450 12.47 39.15 -11.26
CA ASP D 450 11.96 38.87 -12.62
C ASP D 450 12.76 37.86 -13.40
N ALA D 451 14.05 38.15 -13.58
CA ALA D 451 14.93 37.29 -14.36
C ALA D 451 14.90 35.84 -13.87
N ILE D 452 14.87 35.64 -12.55
CA ILE D 452 14.79 34.28 -11.98
C ILE D 452 13.45 33.68 -12.31
N ALA D 453 12.40 34.45 -12.04
CA ALA D 453 11.03 34.09 -12.40
C ALA D 453 10.93 33.71 -13.88
N VAL D 454 11.57 34.50 -14.75
CA VAL D 454 11.55 34.23 -16.18
C VAL D 454 12.28 32.92 -16.52
N ARG D 455 13.47 32.73 -15.94
CA ARG D 455 14.28 31.51 -16.19
C ARG D 455 13.47 30.25 -15.91
N LEU D 456 12.58 30.34 -14.92
CA LEU D 456 11.66 29.27 -14.57
C LEU D 456 10.61 29.05 -15.66
N ALA D 457 10.00 30.14 -16.12
CA ALA D 457 9.07 30.07 -17.24
C ALA D 457 9.74 29.32 -18.40
N GLU D 458 10.96 29.75 -18.72
CA GLU D 458 11.78 29.10 -19.74
C GLU D 458 12.12 27.64 -19.43
N TYR D 459 12.23 27.31 -18.13
CA TYR D 459 12.49 25.93 -17.71
C TYR D 459 11.26 25.03 -17.93
N ALA D 460 10.07 25.55 -17.60
CA ALA D 460 8.82 24.79 -17.67
C ALA D 460 8.06 24.96 -18.99
N GLY D 461 8.82 25.10 -20.07
CA GLY D 461 8.29 24.98 -21.43
C GLY D 461 7.92 26.24 -22.20
N HIS D 462 8.17 27.43 -21.64
CA HIS D 462 7.73 28.66 -22.30
C HIS D 462 8.82 29.31 -23.17
N GLN D 463 8.42 30.39 -23.84
CA GLN D 463 9.25 31.11 -24.79
C GLN D 463 8.86 32.59 -24.85
N ALA D 464 9.86 33.47 -24.83
CA ALA D 464 9.62 34.90 -24.90
C ALA D 464 8.79 35.27 -26.14
N PRO D 465 7.65 35.98 -25.94
CA PRO D 465 6.78 36.37 -27.05
C PRO D 465 7.36 37.51 -27.88
N GLU D 466 7.18 37.42 -29.20
CA GLU D 466 7.70 38.42 -30.14
C GLU D 466 6.54 39.17 -30.81
#